data_4Q41
#
_entry.id   4Q41
#
_cell.length_a   177.448
_cell.length_b   177.448
_cell.length_c   177.448
_cell.angle_alpha   90.00
_cell.angle_beta   90.00
_cell.angle_gamma   90.00
#
_symmetry.space_group_name_H-M   'P 21 3'
#
loop_
_entity.id
_entity.type
_entity.pdbx_description
1 polymer Arginase
2 non-polymer 'MANGANESE (II) ION'
3 non-polymer LYSINE
4 non-polymer GLYCEROL
5 water water
#
_entity_poly.entity_id   1
_entity_poly.type   'polypeptide(L)'
_entity_poly.pdbx_seq_one_letter_code
;MGSSHHHHHHSSGLVPRGSHMMLKSVATPYYPIQDEKPKLLYTSANFLGIPTNRGQPKIGTYQGPELIRKSNFFQLVAED
GIQLTDCGDIIPVELNEAEDPQRFGMKWSRSFSLTTLRIAERVEELMKQSNKHTVELSGSKSTPLVIVGGDHSMATGTIL
GHAEAKPDLCVLWIDAHGDINTPLNSASGNMHGMPLSFLVKELQDQIPWLDDFEGIKPCLNASNIAYIGLRDLDAHETHD
IRKHGIAYFTMLDVDRMGIEAVIKEALLAVNPRLEKAIHLSFDIDALDPLVAPSTGTAVPGGLTLREGLRICEEVSATGK
LSVVELAELNPLLGSQEDVLKTQSSAVHILRACLGHCRSGHLPFKVRNLTDQGIMSRAAHMQTKQ
;
_entity_poly.pdbx_strand_id   A,B,C,D
#
# COMPACT_ATOMS: atom_id res chain seq x y z
N LYS A 39 7.74 -11.74 10.97
CA LYS A 39 9.07 -12.32 10.73
C LYS A 39 9.74 -11.69 9.52
N LEU A 40 8.98 -10.94 8.73
CA LEU A 40 9.54 -10.27 7.54
C LEU A 40 9.34 -8.77 7.61
N LEU A 41 10.46 -8.06 7.51
CA LEU A 41 10.46 -6.61 7.57
C LEU A 41 9.77 -6.03 6.35
N TYR A 42 10.03 -6.65 5.21
CA TYR A 42 9.38 -6.27 3.95
C TYR A 42 8.79 -7.54 3.34
N THR A 43 7.47 -7.57 3.14
CA THR A 43 6.83 -8.77 2.61
C THR A 43 6.57 -8.64 1.12
N SER A 44 6.63 -7.42 0.62
CA SER A 44 6.50 -7.21 -0.81
C SER A 44 7.50 -6.19 -1.33
N ALA A 45 7.79 -6.22 -2.62
CA ALA A 45 8.66 -5.22 -3.21
C ALA A 45 8.39 -5.09 -4.68
N ASN A 46 8.82 -3.96 -5.26
CA ASN A 46 8.76 -3.73 -6.70
C ASN A 46 10.12 -3.78 -7.37
N PHE A 47 10.16 -4.23 -8.62
CA PHE A 47 11.38 -4.34 -9.42
C PHE A 47 11.24 -3.51 -10.68
N LEU A 48 12.20 -2.63 -10.93
CA LEU A 48 12.17 -1.73 -12.09
C LEU A 48 13.51 -1.71 -12.82
N GLY A 49 13.50 -1.86 -14.13
CA GLY A 49 14.72 -1.78 -14.91
C GLY A 49 14.86 -0.40 -15.53
N ILE A 50 16.09 0.11 -15.59
CA ILE A 50 16.36 1.38 -16.26
C ILE A 50 17.64 1.28 -17.10
N PRO A 51 17.49 0.93 -18.39
CA PRO A 51 18.66 0.59 -19.20
C PRO A 51 19.43 1.78 -19.76
N THR A 52 19.70 2.78 -18.93
CA THR A 52 20.53 3.91 -19.35
C THR A 52 21.91 3.51 -19.84
N ASN A 53 22.36 4.19 -20.90
CA ASN A 53 23.63 3.90 -21.53
C ASN A 53 24.20 5.15 -22.18
N ARG A 54 23.51 6.29 -22.05
CA ARG A 54 24.03 7.56 -22.58
C ARG A 54 24.72 8.38 -21.51
N GLY A 55 24.93 7.78 -20.34
CA GLY A 55 25.67 8.47 -19.30
C GLY A 55 27.16 8.24 -19.41
N GLN A 56 27.56 7.31 -20.27
CA GLN A 56 28.97 6.94 -20.41
C GLN A 56 29.18 6.20 -21.73
N PRO A 57 30.42 6.21 -22.24
CA PRO A 57 30.59 5.74 -23.64
C PRO A 57 30.64 4.24 -23.89
N LYS A 58 30.70 3.36 -22.90
CA LYS A 58 30.85 1.94 -23.22
C LYS A 58 29.49 1.28 -23.36
N ILE A 59 29.27 0.65 -24.50
CA ILE A 59 27.99 0.04 -24.79
C ILE A 59 27.82 -1.16 -23.88
N GLY A 60 26.62 -1.35 -23.34
CA GLY A 60 26.35 -2.56 -22.60
C GLY A 60 25.67 -2.35 -21.26
N THR A 61 25.73 -1.15 -20.67
CA THR A 61 24.97 -0.96 -19.42
C THR A 61 23.47 -1.13 -19.66
N TYR A 62 23.00 -1.01 -20.91
CA TYR A 62 21.56 -1.20 -21.17
C TYR A 62 21.13 -2.63 -20.96
N GLN A 63 22.09 -3.56 -20.84
CA GLN A 63 21.76 -4.96 -20.63
C GLN A 63 21.74 -5.31 -19.14
N GLY A 64 22.03 -4.34 -18.30
CA GLY A 64 22.00 -4.54 -16.86
C GLY A 64 20.74 -5.18 -16.31
N PRO A 65 19.56 -4.61 -16.62
CA PRO A 65 18.31 -5.18 -16.08
C PRO A 65 18.08 -6.63 -16.52
N GLU A 66 18.35 -6.92 -17.79
CA GLU A 66 18.24 -8.29 -18.29
C GLU A 66 19.23 -9.24 -17.60
N LEU A 67 20.40 -8.74 -17.22
CA LEU A 67 21.38 -9.62 -16.56
C LEU A 67 20.80 -10.10 -15.23
N ILE A 68 20.04 -9.24 -14.57
CA ILE A 68 19.43 -9.63 -13.30
C ILE A 68 18.12 -10.43 -13.53
N ARG A 69 17.32 -10.05 -14.52
CA ARG A 69 16.14 -10.85 -14.86
C ARG A 69 16.46 -12.29 -15.30
N LYS A 70 17.60 -12.51 -15.96
CA LYS A 70 18.01 -13.87 -16.35
C LYS A 70 18.59 -14.69 -15.21
N SER A 71 18.91 -14.04 -14.09
CA SER A 71 19.52 -14.75 -12.98
C SER A 71 18.41 -15.44 -12.21
N ASN A 72 18.76 -16.04 -11.08
CA ASN A 72 17.75 -16.67 -10.23
C ASN A 72 17.25 -15.74 -9.13
N PHE A 73 17.50 -14.43 -9.27
CA PHE A 73 17.12 -13.45 -8.24
C PHE A 73 15.63 -13.52 -7.86
N PHE A 74 14.74 -13.53 -8.86
CA PHE A 74 13.30 -13.60 -8.56
C PHE A 74 12.95 -14.90 -7.81
N GLN A 75 13.51 -16.02 -8.26
CA GLN A 75 13.24 -17.28 -7.61
C GLN A 75 13.70 -17.26 -6.16
N LEU A 76 14.91 -16.74 -5.92
CA LEU A 76 15.48 -16.70 -4.57
C LEU A 76 14.70 -15.77 -3.63
N VAL A 77 14.22 -14.66 -4.16
CA VAL A 77 13.47 -13.72 -3.33
C VAL A 77 12.10 -14.31 -2.97
N ALA A 78 11.46 -15.00 -3.92
CA ALA A 78 10.23 -15.75 -3.63
C ALA A 78 10.46 -16.81 -2.53
N GLU A 79 11.55 -17.56 -2.61
CA GLU A 79 11.83 -18.57 -1.61
C GLU A 79 11.98 -18.02 -0.19
N ASP A 80 12.39 -16.75 -0.05
CA ASP A 80 12.43 -16.13 1.29
C ASP A 80 11.06 -15.57 1.68
N GLY A 81 10.06 -15.75 0.82
CA GLY A 81 8.69 -15.39 1.15
C GLY A 81 8.33 -13.94 0.84
N ILE A 82 9.09 -13.31 -0.04
CA ILE A 82 8.79 -11.94 -0.42
C ILE A 82 8.05 -11.91 -1.74
N GLN A 83 6.97 -11.13 -1.84
CA GLN A 83 6.28 -11.02 -3.12
C GLN A 83 6.87 -9.90 -3.98
N LEU A 84 7.55 -10.28 -5.05
CA LEU A 84 8.23 -9.31 -5.89
C LEU A 84 7.50 -9.10 -7.22
N THR A 85 7.06 -7.86 -7.45
CA THR A 85 6.36 -7.50 -8.65
C THR A 85 7.25 -6.81 -9.68
N ASP A 86 7.36 -7.40 -10.87
CA ASP A 86 8.14 -6.77 -11.91
C ASP A 86 7.34 -5.63 -12.55
N CYS A 87 7.82 -4.40 -12.40
CA CYS A 87 7.13 -3.24 -12.94
C CYS A 87 7.65 -2.82 -14.31
N GLY A 88 8.34 -3.72 -15.00
CA GLY A 88 8.83 -3.42 -16.35
C GLY A 88 10.11 -2.59 -16.37
N ASP A 89 10.43 -2.01 -17.53
CA ASP A 89 11.61 -1.15 -17.72
C ASP A 89 11.14 0.26 -18.02
N ILE A 90 11.90 1.27 -17.61
CA ILE A 90 11.70 2.62 -18.12
C ILE A 90 12.44 2.73 -19.45
N ILE A 91 11.86 3.39 -20.44
CA ILE A 91 12.52 3.51 -21.74
C ILE A 91 13.28 4.83 -21.78
N PRO A 92 14.62 4.79 -21.83
CA PRO A 92 15.38 6.04 -21.79
C PRO A 92 15.16 6.84 -23.06
N VAL A 93 15.31 8.16 -22.99
CA VAL A 93 15.29 8.95 -24.21
C VAL A 93 16.69 9.03 -24.75
N GLU A 94 16.90 8.43 -25.91
CA GLU A 94 18.19 8.41 -26.54
C GLU A 94 18.11 9.19 -27.85
N LEU A 95 18.49 10.46 -27.79
CA LEU A 95 18.41 11.31 -28.96
C LEU A 95 19.44 10.90 -30.01
N ASN A 96 19.16 11.21 -31.28
CA ASN A 96 20.16 11.05 -32.33
C ASN A 96 21.30 12.03 -32.04
N GLU A 97 22.52 11.70 -32.46
CA GLU A 97 23.67 12.56 -32.25
C GLU A 97 23.47 14.01 -32.72
N ALA A 98 22.73 14.19 -33.82
CA ALA A 98 22.51 15.52 -34.37
C ALA A 98 21.54 16.34 -33.51
N GLU A 99 20.68 15.64 -32.76
CA GLU A 99 19.75 16.31 -31.85
C GLU A 99 20.36 16.73 -30.50
N ASP A 100 21.56 16.25 -30.20
CA ASP A 100 22.10 16.37 -28.84
C ASP A 100 23.58 16.69 -28.86
N PRO A 101 23.94 17.90 -29.32
CA PRO A 101 25.38 18.24 -29.37
C PRO A 101 25.91 18.55 -27.99
N GLN A 102 27.23 18.58 -27.84
CA GLN A 102 27.84 18.96 -26.58
C GLN A 102 27.49 20.37 -26.19
N ARG A 103 27.13 20.53 -24.93
CA ARG A 103 26.86 21.82 -24.34
C ARG A 103 27.62 21.87 -23.03
N PHE A 104 28.50 22.85 -22.90
CA PHE A 104 29.38 23.00 -21.74
C PHE A 104 30.19 21.75 -21.50
N GLY A 105 30.64 21.14 -22.58
CA GLY A 105 31.42 19.92 -22.50
C GLY A 105 30.62 18.67 -22.18
N MET A 106 29.35 18.81 -21.78
CA MET A 106 28.54 17.62 -21.44
C MET A 106 28.18 16.83 -22.69
N LYS A 107 28.28 15.51 -22.60
CA LYS A 107 27.86 14.65 -23.69
C LYS A 107 26.47 14.12 -23.46
N TRP A 108 25.64 14.21 -24.49
CA TRP A 108 24.26 13.71 -24.42
C TRP A 108 23.44 14.35 -23.32
N SER A 109 23.63 15.64 -23.08
CA SER A 109 22.96 16.31 -21.96
C SER A 109 21.45 16.47 -22.13
N ARG A 110 20.97 16.50 -23.37
CA ARG A 110 19.54 16.67 -23.64
C ARG A 110 18.84 15.32 -23.51
N SER A 111 19.49 14.26 -24.00
CA SER A 111 19.06 12.91 -23.67
C SER A 111 18.94 12.75 -22.13
N PHE A 112 19.89 13.33 -21.40
CA PHE A 112 19.93 13.23 -19.94
C PHE A 112 18.75 13.96 -19.27
N SER A 113 18.48 15.19 -19.69
CA SER A 113 17.43 15.97 -19.04
C SER A 113 16.08 15.34 -19.32
N LEU A 114 15.85 14.94 -20.55
CA LEU A 114 14.60 14.31 -20.93
C LEU A 114 14.41 12.94 -20.24
N THR A 115 15.47 12.14 -20.19
CA THR A 115 15.43 10.85 -19.50
C THR A 115 15.17 11.02 -18.00
N THR A 116 15.84 11.99 -17.39
CA THR A 116 15.72 12.28 -15.97
C THR A 116 14.27 12.60 -15.58
N LEU A 117 13.62 13.45 -16.36
CA LEU A 117 12.22 13.80 -16.11
C LEU A 117 11.29 12.60 -16.31
N ARG A 118 11.58 11.77 -17.32
CA ARG A 118 10.77 10.56 -17.53
C ARG A 118 10.97 9.54 -16.38
N ILE A 119 12.20 9.37 -15.92
CA ILE A 119 12.45 8.49 -14.78
C ILE A 119 11.72 8.99 -13.53
N ALA A 120 11.86 10.28 -13.24
CA ALA A 120 11.28 10.85 -12.02
C ALA A 120 9.77 10.64 -11.94
N GLU A 121 9.10 10.74 -13.09
CA GLU A 121 7.65 10.64 -13.11
C GLU A 121 7.22 9.22 -12.74
N ARG A 122 7.87 8.24 -13.37
CA ARG A 122 7.55 6.86 -13.10
C ARG A 122 7.88 6.47 -11.67
N VAL A 123 9.03 6.93 -11.17
CA VAL A 123 9.43 6.59 -9.81
C VAL A 123 8.49 7.23 -8.80
N GLU A 124 8.17 8.50 -9.03
CA GLU A 124 7.20 9.18 -8.16
C GLU A 124 5.89 8.39 -8.11
N GLU A 125 5.42 7.97 -9.28
CA GLU A 125 4.18 7.20 -9.35
C GLU A 125 4.27 5.92 -8.53
N LEU A 126 5.38 5.18 -8.69
CA LEU A 126 5.52 3.93 -7.98
C LEU A 126 5.62 4.15 -6.48
N MET A 127 6.24 5.25 -6.08
CA MET A 127 6.46 5.48 -4.66
C MET A 127 5.16 5.95 -4.00
N LYS A 128 4.35 6.72 -4.73
CA LYS A 128 3.08 7.15 -4.17
C LYS A 128 2.07 6.01 -4.17
N GLN A 129 2.22 5.09 -5.10
CA GLN A 129 1.38 3.93 -5.16
C GLN A 129 1.67 3.00 -3.99
N LYS A 141 4.10 -2.10 7.30
CA LYS A 141 5.49 -1.98 6.88
C LYS A 141 5.61 -1.02 5.70
N SER A 142 6.30 -1.44 4.64
CA SER A 142 6.49 -0.60 3.46
C SER A 142 6.97 -1.45 2.30
N THR A 143 6.93 -0.87 1.10
CA THR A 143 7.21 -1.64 -0.11
C THR A 143 8.41 -1.05 -0.87
N PRO A 144 9.61 -1.62 -0.65
CA PRO A 144 10.82 -1.10 -1.28
C PRO A 144 10.74 -1.20 -2.80
N LEU A 145 11.30 -0.21 -3.47
CA LEU A 145 11.49 -0.27 -4.91
C LEU A 145 12.93 -0.68 -5.23
N VAL A 146 13.10 -1.75 -5.96
CA VAL A 146 14.41 -2.21 -6.40
C VAL A 146 14.62 -1.80 -7.84
N ILE A 147 15.66 -1.02 -8.10
CA ILE A 147 15.97 -0.55 -9.44
C ILE A 147 17.31 -1.08 -9.95
N VAL A 148 17.33 -1.63 -11.16
CA VAL A 148 18.58 -2.10 -11.75
C VAL A 148 18.90 -1.27 -12.99
N GLY A 149 20.10 -0.66 -13.00
CA GLY A 149 20.60 0.09 -14.14
C GLY A 149 21.26 -0.82 -15.14
N GLY A 150 21.80 -0.27 -16.23
CA GLY A 150 21.84 1.18 -16.44
C GLY A 150 23.05 1.85 -15.79
N ASP A 151 23.64 2.84 -16.46
CA ASP A 151 24.74 3.59 -15.88
C ASP A 151 24.17 4.53 -14.83
N HIS A 152 25.04 5.11 -14.02
CA HIS A 152 24.63 5.84 -12.82
C HIS A 152 23.98 7.21 -13.08
N SER A 153 23.94 7.65 -14.34
CA SER A 153 23.28 8.92 -14.64
C SER A 153 21.78 8.86 -14.32
N MET A 154 21.20 7.66 -14.32
CA MET A 154 19.81 7.46 -13.88
C MET A 154 19.46 8.01 -12.50
N ALA A 155 20.46 8.19 -11.64
CA ALA A 155 20.21 8.56 -10.25
C ALA A 155 19.63 9.95 -10.10
N THR A 156 19.94 10.85 -11.03
CA THR A 156 19.32 12.18 -10.92
C THR A 156 17.80 12.03 -11.00
N GLY A 157 17.32 11.20 -11.92
CA GLY A 157 15.89 10.96 -12.05
C GLY A 157 15.27 10.13 -10.93
N THR A 158 15.97 9.09 -10.44
CA THR A 158 15.34 8.21 -9.45
C THR A 158 15.16 8.94 -8.14
N ILE A 159 16.18 9.71 -7.75
CA ILE A 159 16.13 10.49 -6.52
C ILE A 159 15.14 11.65 -6.62
N LEU A 160 15.16 12.34 -7.76
CA LEU A 160 14.19 13.42 -8.01
C LEU A 160 12.77 12.88 -7.84
N GLY A 161 12.48 11.77 -8.50
CA GLY A 161 11.18 11.13 -8.36
C GLY A 161 10.90 10.67 -6.94
N HIS A 162 11.91 10.07 -6.30
CA HIS A 162 11.76 9.55 -4.95
C HIS A 162 11.46 10.69 -3.99
N ALA A 163 12.23 11.77 -4.11
CA ALA A 163 12.09 12.91 -3.23
C ALA A 163 10.72 13.58 -3.39
N GLU A 164 10.14 13.51 -4.58
CA GLU A 164 8.78 14.03 -4.78
C GLU A 164 7.82 13.34 -3.83
N ALA A 165 7.93 12.02 -3.75
CA ALA A 165 7.05 11.28 -2.85
C ALA A 165 7.49 11.38 -1.39
N LYS A 166 8.80 11.50 -1.16
CA LYS A 166 9.31 11.57 0.21
C LYS A 166 10.37 12.61 0.36
N PRO A 167 9.96 13.87 0.54
CA PRO A 167 10.92 14.98 0.46
C PRO A 167 11.97 14.94 1.56
N ASP A 168 11.73 14.21 2.64
CA ASP A 168 12.71 14.22 3.74
C ASP A 168 13.77 13.09 3.70
N LEU A 169 13.85 12.36 2.59
CA LEU A 169 14.69 11.17 2.50
C LEU A 169 16.18 11.46 2.69
N CYS A 170 16.96 10.41 2.95
CA CYS A 170 18.40 10.57 2.93
C CYS A 170 18.94 9.68 1.82
N VAL A 171 20.20 9.93 1.43
CA VAL A 171 20.86 9.18 0.39
C VAL A 171 22.14 8.54 0.93
N LEU A 172 22.29 7.25 0.71
CA LEU A 172 23.55 6.56 1.00
C LEU A 172 24.14 6.18 -0.33
N TRP A 173 25.30 6.75 -0.65
CA TRP A 173 25.87 6.57 -1.98
C TRP A 173 27.09 5.64 -1.89
N ILE A 174 26.95 4.41 -2.39
CA ILE A 174 28.02 3.40 -2.31
C ILE A 174 28.75 3.32 -3.65
N ASP A 175 30.02 3.77 -3.67
CA ASP A 175 30.66 4.05 -4.95
C ASP A 175 32.15 4.27 -4.76
N ALA A 176 32.93 3.85 -5.74
CA ALA A 176 34.35 4.20 -5.79
C ALA A 176 34.51 5.70 -6.08
N HIS A 177 33.48 6.30 -6.65
CA HIS A 177 33.56 7.65 -7.21
C HIS A 177 32.54 8.58 -6.57
N GLY A 178 32.79 9.88 -6.64
CA GLY A 178 31.91 10.84 -6.00
C GLY A 178 30.66 11.12 -6.85
N ASP A 179 30.78 10.98 -8.16
CA ASP A 179 29.67 11.24 -9.09
C ASP A 179 29.02 12.60 -8.88
N ILE A 180 29.84 13.59 -8.54
CA ILE A 180 29.35 14.91 -8.17
C ILE A 180 30.18 16.01 -8.86
N ASN A 181 30.87 15.65 -9.95
CA ASN A 181 31.44 16.68 -10.82
C ASN A 181 30.38 17.66 -11.30
N THR A 182 30.70 18.94 -11.27
CA THR A 182 29.85 19.94 -11.93
C THR A 182 30.33 20.06 -13.36
N PRO A 183 29.42 20.43 -14.29
CA PRO A 183 29.72 20.29 -15.72
C PRO A 183 31.05 20.95 -16.16
N LEU A 184 31.37 22.12 -15.62
CA LEU A 184 32.58 22.81 -16.06
C LEU A 184 33.85 22.19 -15.49
N ASN A 185 33.70 21.28 -14.52
CA ASN A 185 34.86 20.62 -13.94
C ASN A 185 35.10 19.20 -14.45
N SER A 186 34.12 18.64 -15.15
CA SER A 186 34.25 17.27 -15.65
C SER A 186 35.27 17.14 -16.76
N ALA A 187 36.30 16.33 -16.54
CA ALA A 187 37.31 16.08 -17.57
C ALA A 187 36.72 15.31 -18.74
N SER A 188 35.71 14.49 -18.48
CA SER A 188 35.20 13.57 -19.49
C SER A 188 33.96 14.09 -20.19
N GLY A 189 33.12 14.85 -19.48
CA GLY A 189 31.79 15.18 -19.97
C GLY A 189 30.76 14.05 -19.85
N ASN A 190 31.13 12.95 -19.21
CA ASN A 190 30.22 11.80 -19.07
C ASN A 190 29.21 12.04 -17.97
N MET A 191 27.93 11.92 -18.28
CA MET A 191 26.89 12.32 -17.32
C MET A 191 26.82 11.40 -16.08
N HIS A 192 27.29 10.15 -16.20
CA HIS A 192 27.26 9.25 -15.04
C HIS A 192 28.22 9.72 -13.94
N GLY A 193 29.09 10.67 -14.27
CA GLY A 193 30.02 11.28 -13.32
C GLY A 193 29.47 12.55 -12.69
N MET A 194 28.22 12.91 -13.02
CA MET A 194 27.62 14.15 -12.51
C MET A 194 26.23 14.08 -11.84
N PRO A 195 25.66 12.86 -11.62
CA PRO A 195 24.24 12.93 -11.29
C PRO A 195 23.91 13.64 -9.97
N LEU A 196 24.82 13.66 -9.02
CA LEU A 196 24.50 14.33 -7.77
C LEU A 196 24.62 15.86 -7.83
N SER A 197 25.40 16.40 -8.76
CA SER A 197 25.62 17.84 -8.78
C SER A 197 24.34 18.63 -9.14
N PHE A 198 23.45 18.02 -9.92
CA PHE A 198 22.14 18.61 -10.21
C PHE A 198 21.14 18.50 -9.07
N LEU A 199 21.47 17.74 -8.04
CA LEU A 199 20.47 17.49 -7.00
C LEU A 199 20.76 18.28 -5.75
N VAL A 200 22.03 18.60 -5.56
CA VAL A 200 22.47 19.17 -4.30
C VAL A 200 22.31 20.69 -4.28
N LYS A 201 21.49 21.20 -3.37
CA LYS A 201 21.12 22.62 -3.34
C LYS A 201 22.33 23.53 -3.23
N GLU A 202 23.31 23.14 -2.42
CA GLU A 202 24.43 24.02 -2.14
C GLU A 202 25.36 24.16 -3.33
N LEU A 203 25.14 23.37 -4.38
CA LEU A 203 26.01 23.41 -5.56
C LEU A 203 25.47 24.21 -6.76
N GLN A 204 24.29 24.80 -6.64
CA GLN A 204 23.57 25.28 -7.82
C GLN A 204 24.16 26.55 -8.47
N ASP A 205 25.05 27.26 -7.77
CA ASP A 205 25.80 28.33 -8.43
C ASP A 205 26.98 27.76 -9.26
N GLN A 206 27.13 26.45 -9.30
CA GLN A 206 28.18 25.85 -10.15
C GLN A 206 27.60 25.08 -11.34
N ILE A 207 26.27 25.01 -11.40
CA ILE A 207 25.58 24.38 -12.53
C ILE A 207 25.17 25.42 -13.59
N PRO A 208 25.69 25.31 -14.82
CA PRO A 208 25.33 26.26 -15.89
C PRO A 208 23.84 26.20 -16.20
N TRP A 209 23.19 27.35 -16.35
CA TRP A 209 21.79 27.33 -16.69
C TRP A 209 21.58 26.81 -18.12
N LEU A 210 20.60 25.94 -18.26
CA LEU A 210 20.15 25.41 -19.53
C LEU A 210 18.65 25.25 -19.39
N ASP A 211 17.91 25.71 -20.40
CA ASP A 211 16.45 25.77 -20.30
C ASP A 211 15.80 24.40 -20.15
N ASP A 212 16.35 23.37 -20.79
CA ASP A 212 15.74 22.05 -20.66
C ASP A 212 16.03 21.42 -19.30
N PHE A 213 16.89 22.05 -18.48
CA PHE A 213 17.19 21.52 -17.14
C PHE A 213 16.32 22.17 -16.06
N GLU A 214 15.38 23.01 -16.48
CA GLU A 214 14.56 23.76 -15.55
C GLU A 214 13.74 22.86 -14.63
N GLY A 215 13.20 21.78 -15.18
CA GLY A 215 12.37 20.87 -14.41
C GLY A 215 13.17 19.96 -13.48
N ILE A 216 14.49 20.01 -13.58
CA ILE A 216 15.34 19.25 -12.65
C ILE A 216 15.67 20.14 -11.46
N LYS A 217 14.78 20.14 -10.47
CA LYS A 217 14.99 20.99 -9.33
C LYS A 217 15.77 20.23 -8.26
N PRO A 218 16.78 20.89 -7.70
CA PRO A 218 17.65 20.37 -6.63
C PRO A 218 16.81 20.03 -5.39
N CYS A 219 16.81 18.77 -5.00
CA CYS A 219 15.96 18.32 -3.91
C CYS A 219 16.73 17.76 -2.70
N LEU A 220 18.05 17.89 -2.70
CA LEU A 220 18.87 17.34 -1.61
C LEU A 220 19.66 18.42 -0.90
N ASN A 221 19.65 18.42 0.42
CA ASN A 221 20.71 19.15 1.10
C ASN A 221 21.93 18.26 1.26
N ALA A 222 23.09 18.90 1.22
CA ALA A 222 24.37 18.26 1.44
C ALA A 222 24.39 17.46 2.76
N SER A 223 23.60 17.89 3.72
CA SER A 223 23.49 17.18 4.99
C SER A 223 22.72 15.84 4.90
N ASN A 224 22.13 15.54 3.74
CA ASN A 224 21.27 14.36 3.57
C ASN A 224 21.97 13.21 2.84
N ILE A 225 23.23 13.41 2.47
CA ILE A 225 23.97 12.43 1.66
C ILE A 225 25.16 11.89 2.44
N ALA A 226 25.39 10.59 2.39
CA ALA A 226 26.64 10.03 2.90
C ALA A 226 27.21 9.05 1.86
N TYR A 227 28.51 9.10 1.69
CA TYR A 227 29.26 8.22 0.80
C TYR A 227 29.91 7.06 1.55
N ILE A 228 29.94 5.87 0.94
CA ILE A 228 30.83 4.81 1.43
C ILE A 228 31.54 4.17 0.26
N GLY A 229 32.86 4.01 0.40
CA GLY A 229 33.65 3.23 -0.54
C GLY A 229 34.52 4.03 -1.49
N LEU A 230 34.55 5.35 -1.31
CA LEU A 230 35.29 6.23 -2.21
C LEU A 230 36.78 5.93 -2.27
N ARG A 231 37.33 5.91 -3.46
CA ARG A 231 38.78 5.76 -3.60
C ARG A 231 39.30 6.42 -4.88
N ASP A 232 38.44 7.12 -5.63
CA ASP A 232 38.90 7.77 -6.88
C ASP A 232 38.17 9.10 -7.09
N LEU A 233 38.34 10.01 -6.16
CA LEU A 233 37.74 11.33 -6.23
C LEU A 233 38.53 12.28 -7.12
N ASP A 234 37.86 13.08 -7.93
CA ASP A 234 38.55 14.14 -8.64
C ASP A 234 38.76 15.27 -7.63
N ALA A 235 39.82 16.06 -7.79
CA ALA A 235 40.14 17.14 -6.84
C ALA A 235 38.97 18.10 -6.60
N HIS A 236 38.18 18.38 -7.62
CA HIS A 236 37.09 19.34 -7.44
C HIS A 236 35.90 18.74 -6.69
N GLU A 237 35.68 17.45 -6.84
CA GLU A 237 34.71 16.76 -5.99
C GLU A 237 35.14 16.84 -4.51
N THR A 238 36.42 16.61 -4.25
CA THR A 238 36.95 16.65 -2.88
C THR A 238 36.70 18.03 -2.26
N HIS A 239 36.94 19.06 -3.07
CA HIS A 239 36.73 20.44 -2.62
C HIS A 239 35.28 20.67 -2.19
N ASP A 240 34.36 20.32 -3.09
CA ASP A 240 32.93 20.46 -2.83
C ASP A 240 32.41 19.61 -1.67
N ILE A 241 32.86 18.36 -1.60
CA ILE A 241 32.42 17.48 -0.52
C ILE A 241 32.85 18.07 0.83
N ARG A 242 34.08 18.55 0.90
CA ARG A 242 34.57 19.09 2.16
C ARG A 242 33.98 20.47 2.45
N LYS A 243 33.93 21.32 1.43
CA LYS A 243 33.37 22.66 1.59
C LYS A 243 31.96 22.64 2.15
N HIS A 244 31.11 21.79 1.62
CA HIS A 244 29.72 21.76 2.05
C HIS A 244 29.41 20.67 3.07
N GLY A 245 30.45 20.08 3.68
CA GLY A 245 30.28 19.13 4.79
C GLY A 245 29.48 17.85 4.49
N ILE A 246 29.67 17.29 3.30
CA ILE A 246 28.99 16.04 2.99
C ILE A 246 29.72 14.90 3.74
N ALA A 247 28.98 14.11 4.50
CA ALA A 247 29.58 12.98 5.20
C ALA A 247 30.14 11.97 4.18
N TYR A 248 31.39 11.55 4.36
CA TYR A 248 31.96 10.61 3.42
C TYR A 248 32.96 9.68 4.10
N PHE A 249 32.91 8.41 3.71
CA PHE A 249 33.79 7.37 4.24
C PHE A 249 34.46 6.66 3.10
N THR A 250 35.76 6.89 2.96
CA THR A 250 36.54 6.36 1.87
C THR A 250 37.07 4.99 2.22
N MET A 251 37.77 4.35 1.29
CA MET A 251 38.34 3.04 1.59
C MET A 251 39.42 3.15 2.70
N LEU A 252 40.06 4.30 2.80
CA LEU A 252 40.95 4.59 3.92
C LEU A 252 40.21 4.48 5.27
N ASP A 253 39.04 5.12 5.34
CA ASP A 253 38.22 5.03 6.54
C ASP A 253 37.75 3.60 6.82
N VAL A 254 37.36 2.86 5.79
CA VAL A 254 36.99 1.46 5.95
C VAL A 254 38.18 0.65 6.48
N ASP A 255 39.37 0.88 5.92
CA ASP A 255 40.56 0.20 6.42
C ASP A 255 40.85 0.54 7.88
N ARG A 256 40.76 1.82 8.24
CA ARG A 256 41.11 2.20 9.60
C ARG A 256 40.00 1.97 10.63
N MET A 257 38.72 2.15 10.26
CA MET A 257 37.63 1.98 11.22
C MET A 257 36.95 0.62 11.16
N GLY A 258 37.07 -0.11 10.04
CA GLY A 258 36.26 -1.32 9.84
C GLY A 258 34.88 -0.94 9.30
N ILE A 259 34.27 -1.79 8.48
CA ILE A 259 32.99 -1.45 7.84
C ILE A 259 31.84 -1.32 8.84
N GLU A 260 31.89 -2.04 9.98
CA GLU A 260 30.79 -1.97 10.96
C GLU A 260 30.68 -0.54 11.50
N ALA A 261 31.79 0.02 11.94
CA ALA A 261 31.79 1.40 12.42
C ALA A 261 31.51 2.37 11.28
N VAL A 262 31.98 2.09 10.06
CA VAL A 262 31.67 3.00 8.94
C VAL A 262 30.16 3.08 8.65
N ILE A 263 29.51 1.92 8.58
CA ILE A 263 28.07 1.89 8.37
C ILE A 263 27.31 2.62 9.46
N LYS A 264 27.71 2.36 10.69
CA LYS A 264 27.12 3.01 11.86
C LYS A 264 27.25 4.54 11.78
N GLU A 265 28.44 5.03 11.46
CA GLU A 265 28.68 6.47 11.42
C GLU A 265 27.96 7.12 10.26
N ALA A 266 27.83 6.42 9.14
CA ALA A 266 27.13 6.93 7.97
C ALA A 266 25.63 7.10 8.25
N LEU A 267 25.02 6.12 8.93
CA LEU A 267 23.60 6.20 9.28
C LEU A 267 23.35 7.30 10.31
N LEU A 268 24.25 7.41 11.28
CA LEU A 268 24.18 8.47 12.29
C LEU A 268 24.26 9.88 11.67
N ALA A 269 25.11 10.04 10.67
CA ALA A 269 25.30 11.32 10.02
C ALA A 269 24.06 11.79 9.26
N VAL A 270 23.34 10.89 8.58
CA VAL A 270 22.21 11.34 7.77
C VAL A 270 20.85 10.78 8.19
N ASN A 271 20.84 9.82 9.10
CA ASN A 271 19.56 9.28 9.54
C ASN A 271 19.60 8.90 11.02
N PRO A 272 19.93 9.86 11.89
CA PRO A 272 20.38 9.49 13.24
C PRO A 272 19.37 8.71 14.10
N ARG A 273 18.08 8.83 13.82
CA ARG A 273 17.09 8.16 14.65
C ARG A 273 16.20 7.30 13.81
N LEU A 274 16.65 6.95 12.61
CA LEU A 274 15.88 6.15 11.68
C LEU A 274 14.51 6.78 11.35
N GLU A 275 14.47 8.11 11.28
CA GLU A 275 13.24 8.84 10.96
C GLU A 275 13.01 8.97 9.46
N LYS A 276 14.09 8.90 8.67
CA LYS A 276 14.00 9.20 7.24
C LYS A 276 13.95 7.97 6.37
N ALA A 277 13.18 8.05 5.28
CA ALA A 277 13.28 7.06 4.22
C ALA A 277 14.72 7.03 3.67
N ILE A 278 15.22 5.86 3.29
CA ILE A 278 16.56 5.76 2.71
C ILE A 278 16.53 5.43 1.23
N HIS A 279 17.26 6.23 0.46
CA HIS A 279 17.57 5.93 -0.91
C HIS A 279 19.00 5.38 -0.96
N LEU A 280 19.16 4.11 -1.26
CA LEU A 280 20.47 3.48 -1.32
C LEU A 280 20.93 3.39 -2.78
N SER A 281 21.97 4.13 -3.13
CA SER A 281 22.42 4.15 -4.51
C SER A 281 23.75 3.44 -4.60
N PHE A 282 23.74 2.24 -5.16
CA PHE A 282 24.87 1.32 -5.09
C PHE A 282 25.46 1.15 -6.46
N ASP A 283 26.66 1.71 -6.66
CA ASP A 283 27.40 1.49 -7.89
C ASP A 283 28.13 0.16 -7.72
N ILE A 284 27.92 -0.79 -8.63
CA ILE A 284 28.60 -2.07 -8.52
C ILE A 284 30.14 -1.89 -8.45
N ASP A 285 30.67 -0.80 -9.00
CA ASP A 285 32.12 -0.64 -8.96
C ASP A 285 32.65 -0.18 -7.59
N ALA A 286 31.76 0.03 -6.63
CA ALA A 286 32.20 0.19 -5.25
C ALA A 286 32.89 -1.10 -4.78
N LEU A 287 32.46 -2.22 -5.33
CA LEU A 287 33.02 -3.52 -4.99
C LEU A 287 34.37 -3.68 -5.69
N ASP A 288 35.26 -4.42 -5.07
CA ASP A 288 36.52 -4.73 -5.71
C ASP A 288 36.31 -5.39 -7.07
N PRO A 289 37.11 -5.00 -8.05
CA PRO A 289 37.11 -5.63 -9.39
C PRO A 289 37.29 -7.15 -9.36
N LEU A 290 37.92 -7.70 -8.32
CA LEU A 290 38.02 -9.15 -8.23
C LEU A 290 36.63 -9.82 -8.16
N VAL A 291 35.62 -9.13 -7.60
CA VAL A 291 34.29 -9.75 -7.53
C VAL A 291 33.27 -9.06 -8.43
N ALA A 292 33.57 -7.87 -8.92
CA ALA A 292 32.68 -7.24 -9.89
C ALA A 292 33.47 -6.68 -11.04
N PRO A 293 34.07 -7.55 -11.85
CA PRO A 293 34.88 -7.04 -12.95
C PRO A 293 34.10 -6.39 -14.12
N SER A 294 32.84 -6.74 -14.34
CA SER A 294 32.15 -6.28 -15.55
C SER A 294 31.45 -4.98 -15.34
N THR A 295 32.24 -3.92 -15.34
CA THR A 295 31.75 -2.58 -15.07
C THR A 295 32.75 -1.64 -15.75
N GLY A 296 32.31 -0.45 -16.14
CA GLY A 296 33.14 0.41 -16.97
C GLY A 296 34.28 1.17 -16.36
N THR A 297 34.23 1.48 -15.06
CA THR A 297 35.32 2.20 -14.43
C THR A 297 35.74 1.49 -13.11
N ALA A 298 36.34 0.32 -13.28
CA ALA A 298 36.83 -0.49 -12.17
C ALA A 298 37.98 0.20 -11.45
N VAL A 299 37.97 0.18 -10.12
CA VAL A 299 39.09 0.72 -9.37
C VAL A 299 39.54 -0.30 -8.32
N PRO A 300 40.81 -0.71 -8.36
CA PRO A 300 41.34 -1.73 -7.44
C PRO A 300 41.23 -1.29 -6.00
N GLY A 301 41.22 -2.25 -5.08
CA GLY A 301 41.18 -1.94 -3.66
C GLY A 301 39.81 -1.56 -3.18
N GLY A 302 38.77 -2.23 -3.69
CA GLY A 302 37.42 -1.91 -3.34
C GLY A 302 36.85 -2.67 -2.15
N LEU A 303 35.56 -2.53 -1.95
CA LEU A 303 34.85 -3.31 -0.93
C LEU A 303 34.89 -4.79 -1.28
N THR A 304 35.12 -5.64 -0.28
CA THR A 304 34.88 -7.07 -0.50
C THR A 304 33.36 -7.29 -0.66
N LEU A 305 32.97 -8.43 -1.20
CA LEU A 305 31.58 -8.77 -1.29
C LEU A 305 30.96 -8.72 0.11
N ARG A 306 31.67 -9.28 1.09
CA ARG A 306 31.16 -9.33 2.46
C ARG A 306 30.91 -7.93 3.03
N GLU A 307 31.84 -7.01 2.81
CA GLU A 307 31.61 -5.63 3.29
C GLU A 307 30.40 -5.01 2.56
N GLY A 308 30.27 -5.27 1.27
CA GLY A 308 29.10 -4.81 0.54
C GLY A 308 27.83 -5.38 1.13
N LEU A 309 27.85 -6.67 1.51
CA LEU A 309 26.66 -7.29 2.12
C LEU A 309 26.30 -6.70 3.49
N ARG A 310 27.31 -6.41 4.30
CA ARG A 310 27.09 -5.76 5.60
C ARG A 310 26.40 -4.40 5.42
N ILE A 311 26.80 -3.63 4.42
CA ILE A 311 26.15 -2.35 4.17
C ILE A 311 24.66 -2.55 3.87
N CYS A 312 24.36 -3.44 2.94
CA CYS A 312 23.00 -3.73 2.54
C CYS A 312 22.19 -4.36 3.67
N GLU A 313 22.81 -5.26 4.44
CA GLU A 313 22.12 -5.90 5.54
C GLU A 313 21.71 -4.89 6.60
N GLU A 314 22.60 -3.95 6.92
CA GLU A 314 22.30 -3.00 7.96
C GLU A 314 21.27 -1.98 7.49
N VAL A 315 21.41 -1.50 6.25
CA VAL A 315 20.44 -0.59 5.69
C VAL A 315 19.07 -1.27 5.61
N SER A 316 19.01 -2.51 5.17
CA SER A 316 17.74 -3.25 5.12
C SER A 316 17.07 -3.31 6.49
N ALA A 317 17.87 -3.59 7.54
CA ALA A 317 17.30 -3.83 8.86
C ALA A 317 16.85 -2.55 9.56
N THR A 318 17.15 -1.37 9.02
CA THR A 318 16.57 -0.15 9.61
C THR A 318 15.04 -0.13 9.47
N GLY A 319 14.53 -0.85 8.49
CA GLY A 319 13.12 -0.78 8.16
C GLY A 319 12.82 0.40 7.26
N LYS A 320 13.84 1.21 6.95
CA LYS A 320 13.63 2.46 6.23
C LYS A 320 14.10 2.43 4.79
N LEU A 321 14.48 1.25 4.30
CA LEU A 321 14.94 1.15 2.93
C LEU A 321 13.76 1.37 1.99
N SER A 322 13.78 2.47 1.26
CA SER A 322 12.64 2.85 0.44
C SER A 322 12.91 2.61 -1.05
N VAL A 323 14.11 2.97 -1.50
CA VAL A 323 14.57 2.64 -2.84
C VAL A 323 16.01 2.11 -2.78
N VAL A 324 16.30 0.99 -3.43
CA VAL A 324 17.69 0.66 -3.71
C VAL A 324 17.88 0.59 -5.22
N GLU A 325 18.93 1.23 -5.72
CA GLU A 325 19.27 1.12 -7.12
C GLU A 325 20.68 0.58 -7.23
N LEU A 326 20.87 -0.28 -8.22
CA LEU A 326 22.15 -0.92 -8.51
C LEU A 326 22.62 -0.49 -9.88
N ALA A 327 23.69 0.30 -9.94
CA ALA A 327 24.11 0.88 -11.20
C ALA A 327 25.39 0.25 -11.76
N GLU A 328 25.60 0.45 -13.07
CA GLU A 328 26.87 0.24 -13.80
C GLU A 328 27.24 -1.21 -14.10
N LEU A 329 26.30 -2.15 -13.96
CA LEU A 329 26.49 -3.48 -14.52
C LEU A 329 26.67 -3.35 -16.03
N ASN A 330 27.70 -3.98 -16.58
CA ASN A 330 27.86 -4.02 -18.04
C ASN A 330 28.32 -5.40 -18.48
N PRO A 331 27.36 -6.26 -18.83
CA PRO A 331 27.66 -7.64 -19.23
C PRO A 331 28.38 -7.76 -20.58
N LEU A 332 28.65 -6.64 -21.25
CA LEU A 332 29.45 -6.68 -22.48
C LEU A 332 30.93 -6.42 -22.17
N LEU A 333 31.27 -6.29 -20.90
CA LEU A 333 32.66 -6.13 -20.50
C LEU A 333 33.17 -7.43 -19.86
N GLY A 334 34.40 -7.79 -20.19
CA GLY A 334 35.08 -8.94 -19.61
C GLY A 334 34.71 -10.27 -20.22
N SER A 335 35.31 -11.33 -19.68
CA SER A 335 34.97 -12.69 -20.08
C SER A 335 33.58 -13.12 -19.58
N GLN A 336 33.11 -14.26 -20.08
CA GLN A 336 31.90 -14.89 -19.61
C GLN A 336 31.98 -15.15 -18.11
N GLU A 337 33.13 -15.64 -17.65
CA GLU A 337 33.29 -15.86 -16.23
C GLU A 337 33.21 -14.54 -15.44
N ASP A 338 33.83 -13.49 -15.98
CA ASP A 338 33.71 -12.16 -15.38
C ASP A 338 32.26 -11.73 -15.21
N VAL A 339 31.48 -11.91 -16.26
CA VAL A 339 30.08 -11.54 -16.26
C VAL A 339 29.30 -12.32 -15.20
N LEU A 340 29.52 -13.64 -15.15
CA LEU A 340 28.91 -14.48 -14.12
C LEU A 340 29.29 -14.08 -12.69
N LYS A 341 30.55 -13.70 -12.46
CA LYS A 341 30.97 -13.19 -11.14
C LYS A 341 30.24 -11.91 -10.75
N THR A 342 30.10 -11.03 -11.72
CA THR A 342 29.50 -9.73 -11.53
C THR A 342 28.01 -9.90 -11.29
N GLN A 343 27.38 -10.78 -12.07
CA GLN A 343 25.96 -11.09 -11.91
C GLN A 343 25.71 -11.67 -10.52
N SER A 344 26.52 -12.66 -10.16
CA SER A 344 26.44 -13.25 -8.81
C SER A 344 26.60 -12.21 -7.69
N SER A 345 27.64 -11.37 -7.76
CA SER A 345 27.78 -10.34 -6.72
C SER A 345 26.54 -9.44 -6.63
N ALA A 346 26.05 -9.03 -7.78
CA ALA A 346 24.81 -8.23 -7.84
C ALA A 346 23.60 -8.92 -7.19
N VAL A 347 23.39 -10.18 -7.53
CA VAL A 347 22.26 -10.90 -6.98
C VAL A 347 22.37 -11.01 -5.45
N HIS A 348 23.54 -11.38 -4.95
CA HIS A 348 23.72 -11.45 -3.49
C HIS A 348 23.49 -10.09 -2.82
N ILE A 349 23.97 -9.02 -3.44
CA ILE A 349 23.77 -7.67 -2.91
C ILE A 349 22.28 -7.30 -2.83
N LEU A 350 21.55 -7.55 -3.91
CA LEU A 350 20.14 -7.15 -3.98
C LEU A 350 19.32 -8.02 -3.02
N ARG A 351 19.68 -9.29 -2.85
CA ARG A 351 18.96 -10.11 -1.87
C ARG A 351 19.15 -9.61 -0.45
N ALA A 352 20.37 -9.20 -0.10
CA ALA A 352 20.61 -8.64 1.22
C ALA A 352 19.75 -7.37 1.47
N CYS A 353 19.57 -6.54 0.44
CA CYS A 353 18.77 -5.33 0.55
C CYS A 353 17.33 -5.63 0.92
N LEU A 354 16.78 -6.70 0.37
CA LEU A 354 15.39 -7.04 0.64
C LEU A 354 15.24 -7.84 1.93
N GLY A 355 16.34 -8.17 2.57
CA GLY A 355 16.29 -8.79 3.89
C GLY A 355 16.82 -10.21 3.99
N HIS A 356 17.42 -10.75 2.93
CA HIS A 356 18.02 -12.08 3.07
C HIS A 356 19.09 -12.12 4.18
N CYS A 357 19.05 -13.17 4.99
CA CYS A 357 19.93 -13.32 6.15
C CYS A 357 20.88 -14.50 5.93
N ARG A 358 22.18 -14.22 6.00
CA ARG A 358 23.18 -15.25 5.81
C ARG A 358 23.17 -16.27 6.94
N SER A 359 22.60 -15.88 8.07
CA SER A 359 22.48 -16.78 9.20
C SER A 359 21.27 -17.70 9.09
N GLY A 360 20.56 -17.62 7.97
CA GLY A 360 19.49 -18.55 7.66
C GLY A 360 18.09 -18.04 7.93
N HIS A 361 17.10 -18.67 7.29
CA HIS A 361 15.68 -18.35 7.49
C HIS A 361 14.89 -19.58 8.00
N LEU A 362 13.86 -19.33 8.78
CA LEU A 362 12.99 -20.38 9.29
C LEU A 362 11.94 -20.75 8.25
N PRO A 363 11.51 -22.03 8.21
CA PRO A 363 10.49 -22.48 7.26
C PRO A 363 9.14 -21.86 7.56
N PHE A 364 8.32 -21.66 6.53
CA PHE A 364 6.96 -21.19 6.76
C PHE A 364 6.12 -22.28 7.41
N LYS A 365 6.28 -23.52 6.93
CA LYS A 365 5.67 -24.66 7.59
C LYS A 365 6.73 -25.72 7.92
N VAL A 366 6.89 -26.02 9.20
CA VAL A 366 7.82 -27.06 9.64
C VAL A 366 7.29 -28.43 9.24
N ARG A 367 8.13 -29.17 8.53
CA ARG A 367 7.78 -30.49 8.05
C ARG A 367 8.08 -31.52 9.12
N ASN A 368 7.20 -32.51 9.25
CA ASN A 368 7.36 -33.55 10.26
C ASN A 368 7.20 -34.91 9.62
N LEU A 369 8.04 -35.87 10.01
CA LEU A 369 8.05 -37.17 9.37
C LEU A 369 6.79 -37.96 9.70
N THR A 370 6.45 -38.05 10.98
CA THR A 370 5.32 -38.87 11.41
C THR A 370 3.97 -38.34 10.90
N ASP A 371 3.99 -37.13 10.36
CA ASP A 371 2.79 -36.54 9.77
C ASP A 371 2.56 -37.07 8.35
N GLN A 372 3.62 -37.52 7.70
CA GLN A 372 3.50 -38.11 6.38
C GLN A 372 3.27 -39.63 6.48
N GLY A 373 3.05 -40.12 7.70
CA GLY A 373 2.85 -41.54 7.92
C GLY A 373 4.06 -42.39 7.54
N ILE A 374 5.24 -41.94 7.92
CA ILE A 374 6.49 -42.66 7.64
C ILE A 374 7.17 -43.05 8.94
N MET A 375 7.63 -44.29 9.06
CA MET A 375 8.25 -44.67 10.32
C MET A 375 9.68 -44.18 10.40
N SER A 376 9.97 -43.45 11.47
CA SER A 376 11.30 -42.91 11.69
C SER A 376 12.19 -43.96 12.31
N ARG A 377 13.50 -43.72 12.25
CA ARG A 377 14.44 -44.61 12.91
C ARG A 377 14.14 -44.67 14.40
N ALA A 378 13.87 -43.51 14.99
CA ALA A 378 13.54 -43.45 16.42
C ALA A 378 12.33 -44.32 16.73
N ALA A 379 11.29 -44.16 15.90
CA ALA A 379 10.05 -44.91 16.07
C ALA A 379 10.29 -46.41 15.92
N HIS A 380 11.05 -46.79 14.90
CA HIS A 380 11.33 -48.20 14.66
C HIS A 380 12.06 -48.85 15.83
N MET A 381 12.82 -48.07 16.58
CA MET A 381 13.64 -48.65 17.63
C MET A 381 12.82 -49.02 18.87
N GLN A 382 11.52 -49.30 18.67
CA GLN A 382 10.65 -49.80 19.72
C GLN A 382 10.32 -51.28 19.51
N LYS B 39 17.96 22.24 17.95
CA LYS B 39 19.21 21.78 18.54
C LYS B 39 18.97 20.93 19.79
N LEU B 40 17.70 20.78 20.19
CA LEU B 40 17.37 19.96 21.36
C LEU B 40 16.31 18.91 21.04
N LEU B 41 16.60 17.69 21.44
CA LEU B 41 15.70 16.57 21.24
C LEU B 41 14.45 16.69 22.14
N TYR B 42 14.69 17.06 23.39
CA TYR B 42 13.62 17.28 24.37
C TYR B 42 13.71 18.73 24.84
N THR B 43 12.66 19.52 24.62
CA THR B 43 12.69 20.93 25.00
C THR B 43 12.00 21.16 26.34
N SER B 44 11.16 20.21 26.75
CA SER B 44 10.60 20.25 28.09
C SER B 44 10.54 18.85 28.72
N ALA B 45 10.44 18.82 30.04
CA ALA B 45 10.35 17.58 30.77
C ALA B 45 9.53 17.79 32.04
N ASN B 46 9.02 16.70 32.60
CA ASN B 46 8.35 16.70 33.89
C ASN B 46 9.17 15.98 34.94
N PHE B 47 9.04 16.42 36.19
CA PHE B 47 9.76 15.84 37.31
C PHE B 47 8.79 15.40 38.38
N LEU B 48 8.94 14.17 38.85
CA LEU B 48 8.04 13.62 39.86
C LEU B 48 8.83 12.88 40.90
N GLY B 49 8.51 13.13 42.17
CA GLY B 49 9.12 12.39 43.27
C GLY B 49 8.21 11.26 43.74
N ILE B 50 8.80 10.15 44.17
CA ILE B 50 8.05 9.03 44.71
C ILE B 50 8.83 8.43 45.87
N PRO B 51 8.58 8.93 47.09
CA PRO B 51 9.34 8.53 48.27
C PRO B 51 8.94 7.18 48.88
N THR B 52 8.80 6.14 48.05
CA THR B 52 8.60 4.78 48.56
C THR B 52 9.70 4.37 49.54
N ASN B 53 9.29 3.71 50.62
CA ASN B 53 10.24 3.20 51.60
C ASN B 53 9.75 1.90 52.24
N ARG B 54 8.57 1.43 51.83
CA ARG B 54 8.04 0.15 52.32
C ARG B 54 8.44 -1.06 51.46
N GLY B 55 9.28 -0.85 50.46
CA GLY B 55 9.72 -1.94 49.61
C GLY B 55 10.99 -2.60 50.14
N GLN B 56 11.60 -1.98 51.15
CA GLN B 56 12.79 -2.52 51.79
C GLN B 56 12.93 -1.92 53.19
N PRO B 57 13.67 -2.60 54.09
CA PRO B 57 13.67 -2.26 55.52
C PRO B 57 14.48 -1.02 55.95
N LYS B 58 15.42 -0.52 55.15
CA LYS B 58 16.26 0.57 55.65
C LYS B 58 15.57 1.91 55.44
N ILE B 59 15.36 2.64 56.54
CA ILE B 59 14.68 3.92 56.49
C ILE B 59 15.58 4.89 55.70
N GLY B 60 14.99 5.71 54.84
CA GLY B 60 15.77 6.74 54.16
C GLY B 60 15.55 6.97 52.68
N THR B 61 15.06 5.95 51.97
CA THR B 61 14.79 6.13 50.54
C THR B 61 13.68 7.16 50.32
N TYR B 62 12.87 7.43 51.35
CA TYR B 62 11.80 8.44 51.23
C TYR B 62 12.42 9.83 51.04
N GLN B 63 13.69 9.98 51.41
CA GLN B 63 14.39 11.26 51.24
C GLN B 63 15.09 11.41 49.87
N GLY B 64 15.04 10.36 49.04
CA GLY B 64 15.63 10.40 47.71
C GLY B 64 15.22 11.61 46.87
N PRO B 65 13.90 11.84 46.72
CA PRO B 65 13.49 12.99 45.91
C PRO B 65 14.04 14.33 46.40
N GLU B 66 14.07 14.55 47.71
CA GLU B 66 14.60 15.79 48.27
C GLU B 66 16.10 15.93 48.06
N LEU B 67 16.83 14.82 47.99
CA LEU B 67 18.26 14.87 47.72
C LEU B 67 18.50 15.50 46.35
N ILE B 68 17.57 15.27 45.43
CA ILE B 68 17.71 15.81 44.08
C ILE B 68 17.15 17.23 43.97
N ARG B 69 16.07 17.52 44.68
CA ARG B 69 15.55 18.89 44.71
C ARG B 69 16.55 19.85 45.34
N LYS B 70 17.24 19.39 46.39
CA LYS B 70 18.26 20.22 47.03
C LYS B 70 19.52 20.39 46.19
N SER B 71 19.66 19.61 45.12
CA SER B 71 20.86 19.72 44.28
C SER B 71 20.69 20.86 43.29
N ASN B 72 21.71 21.09 42.47
CA ASN B 72 21.61 22.08 41.41
C ASN B 72 21.02 21.49 40.13
N PHE B 73 20.41 20.32 40.22
CA PHE B 73 19.85 19.64 39.04
C PHE B 73 18.91 20.52 38.20
N PHE B 74 17.92 21.14 38.83
CA PHE B 74 16.97 22.00 38.10
C PHE B 74 17.67 23.18 37.40
N GLN B 75 18.57 23.85 38.12
CA GLN B 75 19.31 24.96 37.54
C GLN B 75 20.10 24.51 36.29
N LEU B 76 20.87 23.43 36.44
CA LEU B 76 21.67 22.88 35.33
C LEU B 76 20.83 22.50 34.11
N VAL B 77 19.63 21.99 34.36
CA VAL B 77 18.77 21.58 33.28
C VAL B 77 18.27 22.84 32.57
N ALA B 78 17.90 23.85 33.34
CA ALA B 78 17.46 25.11 32.76
C ALA B 78 18.59 25.73 31.95
N GLU B 79 19.84 25.58 32.40
CA GLU B 79 20.96 26.15 31.66
C GLU B 79 21.19 25.49 30.31
N ASP B 80 20.70 24.26 30.11
CA ASP B 80 20.80 23.61 28.80
C ASP B 80 19.58 23.93 27.94
N GLY B 81 18.67 24.74 28.48
CA GLY B 81 17.58 25.26 27.68
C GLY B 81 16.34 24.41 27.75
N ILE B 82 16.27 23.55 28.75
CA ILE B 82 15.11 22.69 28.89
C ILE B 82 14.20 23.25 29.96
N GLN B 83 12.91 23.27 29.67
CA GLN B 83 11.92 23.68 30.66
C GLN B 83 11.46 22.47 31.47
N LEU B 84 11.87 22.42 32.73
CA LEU B 84 11.55 21.32 33.63
C LEU B 84 10.46 21.73 34.65
N THR B 85 9.35 21.00 34.66
CA THR B 85 8.23 21.28 35.57
C THR B 85 8.16 20.28 36.73
N ASP B 86 8.26 20.78 37.95
CA ASP B 86 8.16 19.92 39.12
C ASP B 86 6.68 19.62 39.37
N CYS B 87 6.29 18.36 39.19
CA CYS B 87 4.90 17.95 39.32
C CYS B 87 4.61 17.42 40.73
N GLY B 88 5.53 17.66 41.66
CA GLY B 88 5.34 17.27 43.06
C GLY B 88 5.81 15.87 43.42
N ASP B 89 5.30 15.36 44.54
CA ASP B 89 5.56 14.02 45.03
C ASP B 89 4.28 13.19 45.03
N ILE B 90 4.40 11.90 44.83
CA ILE B 90 3.29 10.98 45.04
C ILE B 90 3.34 10.53 46.50
N ILE B 91 2.20 10.45 47.16
CA ILE B 91 2.21 10.00 48.55
C ILE B 91 1.97 8.50 48.59
N PRO B 92 2.96 7.75 49.09
CA PRO B 92 2.80 6.29 49.17
C PRO B 92 1.75 5.89 50.22
N VAL B 93 1.03 4.81 49.99
CA VAL B 93 0.19 4.26 51.05
C VAL B 93 1.04 3.46 52.01
N GLU B 94 1.02 3.86 53.28
CA GLU B 94 1.80 3.19 54.31
C GLU B 94 0.90 2.73 55.46
N LEU B 95 0.39 1.50 55.35
CA LEU B 95 -0.51 0.95 56.35
C LEU B 95 0.25 0.49 57.58
N ASN B 96 -0.45 0.27 58.69
CA ASN B 96 0.22 -0.26 59.88
C ASN B 96 0.29 -1.78 59.83
N GLU B 97 1.02 -2.38 60.76
CA GLU B 97 1.28 -3.81 60.72
C GLU B 97 -0.01 -4.63 60.77
N ALA B 98 -0.94 -4.22 61.62
CA ALA B 98 -2.20 -4.94 61.78
C ALA B 98 -2.99 -4.99 60.49
N GLU B 99 -3.01 -3.89 59.74
CA GLU B 99 -3.72 -3.84 58.46
C GLU B 99 -2.99 -4.56 57.30
N ASP B 100 -1.71 -4.84 57.49
CA ASP B 100 -0.85 -5.29 56.38
C ASP B 100 0.07 -6.40 56.85
N PRO B 101 -0.50 -7.57 57.23
CA PRO B 101 0.32 -8.70 57.68
C PRO B 101 1.02 -9.38 56.51
N GLN B 102 2.03 -10.19 56.79
CA GLN B 102 2.72 -10.91 55.73
C GLN B 102 1.77 -11.78 54.98
N ARG B 103 1.86 -11.77 53.67
CA ARG B 103 1.08 -12.68 52.84
C ARG B 103 2.05 -13.26 51.81
N PHE B 104 2.05 -14.59 51.70
CA PHE B 104 3.04 -15.32 50.92
C PHE B 104 4.47 -14.85 51.16
N GLY B 105 4.76 -14.48 52.41
CA GLY B 105 6.09 -14.05 52.77
C GLY B 105 6.39 -12.60 52.43
N MET B 106 5.53 -11.96 51.65
CA MET B 106 5.75 -10.57 51.29
C MET B 106 5.58 -9.66 52.50
N LYS B 107 6.49 -8.71 52.65
CA LYS B 107 6.36 -7.67 53.67
C LYS B 107 5.73 -6.41 53.09
N TRP B 108 4.66 -5.94 53.73
CA TRP B 108 3.93 -4.75 53.32
C TRP B 108 3.29 -4.88 51.94
N SER B 109 2.74 -6.05 51.62
CA SER B 109 2.20 -6.27 50.28
C SER B 109 0.94 -5.46 49.97
N ARG B 110 0.21 -5.03 50.98
CA ARG B 110 -1.00 -4.28 50.66
C ARG B 110 -0.66 -2.80 50.56
N SER B 111 0.30 -2.34 51.36
CA SER B 111 0.84 -0.99 51.16
C SER B 111 1.38 -0.89 49.71
N PHE B 112 2.03 -1.96 49.24
CA PHE B 112 2.58 -2.02 47.88
C PHE B 112 1.50 -1.98 46.82
N SER B 113 0.47 -2.81 46.97
CA SER B 113 -0.59 -2.89 45.95
C SER B 113 -1.37 -1.57 45.84
N LEU B 114 -1.66 -0.97 46.99
CA LEU B 114 -2.32 0.32 47.00
C LEU B 114 -1.39 1.42 46.48
N THR B 115 -0.11 1.36 46.83
CA THR B 115 0.80 2.40 46.36
C THR B 115 1.00 2.26 44.84
N THR B 116 1.04 1.01 44.36
CA THR B 116 1.19 0.72 42.92
C THR B 116 0.08 1.35 42.09
N LEU B 117 -1.16 1.16 42.51
CA LEU B 117 -2.28 1.72 41.75
C LEU B 117 -2.29 3.24 41.86
N ARG B 118 -1.96 3.78 43.03
CA ARG B 118 -1.89 5.23 43.14
C ARG B 118 -0.79 5.79 42.19
N ILE B 119 0.38 5.17 42.19
CA ILE B 119 1.48 5.62 41.30
C ILE B 119 1.05 5.54 39.84
N ALA B 120 0.51 4.39 39.46
CA ALA B 120 0.09 4.16 38.10
C ALA B 120 -0.92 5.19 37.59
N GLU B 121 -1.83 5.61 38.46
CA GLU B 121 -2.86 6.58 38.10
C GLU B 121 -2.21 7.92 37.70
N ARG B 122 -1.35 8.41 38.58
CA ARG B 122 -0.66 9.68 38.39
C ARG B 122 0.26 9.65 37.17
N VAL B 123 1.06 8.59 37.03
CA VAL B 123 1.96 8.48 35.88
C VAL B 123 1.17 8.44 34.59
N GLU B 124 0.12 7.64 34.56
CA GLU B 124 -0.73 7.59 33.37
C GLU B 124 -1.28 8.96 32.97
N GLU B 125 -1.72 9.77 33.92
CA GLU B 125 -2.29 11.05 33.50
C GLU B 125 -1.19 12.00 32.98
N LEU B 126 -0.03 12.01 33.62
CA LEU B 126 1.04 12.86 33.15
C LEU B 126 1.44 12.49 31.74
N MET B 127 1.57 11.19 31.50
CA MET B 127 2.00 10.69 30.20
C MET B 127 0.93 10.89 29.12
N LYS B 128 -0.34 10.92 29.52
CA LYS B 128 -1.41 11.12 28.53
C LYS B 128 -1.58 12.60 28.21
N GLN B 129 -1.34 13.47 29.19
CA GLN B 129 -1.42 14.90 28.95
C GLN B 129 -0.34 15.35 27.95
N SER B 130 0.71 14.55 27.82
CA SER B 130 1.81 14.87 26.93
C SER B 130 1.53 14.44 25.49
N ASN B 131 0.91 13.27 25.32
CA ASN B 131 0.55 12.76 24.01
C ASN B 131 -0.33 13.73 23.22
N LYS B 141 8.17 17.14 19.51
CA LYS B 141 9.09 16.57 20.50
C LYS B 141 8.32 16.09 21.71
N SER B 142 8.56 14.84 22.11
CA SER B 142 7.89 14.28 23.28
C SER B 142 8.40 14.93 24.58
N THR B 143 7.64 14.77 25.65
CA THR B 143 8.01 15.34 26.95
C THR B 143 8.30 14.25 27.97
N PRO B 144 9.59 13.97 28.20
CA PRO B 144 9.98 12.87 29.08
C PRO B 144 9.57 13.13 30.52
N LEU B 145 9.34 12.06 31.26
CA LEU B 145 9.02 12.17 32.67
C LEU B 145 10.19 11.61 33.47
N VAL B 146 10.74 12.43 34.34
CA VAL B 146 11.85 12.08 35.20
C VAL B 146 11.32 11.77 36.59
N ILE B 147 11.51 10.54 37.06
CA ILE B 147 11.02 10.12 38.36
C ILE B 147 12.17 9.84 39.30
N VAL B 148 12.15 10.44 40.49
CA VAL B 148 13.13 10.14 41.51
C VAL B 148 12.49 9.38 42.68
N GLY B 149 13.10 8.25 43.06
CA GLY B 149 12.62 7.47 44.20
C GLY B 149 13.37 7.79 45.46
N GLY B 150 13.11 7.04 46.55
CA GLY B 150 12.17 5.93 46.54
C GLY B 150 12.86 4.60 46.23
N ASP B 151 12.49 3.54 46.94
CA ASP B 151 13.06 2.23 46.66
C ASP B 151 12.41 1.73 45.36
N HIS B 152 12.97 0.68 44.77
CA HIS B 152 12.62 0.27 43.40
C HIS B 152 11.21 -0.36 43.28
N SER B 153 10.54 -0.65 44.40
CA SER B 153 9.17 -1.21 44.32
C SER B 153 8.19 -0.31 43.58
N MET B 154 8.49 0.99 43.55
CA MET B 154 7.71 1.94 42.77
C MET B 154 7.62 1.58 41.28
N ALA B 155 8.57 0.77 40.78
CA ALA B 155 8.61 0.53 39.33
C ALA B 155 7.39 -0.24 38.84
N THR B 156 6.78 -1.07 39.68
CA THR B 156 5.59 -1.80 39.22
C THR B 156 4.50 -0.78 38.82
N GLY B 157 4.35 0.27 39.62
CA GLY B 157 3.36 1.30 39.35
C GLY B 157 3.74 2.25 38.23
N THR B 158 5.01 2.66 38.15
CA THR B 158 5.39 3.63 37.11
C THR B 158 5.27 2.98 35.75
N ILE B 159 5.64 1.71 35.66
CA ILE B 159 5.55 0.99 34.40
C ILE B 159 4.10 0.68 34.03
N LEU B 160 3.31 0.24 35.01
CA LEU B 160 1.87 -0.02 34.79
C LEU B 160 1.23 1.22 34.19
N GLY B 161 1.48 2.36 34.84
CA GLY B 161 0.93 3.62 34.38
C GLY B 161 1.45 4.03 33.01
N HIS B 162 2.76 3.89 32.82
CA HIS B 162 3.40 4.25 31.54
C HIS B 162 2.80 3.42 30.40
N ALA B 163 2.67 2.12 30.63
CA ALA B 163 2.12 1.21 29.61
C ALA B 163 0.67 1.55 29.24
N GLU B 164 -0.09 2.13 30.17
CA GLU B 164 -1.46 2.55 29.84
C GLU B 164 -1.41 3.57 28.74
N ALA B 165 -0.55 4.58 28.91
CA ALA B 165 -0.39 5.62 27.89
C ALA B 165 0.31 5.08 26.66
N LYS B 166 1.27 4.17 26.84
CA LYS B 166 2.07 3.68 25.73
C LYS B 166 2.27 2.17 25.79
N PRO B 167 1.32 1.41 25.25
CA PRO B 167 1.28 -0.03 25.48
C PRO B 167 2.43 -0.79 24.83
N ASP B 168 3.05 -0.22 23.80
CA ASP B 168 4.12 -0.95 23.12
C ASP B 168 5.54 -0.61 23.61
N LEU B 169 5.65 -0.02 24.80
CA LEU B 169 6.94 0.43 25.30
C LEU B 169 7.95 -0.70 25.50
N CYS B 170 9.23 -0.36 25.63
CA CYS B 170 10.21 -1.36 26.04
C CYS B 170 10.83 -0.89 27.35
N VAL B 171 11.47 -1.80 28.07
CA VAL B 171 12.05 -1.46 29.36
C VAL B 171 13.54 -1.77 29.35
N LEU B 172 14.34 -0.81 29.76
CA LEU B 172 15.77 -1.03 29.96
C LEU B 172 16.01 -0.91 31.45
N TRP B 173 16.45 -2.01 32.06
CA TRP B 173 16.54 -2.10 33.49
C TRP B 173 18.02 -2.10 33.89
N ILE B 174 18.47 -1.03 34.51
CA ILE B 174 19.88 -0.88 34.81
C ILE B 174 20.07 -1.11 36.29
N ASP B 175 20.74 -2.20 36.67
CA ASP B 175 20.63 -2.66 38.07
C ASP B 175 21.70 -3.69 38.35
N ALA B 176 22.24 -3.72 39.57
CA ALA B 176 23.07 -4.86 39.99
C ALA B 176 22.21 -6.12 40.14
N HIS B 177 20.90 -5.94 40.30
CA HIS B 177 19.95 -7.01 40.68
C HIS B 177 18.86 -7.21 39.63
N GLY B 178 18.23 -8.39 39.62
CA GLY B 178 17.16 -8.66 38.66
C GLY B 178 15.78 -8.10 39.01
N ASP B 179 15.53 -7.90 40.29
CA ASP B 179 14.25 -7.39 40.79
C ASP B 179 13.06 -8.14 40.19
N ILE B 180 13.25 -9.43 39.95
CA ILE B 180 12.23 -10.22 39.30
C ILE B 180 11.97 -11.50 40.11
N ASN B 181 12.32 -11.48 41.39
CA ASN B 181 11.92 -12.55 42.30
C ASN B 181 10.40 -12.67 42.36
N THR B 182 9.90 -13.90 42.29
CA THR B 182 8.48 -14.14 42.50
C THR B 182 8.26 -14.35 44.02
N PRO B 183 7.05 -14.08 44.52
CA PRO B 183 6.90 -14.01 45.98
C PRO B 183 7.39 -15.23 46.77
N LEU B 184 7.17 -16.44 46.29
CA LEU B 184 7.61 -17.58 47.08
C LEU B 184 9.09 -17.93 46.91
N ASN B 185 9.80 -17.20 46.05
CA ASN B 185 11.23 -17.46 45.92
C ASN B 185 12.06 -16.39 46.61
N SER B 186 11.40 -15.33 47.07
CA SER B 186 12.12 -14.24 47.71
C SER B 186 12.57 -14.66 49.11
N ALA B 187 13.87 -14.64 49.37
CA ALA B 187 14.34 -15.00 50.71
C ALA B 187 14.08 -13.88 51.71
N SER B 188 13.75 -12.69 51.22
CA SER B 188 13.64 -11.55 52.11
C SER B 188 12.19 -11.10 52.34
N GLY B 189 11.33 -11.28 51.34
CA GLY B 189 9.99 -10.70 51.37
C GLY B 189 9.94 -9.22 51.02
N ASN B 190 11.09 -8.61 50.70
CA ASN B 190 11.12 -7.18 50.38
C ASN B 190 10.61 -6.92 48.97
N MET B 191 9.60 -6.07 48.85
CA MET B 191 8.98 -5.81 47.57
C MET B 191 9.91 -5.14 46.52
N HIS B 192 10.92 -4.38 46.95
CA HIS B 192 11.82 -3.75 45.98
C HIS B 192 12.63 -4.81 45.20
N GLY B 193 12.51 -6.09 45.60
CA GLY B 193 13.16 -7.18 44.90
C GLY B 193 12.24 -8.00 43.99
N MET B 194 11.00 -7.52 43.87
CA MET B 194 9.99 -8.21 43.06
C MET B 194 9.24 -7.37 42.00
N PRO B 195 9.64 -6.10 41.75
CA PRO B 195 8.66 -5.34 40.99
C PRO B 195 8.37 -5.80 39.57
N LEU B 196 9.32 -6.44 38.91
CA LEU B 196 9.09 -6.89 37.54
C LEU B 196 8.22 -8.15 37.45
N SER B 197 8.24 -8.98 38.49
CA SER B 197 7.57 -10.28 38.37
C SER B 197 6.07 -10.11 38.21
N PHE B 198 5.53 -9.05 38.80
CA PHE B 198 4.10 -8.77 38.66
C PHE B 198 3.74 -8.26 37.28
N LEU B 199 4.73 -7.85 36.50
CA LEU B 199 4.47 -7.21 35.20
C LEU B 199 4.66 -8.12 34.00
N VAL B 200 5.46 -9.17 34.17
CA VAL B 200 5.88 -9.99 33.06
C VAL B 200 4.89 -11.12 32.81
N LYS B 201 4.19 -11.07 31.67
CA LYS B 201 3.10 -12.01 31.37
C LYS B 201 3.52 -13.47 31.53
N GLU B 202 4.73 -13.80 31.12
CA GLU B 202 5.19 -15.18 31.13
C GLU B 202 5.43 -15.73 32.54
N LEU B 203 5.45 -14.86 33.54
CA LEU B 203 5.73 -15.28 34.90
C LEU B 203 4.47 -15.59 35.72
N GLN B 204 3.30 -15.34 35.16
CA GLN B 204 2.08 -15.27 35.96
C GLN B 204 1.58 -16.62 36.51
N ASP B 205 2.12 -17.74 36.01
CA ASP B 205 1.82 -19.05 36.60
C ASP B 205 2.63 -19.25 37.88
N GLN B 206 3.41 -18.24 38.26
CA GLN B 206 4.32 -18.34 39.39
C GLN B 206 4.06 -17.26 40.41
N ILE B 207 3.05 -16.45 40.13
CA ILE B 207 2.62 -15.38 41.01
C ILE B 207 1.32 -15.79 41.74
N PRO B 208 1.34 -15.78 43.07
CA PRO B 208 0.11 -16.13 43.80
C PRO B 208 -0.98 -15.10 43.54
N TRP B 209 -2.21 -15.57 43.33
CA TRP B 209 -3.34 -14.68 43.20
C TRP B 209 -3.62 -13.93 44.52
N LEU B 210 -3.86 -12.63 44.42
CA LEU B 210 -4.37 -11.83 45.53
C LEU B 210 -5.37 -10.83 44.99
N ASP B 211 -6.49 -10.68 45.69
CA ASP B 211 -7.58 -9.79 45.25
C ASP B 211 -7.12 -8.37 45.01
N ASP B 212 -6.36 -7.84 45.96
CA ASP B 212 -5.96 -6.44 45.89
C ASP B 212 -4.86 -6.20 44.84
N PHE B 213 -4.37 -7.28 44.22
CA PHE B 213 -3.40 -7.20 43.12
C PHE B 213 -4.07 -7.31 41.75
N GLU B 214 -5.40 -7.46 41.73
CA GLU B 214 -6.09 -7.67 40.46
C GLU B 214 -5.89 -6.53 39.44
N GLY B 215 -5.85 -5.30 39.93
CA GLY B 215 -5.67 -4.14 39.07
C GLY B 215 -4.26 -4.02 38.52
N ILE B 216 -3.32 -4.69 39.18
CA ILE B 216 -1.95 -4.72 38.69
C ILE B 216 -1.86 -5.76 37.59
N LYS B 217 -2.22 -5.36 36.37
CA LYS B 217 -2.26 -6.32 35.29
C LYS B 217 -0.89 -6.40 34.63
N PRO B 218 -0.48 -7.62 34.27
CA PRO B 218 0.81 -7.82 33.59
C PRO B 218 0.78 -7.12 32.24
N CYS B 219 1.62 -6.11 32.06
CA CYS B 219 1.64 -5.37 30.80
C CYS B 219 2.92 -5.55 29.98
N LEU B 220 3.84 -6.41 30.42
CA LEU B 220 5.12 -6.62 29.70
C LEU B 220 5.32 -8.04 29.19
N ASN B 221 5.78 -8.15 27.95
CA ASN B 221 6.27 -9.44 27.47
C ASN B 221 7.75 -9.54 27.81
N ALA B 222 8.21 -10.77 28.02
CA ALA B 222 9.61 -10.98 28.37
C ALA B 222 10.51 -10.38 27.30
N SER B 223 10.02 -10.38 26.06
CA SER B 223 10.79 -9.84 24.93
C SER B 223 10.94 -8.32 24.94
N ASN B 224 10.29 -7.61 25.87
CA ASN B 224 10.38 -6.15 25.90
C ASN B 224 11.33 -5.59 26.97
N ILE B 225 12.04 -6.46 27.68
CA ILE B 225 12.93 -6.01 28.77
C ILE B 225 14.35 -6.38 28.45
N ALA B 226 15.29 -5.50 28.75
CA ALA B 226 16.69 -5.87 28.68
C ALA B 226 17.36 -5.32 29.92
N TYR B 227 18.17 -6.15 30.57
CA TYR B 227 18.96 -5.74 31.71
C TYR B 227 20.36 -5.27 31.32
N ILE B 228 20.89 -4.30 32.05
CA ILE B 228 22.30 -3.99 32.00
C ILE B 228 22.85 -3.77 33.42
N GLY B 229 23.94 -4.47 33.78
CA GLY B 229 24.64 -4.14 35.02
C GLY B 229 24.60 -5.24 36.07
N LEU B 230 23.87 -6.32 35.77
CA LEU B 230 23.65 -7.40 36.73
C LEU B 230 24.94 -8.00 37.29
N ARG B 231 24.96 -8.24 38.60
CA ARG B 231 26.09 -8.93 39.19
C ARG B 231 25.70 -9.64 40.48
N ASP B 232 24.41 -9.60 40.84
CA ASP B 232 23.97 -10.25 42.07
C ASP B 232 22.57 -10.88 41.89
N LEU B 233 22.45 -11.84 40.99
CA LEU B 233 21.19 -12.54 40.76
C LEU B 233 20.93 -13.68 41.72
N ASP B 234 19.70 -13.79 42.22
N ASP B 234 19.70 -13.79 42.22
CA ASP B 234 19.33 -15.00 42.93
CA ASP B 234 19.28 -15.02 42.90
C ASP B 234 19.09 -16.10 41.89
C ASP B 234 19.15 -16.12 41.85
N ALA B 235 19.33 -17.36 42.29
CA ALA B 235 19.29 -18.49 41.38
C ALA B 235 17.95 -18.67 40.66
N HIS B 236 16.85 -18.35 41.32
CA HIS B 236 15.53 -18.43 40.66
C HIS B 236 15.28 -17.30 39.69
N GLU B 237 15.91 -16.15 39.91
CA GLU B 237 15.87 -15.08 38.90
C GLU B 237 16.59 -15.51 37.60
N THR B 238 17.79 -16.06 37.78
CA THR B 238 18.58 -16.59 36.67
C THR B 238 17.78 -17.61 35.86
N HIS B 239 17.13 -18.52 36.57
CA HIS B 239 16.34 -19.55 35.92
C HIS B 239 15.23 -18.90 35.08
N ASP B 240 14.53 -17.94 35.66
CA ASP B 240 13.41 -17.32 34.96
C ASP B 240 13.84 -16.47 33.77
N ILE B 241 14.92 -15.72 33.95
CA ILE B 241 15.45 -14.87 32.90
C ILE B 241 15.87 -15.72 31.70
N ARG B 242 16.57 -16.82 31.95
CA ARG B 242 17.01 -17.67 30.87
C ARG B 242 15.85 -18.46 30.27
N LYS B 243 14.93 -18.95 31.11
CA LYS B 243 13.81 -19.75 30.60
C LYS B 243 12.93 -18.95 29.63
N HIS B 244 12.68 -17.70 29.96
CA HIS B 244 11.75 -16.91 29.15
C HIS B 244 12.48 -15.97 28.20
N GLY B 245 13.79 -16.17 28.06
CA GLY B 245 14.61 -15.45 27.10
C GLY B 245 14.65 -13.95 27.26
N ILE B 246 14.69 -13.48 28.50
CA ILE B 246 14.84 -12.06 28.75
C ILE B 246 16.27 -11.64 28.44
N ALA B 247 16.44 -10.62 27.60
CA ALA B 247 17.77 -10.14 27.24
C ALA B 247 18.48 -9.54 28.45
N TYR B 248 19.72 -9.96 28.70
CA TYR B 248 20.41 -9.45 29.85
C TYR B 248 21.91 -9.35 29.63
N PHE B 249 22.50 -8.27 30.12
CA PHE B 249 23.93 -8.03 30.01
C PHE B 249 24.50 -7.78 31.39
N THR B 250 25.24 -8.74 31.90
CA THR B 250 25.79 -8.65 33.25
C THR B 250 27.09 -7.85 33.22
N MET B 251 27.68 -7.60 34.38
CA MET B 251 28.99 -6.95 34.43
C MET B 251 30.05 -7.81 33.73
N LEU B 252 29.85 -9.12 33.70
CA LEU B 252 30.76 -9.99 32.94
C LEU B 252 30.69 -9.65 31.44
N ASP B 253 29.48 -9.51 30.90
CA ASP B 253 29.34 -9.07 29.50
C ASP B 253 29.92 -7.68 29.27
N VAL B 254 29.77 -6.78 30.25
CA VAL B 254 30.29 -5.43 30.09
C VAL B 254 31.83 -5.50 30.01
N ASP B 255 32.42 -6.31 30.89
CA ASP B 255 33.87 -6.55 30.87
C ASP B 255 34.33 -7.12 29.55
N ARG B 256 33.65 -8.14 29.03
CA ARG B 256 34.10 -8.78 27.80
C ARG B 256 33.73 -8.01 26.50
N MET B 257 32.57 -7.37 26.48
CA MET B 257 32.10 -6.71 25.25
C MET B 257 32.42 -5.22 25.21
N GLY B 258 32.53 -4.60 26.37
CA GLY B 258 32.65 -3.14 26.46
C GLY B 258 31.24 -2.56 26.51
N ILE B 259 31.05 -1.45 27.22
CA ILE B 259 29.71 -0.87 27.36
C ILE B 259 29.11 -0.41 26.01
N GLU B 260 29.91 0.04 25.05
CA GLU B 260 29.37 0.50 23.78
C GLU B 260 28.62 -0.65 23.07
N ALA B 261 29.22 -1.84 23.03
CA ALA B 261 28.54 -2.96 22.38
C ALA B 261 27.35 -3.43 23.23
N VAL B 262 27.49 -3.37 24.55
CA VAL B 262 26.38 -3.79 25.40
C VAL B 262 25.12 -2.92 25.17
N ILE B 263 25.31 -1.61 25.12
CA ILE B 263 24.21 -0.69 24.84
C ILE B 263 23.59 -0.97 23.50
N LYS B 264 24.44 -1.16 22.49
CA LYS B 264 23.93 -1.44 21.16
C LYS B 264 23.09 -2.74 21.13
N GLU B 265 23.60 -3.80 21.76
CA GLU B 265 22.89 -5.08 21.70
C GLU B 265 21.58 -5.05 22.51
N ALA B 266 21.57 -4.35 23.63
CA ALA B 266 20.34 -4.18 24.42
C ALA B 266 19.25 -3.43 23.66
N LEU B 267 19.62 -2.32 23.02
CA LEU B 267 18.65 -1.56 22.22
C LEU B 267 18.15 -2.38 21.05
N LEU B 268 19.03 -3.20 20.50
CA LEU B 268 18.68 -4.09 19.39
C LEU B 268 17.69 -5.17 19.80
N ALA B 269 17.90 -5.72 21.01
CA ALA B 269 17.08 -6.78 21.53
C ALA B 269 15.65 -6.31 21.76
N VAL B 270 15.46 -5.11 22.30
CA VAL B 270 14.10 -4.71 22.68
C VAL B 270 13.55 -3.52 21.90
N ASN B 271 14.37 -2.86 21.12
CA ASN B 271 13.88 -1.71 20.35
C ASN B 271 14.64 -1.55 19.02
N PRO B 272 14.62 -2.60 18.16
CA PRO B 272 15.48 -2.76 16.98
C PRO B 272 15.51 -1.56 16.02
N ARG B 273 14.37 -0.93 15.79
CA ARG B 273 14.33 0.18 14.84
C ARG B 273 13.86 1.43 15.53
N LEU B 274 14.05 1.51 16.85
CA LEU B 274 13.70 2.71 17.59
C LEU B 274 12.23 3.11 17.39
N GLU B 275 11.35 2.11 17.27
CA GLU B 275 9.92 2.35 17.07
C GLU B 275 9.18 2.49 18.40
N LYS B 276 9.75 2.00 19.48
CA LYS B 276 9.06 1.94 20.78
C LYS B 276 9.50 3.02 21.76
N ALA B 277 8.55 3.52 22.54
CA ALA B 277 8.88 4.38 23.67
C ALA B 277 9.74 3.62 24.67
N ILE B 278 10.64 4.31 25.35
CA ILE B 278 11.57 3.62 26.22
C ILE B 278 11.32 3.97 27.66
N HIS B 279 11.17 2.96 28.52
CA HIS B 279 11.10 3.16 29.95
C HIS B 279 12.46 2.79 30.53
N LEU B 280 13.24 3.79 30.95
CA LEU B 280 14.57 3.52 31.50
C LEU B 280 14.47 3.48 33.02
N SER B 281 14.67 2.30 33.61
CA SER B 281 14.53 2.18 35.05
C SER B 281 15.91 1.96 35.63
N PHE B 282 16.43 2.97 36.29
CA PHE B 282 17.84 3.01 36.70
C PHE B 282 18.00 2.92 38.22
N ASP B 283 18.49 1.78 38.71
CA ASP B 283 18.77 1.59 40.11
C ASP B 283 20.16 2.18 40.35
N ILE B 284 20.28 3.14 41.27
CA ILE B 284 21.56 3.76 41.53
C ILE B 284 22.63 2.73 41.94
N ASP B 285 22.20 1.57 42.48
CA ASP B 285 23.19 0.56 42.87
C ASP B 285 23.78 -0.19 41.65
N ALA B 286 23.30 0.11 40.44
CA ALA B 286 23.97 -0.40 39.23
C ALA B 286 25.39 0.16 39.17
N LEU B 287 25.55 1.40 39.62
CA LEU B 287 26.89 2.02 39.67
C LEU B 287 27.74 1.44 40.78
N ASP B 288 29.04 1.41 40.57
CA ASP B 288 29.95 1.01 41.61
C ASP B 288 29.79 1.80 42.92
N PRO B 289 29.87 1.10 44.06
CA PRO B 289 29.79 1.72 45.39
C PRO B 289 30.78 2.88 45.59
N LEU B 290 31.88 2.86 44.87
CA LEU B 290 32.82 3.98 44.91
C LEU B 290 32.20 5.29 44.45
N VAL B 291 31.19 5.23 43.58
CA VAL B 291 30.60 6.50 43.14
C VAL B 291 29.16 6.69 43.62
N ALA B 292 28.53 5.62 44.08
CA ALA B 292 27.19 5.72 44.65
C ALA B 292 27.10 4.90 45.94
N PRO B 293 27.83 5.33 46.98
CA PRO B 293 27.83 4.53 48.21
C PRO B 293 26.51 4.55 48.99
N SER B 294 25.70 5.60 48.86
CA SER B 294 24.51 5.77 49.69
C SER B 294 23.27 5.12 49.12
N THR B 295 23.23 3.80 49.25
CA THR B 295 22.15 2.99 48.71
C THR B 295 22.12 1.70 49.55
N GLY B 296 20.94 1.07 49.66
CA GLY B 296 20.77 0.00 50.63
C GLY B 296 21.38 -1.36 50.31
N THR B 297 21.55 -1.68 49.04
CA THR B 297 22.16 -2.97 48.69
C THR B 297 23.29 -2.78 47.67
N ALA B 298 24.37 -2.21 48.16
CA ALA B 298 25.57 -1.95 47.37
C ALA B 298 26.32 -3.22 47.00
N VAL B 299 26.73 -3.35 45.73
CA VAL B 299 27.52 -4.49 45.29
C VAL B 299 28.77 -4.03 44.55
N PRO B 300 29.95 -4.41 45.04
CA PRO B 300 31.22 -4.04 44.41
C PRO B 300 31.32 -4.49 42.94
N GLY B 301 32.15 -3.81 42.17
CA GLY B 301 32.39 -4.20 40.78
C GLY B 301 31.28 -3.77 39.84
N GLY B 302 30.70 -2.59 40.10
CA GLY B 302 29.66 -2.04 39.25
C GLY B 302 30.13 -1.16 38.10
N LEU B 303 29.17 -0.52 37.45
CA LEU B 303 29.40 0.41 36.36
C LEU B 303 30.17 1.62 36.86
N THR B 304 31.14 2.11 36.08
CA THR B 304 31.75 3.39 36.42
C THR B 304 30.71 4.45 36.17
N LEU B 305 30.91 5.66 36.68
CA LEU B 305 30.03 6.77 36.32
C LEU B 305 29.97 6.94 34.78
N ARG B 306 31.14 6.84 34.14
CA ARG B 306 31.24 7.04 32.69
C ARG B 306 30.43 5.99 31.92
N GLU B 307 30.49 4.72 32.34
CA GLU B 307 29.64 3.70 31.72
C GLU B 307 28.16 3.98 31.92
N GLY B 308 27.78 4.37 33.14
CA GLY B 308 26.41 4.81 33.37
C GLY B 308 26.00 6.00 32.49
N LEU B 309 26.89 6.97 32.32
CA LEU B 309 26.61 8.10 31.45
C LEU B 309 26.41 7.69 29.98
N ARG B 310 27.20 6.72 29.52
CA ARG B 310 27.09 6.27 28.13
C ARG B 310 25.72 5.61 27.88
N ILE B 311 25.24 4.86 28.86
CA ILE B 311 23.93 4.23 28.74
C ILE B 311 22.87 5.32 28.56
N CYS B 312 22.91 6.31 29.45
CA CYS B 312 21.92 7.36 29.45
C CYS B 312 22.02 8.26 28.23
N GLU B 313 23.24 8.55 27.79
CA GLU B 313 23.45 9.38 26.62
C GLU B 313 22.88 8.71 25.37
N GLU B 314 23.14 7.41 25.23
CA GLU B 314 22.67 6.67 24.06
C GLU B 314 21.15 6.54 24.06
N VAL B 315 20.58 6.25 25.24
CA VAL B 315 19.13 6.11 25.35
C VAL B 315 18.44 7.44 25.04
N SER B 316 19.00 8.51 25.56
CA SER B 316 18.54 9.85 25.25
C SER B 316 18.52 10.12 23.76
N ALA B 317 19.63 9.82 23.10
CA ALA B 317 19.81 10.18 21.71
C ALA B 317 18.89 9.43 20.75
N THR B 318 18.25 8.35 21.20
CA THR B 318 17.29 7.66 20.34
C THR B 318 16.11 8.58 20.00
N GLY B 319 15.86 9.59 20.83
CA GLY B 319 14.64 10.39 20.72
C GLY B 319 13.40 9.71 21.29
N LYS B 320 13.58 8.52 21.87
CA LYS B 320 12.46 7.72 22.37
C LYS B 320 12.38 7.63 23.89
N LEU B 321 13.16 8.44 24.60
CA LEU B 321 13.15 8.31 26.05
C LEU B 321 11.84 8.90 26.56
N SER B 322 11.02 8.07 27.19
CA SER B 322 9.65 8.46 27.56
C SER B 322 9.54 8.62 29.08
N VAL B 323 10.05 7.65 29.82
CA VAL B 323 10.21 7.78 31.26
C VAL B 323 11.62 7.35 31.68
N VAL B 324 12.27 8.15 32.53
CA VAL B 324 13.43 7.65 33.26
C VAL B 324 13.14 7.74 34.74
N GLU B 325 13.36 6.66 35.48
CA GLU B 325 13.24 6.70 36.92
C GLU B 325 14.57 6.31 37.56
N LEU B 326 14.88 6.96 38.67
CA LEU B 326 16.12 6.70 39.37
C LEU B 326 15.80 6.23 40.79
N ALA B 327 16.14 4.97 41.10
CA ALA B 327 15.72 4.38 42.38
C ALA B 327 16.87 4.11 43.38
N GLU B 328 16.49 3.96 44.65
CA GLU B 328 17.36 3.49 45.75
C GLU B 328 18.39 4.47 46.28
N LEU B 329 18.20 5.76 46.02
CA LEU B 329 18.97 6.76 46.76
C LEU B 329 18.58 6.69 48.23
N ASN B 330 19.55 6.65 49.12
CA ASN B 330 19.24 6.69 50.55
C ASN B 330 20.24 7.58 51.26
N PRO B 331 19.85 8.85 51.44
CA PRO B 331 20.69 9.91 52.05
C PRO B 331 20.97 9.63 53.54
N LEU B 332 20.38 8.58 54.09
CA LEU B 332 20.58 8.27 55.50
C LEU B 332 21.66 7.21 55.66
N LEU B 333 22.18 6.73 54.52
CA LEU B 333 23.26 5.74 54.56
C LEU B 333 24.59 6.41 54.24
N GLY B 334 25.62 6.05 54.99
CA GLY B 334 26.95 6.50 54.71
C GLY B 334 27.27 7.86 55.30
N SER B 335 28.52 8.30 55.10
CA SER B 335 29.00 9.59 55.56
C SER B 335 28.39 10.71 54.74
N GLN B 336 28.63 11.92 55.20
CA GLN B 336 28.20 13.10 54.49
C GLN B 336 28.80 13.18 53.07
N GLU B 337 30.08 12.84 52.95
CA GLU B 337 30.74 12.87 51.64
C GLU B 337 30.18 11.75 50.75
N ASP B 338 29.90 10.59 51.34
CA ASP B 338 29.18 9.51 50.64
C ASP B 338 27.91 10.00 49.98
N VAL B 339 27.11 10.70 50.77
CA VAL B 339 25.84 11.21 50.28
C VAL B 339 26.06 12.20 49.11
N LEU B 340 27.07 13.06 49.23
CA LEU B 340 27.36 14.06 48.19
C LEU B 340 27.81 13.39 46.90
N LYS B 341 28.63 12.35 47.03
CA LYS B 341 29.07 11.55 45.90
C LYS B 341 27.86 10.94 45.19
N THR B 342 26.96 10.35 45.98
CA THR B 342 25.78 9.69 45.44
C THR B 342 24.85 10.70 44.75
N GLN B 343 24.67 11.84 45.41
CA GLN B 343 23.86 12.92 44.85
C GLN B 343 24.41 13.38 43.50
N SER B 344 25.71 13.66 43.49
CA SER B 344 26.43 14.09 42.28
C SER B 344 26.31 13.06 41.14
N SER B 345 26.58 11.79 41.42
CA SER B 345 26.38 10.75 40.42
C SER B 345 24.97 10.76 39.85
N ALA B 346 23.98 10.89 40.73
CA ALA B 346 22.59 10.91 40.32
C ALA B 346 22.27 12.11 39.44
N VAL B 347 22.82 13.26 39.80
CA VAL B 347 22.58 14.47 39.01
C VAL B 347 23.17 14.32 37.59
N HIS B 348 24.40 13.85 37.50
CA HIS B 348 25.03 13.67 36.19
C HIS B 348 24.28 12.63 35.34
N ILE B 349 23.85 11.55 35.96
CA ILE B 349 23.04 10.56 35.26
C ILE B 349 21.75 11.19 34.69
N LEU B 350 21.01 11.88 35.54
CA LEU B 350 19.72 12.43 35.12
C LEU B 350 19.89 13.52 34.04
N ARG B 351 20.94 14.33 34.12
CA ARG B 351 21.16 15.35 33.09
C ARG B 351 21.46 14.73 31.72
N ALA B 352 22.23 13.65 31.72
CA ALA B 352 22.54 12.91 30.50
C ALA B 352 21.27 12.33 29.87
N CYS B 353 20.38 11.81 30.70
CA CYS B 353 19.09 11.30 30.22
C CYS B 353 18.31 12.38 29.49
N LEU B 354 18.42 13.62 29.97
CA LEU B 354 17.67 14.73 29.35
C LEU B 354 18.40 15.35 28.15
N GLY B 355 19.60 14.86 27.83
CA GLY B 355 20.29 15.30 26.62
C GLY B 355 21.56 16.12 26.83
N HIS B 356 22.00 16.24 28.07
CA HIS B 356 23.24 16.97 28.30
C HIS B 356 24.42 16.25 27.66
N CYS B 357 25.24 17.02 26.96
CA CYS B 357 26.35 16.51 26.17
C CYS B 357 27.67 16.90 26.80
N ARG B 358 28.49 15.90 27.11
CA ARG B 358 29.80 16.12 27.71
C ARG B 358 30.73 16.80 26.72
N SER B 359 30.44 16.67 25.43
CA SER B 359 31.24 17.31 24.41
C SER B 359 30.89 18.78 24.19
N GLY B 360 29.99 19.33 25.01
CA GLY B 360 29.65 20.75 24.94
C GLY B 360 28.35 21.08 24.24
N HIS B 361 27.78 22.25 24.56
CA HIS B 361 26.61 22.80 23.87
C HIS B 361 26.93 24.17 23.27
N LEU B 362 26.30 24.51 22.15
CA LEU B 362 26.42 25.84 21.57
C LEU B 362 25.58 26.87 22.33
N PRO B 363 26.02 28.14 22.36
CA PRO B 363 25.21 29.17 23.02
C PRO B 363 23.92 29.46 22.25
N PHE B 364 22.89 29.92 22.94
CA PHE B 364 21.66 30.35 22.28
C PHE B 364 21.93 31.63 21.50
N LYS B 365 22.62 32.58 22.11
CA LYS B 365 23.05 33.79 21.42
C LYS B 365 24.55 34.00 21.56
N VAL B 366 25.24 34.15 20.43
CA VAL B 366 26.67 34.40 20.44
C VAL B 366 26.94 35.86 20.73
N ARG B 367 27.83 36.10 21.69
CA ARG B 367 28.16 37.45 22.12
C ARG B 367 29.29 38.03 21.28
N ASN B 368 29.12 39.28 20.87
CA ASN B 368 30.14 39.98 20.11
C ASN B 368 30.62 41.23 20.85
N LEU B 369 31.93 41.44 20.83
CA LEU B 369 32.55 42.53 21.59
C LEU B 369 32.12 43.92 21.12
N THR B 370 32.15 44.14 19.81
CA THR B 370 31.82 45.45 19.24
C THR B 370 30.39 45.93 19.57
N ASP B 371 29.48 45.00 19.80
CA ASP B 371 28.10 45.33 20.15
C ASP B 371 27.98 46.08 21.46
N GLN B 372 28.96 45.90 22.34
CA GLN B 372 28.96 46.61 23.62
C GLN B 372 29.76 47.91 23.55
N GLY B 373 30.25 48.24 22.36
CA GLY B 373 31.06 49.43 22.18
C GLY B 373 32.43 49.29 22.80
N ILE B 374 32.92 48.06 22.84
CA ILE B 374 34.24 47.75 23.40
C ILE B 374 35.27 47.53 22.29
N MET B 375 36.48 48.05 22.50
CA MET B 375 37.58 47.92 21.56
C MET B 375 38.38 46.63 21.81
N SER B 376 38.52 45.81 20.78
CA SER B 376 39.22 44.52 20.90
C SER B 376 40.72 44.68 20.65
N ARG B 377 41.50 43.68 21.02
CA ARG B 377 42.94 43.74 20.79
C ARG B 377 43.22 43.81 19.30
N ALA B 378 42.54 42.93 18.54
CA ALA B 378 42.70 42.90 17.10
C ALA B 378 42.33 44.26 16.48
N ALA B 379 41.25 44.88 16.97
CA ALA B 379 40.84 46.18 16.43
C ALA B 379 41.88 47.25 16.72
N HIS B 380 42.43 47.22 17.93
CA HIS B 380 43.43 48.19 18.34
C HIS B 380 44.72 48.06 17.52
N MET B 381 45.10 46.82 17.20
CA MET B 381 46.33 46.61 16.42
C MET B 381 46.17 47.11 14.98
N GLN B 382 44.92 47.19 14.50
CA GLN B 382 44.66 47.73 13.16
C GLN B 382 45.08 49.19 13.05
N THR B 383 44.70 49.96 14.06
CA THR B 383 45.08 51.37 14.16
C THR B 383 46.48 51.54 14.76
N LYS C 39 -22.87 2.80 30.25
CA LYS C 39 -23.98 3.70 29.96
C LYS C 39 -23.91 4.28 28.54
N LEU C 40 -22.93 3.84 27.75
CA LEU C 40 -22.77 4.39 26.41
C LEU C 40 -23.56 3.56 25.40
N LEU C 41 -24.33 4.25 24.56
CA LEU C 41 -25.15 3.60 23.54
C LEU C 41 -24.32 2.97 22.44
N TYR C 42 -23.19 3.60 22.13
CA TYR C 42 -22.22 3.06 21.17
C TYR C 42 -20.82 3.07 21.80
N THR C 43 -20.22 1.89 21.92
CA THR C 43 -18.89 1.78 22.54
C THR C 43 -17.79 1.72 21.47
N SER C 44 -18.13 1.24 20.28
CA SER C 44 -17.18 1.25 19.16
C SER C 44 -17.77 1.88 17.88
N ALA C 45 -16.90 2.41 17.03
CA ALA C 45 -17.34 3.04 15.79
C ALA C 45 -16.31 2.90 14.68
N ASN C 46 -16.78 2.91 13.45
CA ASN C 46 -15.91 2.90 12.29
C ASN C 46 -15.88 4.26 11.60
N PHE C 47 -14.76 4.56 10.96
CA PHE C 47 -14.56 5.83 10.26
C PHE C 47 -14.13 5.56 8.83
N LEU C 48 -14.80 6.21 7.88
CA LEU C 48 -14.52 5.98 6.48
C LEU C 48 -14.51 7.30 5.71
N GLY C 49 -13.46 7.53 4.93
CA GLY C 49 -13.40 8.70 4.06
C GLY C 49 -13.79 8.37 2.63
N ILE C 50 -14.57 9.26 2.02
CA ILE C 50 -14.91 9.14 0.61
C ILE C 50 -14.70 10.47 -0.08
N PRO C 51 -13.55 10.63 -0.75
CA PRO C 51 -13.21 11.93 -1.33
C PRO C 51 -13.81 12.18 -2.74
N THR C 52 -15.12 12.05 -2.88
CA THR C 52 -15.79 12.34 -4.14
C THR C 52 -15.69 13.83 -4.52
N ASN C 53 -15.45 14.10 -5.79
CA ASN C 53 -15.31 15.47 -6.27
C ASN C 53 -15.81 15.57 -7.71
N ARG C 54 -16.32 14.45 -8.21
CA ARG C 54 -16.86 14.41 -9.55
C ARG C 54 -18.36 14.63 -9.54
N GLY C 55 -18.91 14.89 -8.35
CA GLY C 55 -20.33 15.16 -8.22
C GLY C 55 -20.71 16.62 -8.46
N GLN C 56 -19.71 17.50 -8.45
CA GLN C 56 -19.91 18.95 -8.59
C GLN C 56 -18.61 19.60 -9.06
N PRO C 57 -18.68 20.77 -9.71
CA PRO C 57 -17.49 21.26 -10.42
C PRO C 57 -16.43 21.95 -9.54
N LYS C 58 -16.77 22.37 -8.32
CA LYS C 58 -15.77 23.06 -7.49
C LYS C 58 -14.78 22.07 -6.88
N ILE C 59 -13.51 22.23 -7.22
CA ILE C 59 -12.47 21.35 -6.69
C ILE C 59 -12.23 21.59 -5.20
N GLY C 60 -12.12 20.52 -4.42
CA GLY C 60 -11.75 20.66 -3.03
C GLY C 60 -12.50 19.78 -2.04
N THR C 61 -13.62 19.21 -2.47
CA THR C 61 -14.38 18.34 -1.58
C THR C 61 -13.67 17.00 -1.40
N TYR C 62 -12.70 16.70 -2.28
CA TYR C 62 -11.86 15.52 -2.08
C TYR C 62 -11.00 15.67 -0.83
N GLN C 63 -10.84 16.92 -0.36
CA GLN C 63 -10.05 17.20 0.83
C GLN C 63 -10.83 17.12 2.13
N GLY C 64 -12.14 16.85 2.03
CA GLY C 64 -13.00 16.72 3.20
C GLY C 64 -12.51 15.73 4.27
N PRO C 65 -12.25 14.46 3.89
CA PRO C 65 -11.83 13.50 4.92
C PRO C 65 -10.59 13.97 5.69
N GLU C 66 -9.58 14.42 4.97
CA GLU C 66 -8.39 15.00 5.61
C GLU C 66 -8.73 16.15 6.57
N LEU C 67 -9.75 16.95 6.25
CA LEU C 67 -10.11 18.08 7.12
C LEU C 67 -10.58 17.61 8.49
N ILE C 68 -11.19 16.43 8.54
CA ILE C 68 -11.64 15.87 9.82
C ILE C 68 -10.51 15.08 10.51
N ARG C 69 -9.73 14.32 9.72
CA ARG C 69 -8.58 13.62 10.27
C ARG C 69 -7.55 14.60 10.90
N LYS C 70 -7.30 15.74 10.26
CA LYS C 70 -6.41 16.79 10.80
C LYS C 70 -6.95 17.44 12.08
N SER C 71 -8.24 17.34 12.33
CA SER C 71 -8.84 17.96 13.51
C SER C 71 -8.60 17.10 14.74
N ASN C 72 -9.15 17.51 15.87
CA ASN C 72 -9.05 16.74 17.10
C ASN C 72 -10.24 15.81 17.31
N PHE C 73 -10.94 15.48 16.22
CA PHE C 73 -12.13 14.64 16.28
C PHE C 73 -11.84 13.25 16.88
N PHE C 74 -10.75 12.62 16.43
CA PHE C 74 -10.40 11.28 16.90
C PHE C 74 -10.07 11.28 18.38
N GLN C 75 -9.37 12.32 18.84
CA GLN C 75 -9.02 12.41 20.24
C GLN C 75 -10.25 12.65 21.13
N LEU C 76 -11.10 13.59 20.72
CA LEU C 76 -12.33 13.88 21.46
C LEU C 76 -13.24 12.65 21.56
N VAL C 77 -13.31 11.86 20.49
CA VAL C 77 -14.13 10.64 20.49
C VAL C 77 -13.54 9.61 21.46
N ALA C 78 -12.22 9.42 21.39
CA ALA C 78 -11.50 8.55 22.31
C ALA C 78 -11.71 8.96 23.76
N GLU C 79 -11.73 10.27 24.01
CA GLU C 79 -11.93 10.78 25.36
C GLU C 79 -13.35 10.54 25.86
N ASP C 80 -14.30 10.42 24.94
CA ASP C 80 -15.67 10.09 25.33
C ASP C 80 -15.82 8.60 25.63
N GLY C 81 -14.75 7.84 25.37
CA GLY C 81 -14.71 6.44 25.71
C GLY C 81 -15.12 5.54 24.57
N ILE C 82 -15.11 6.09 23.36
CA ILE C 82 -15.46 5.32 22.18
C ILE C 82 -14.20 4.88 21.45
N GLN C 83 -14.17 3.61 21.05
CA GLN C 83 -13.08 3.08 20.24
C GLN C 83 -13.37 3.32 18.76
N LEU C 84 -12.63 4.24 18.14
CA LEU C 84 -12.87 4.60 16.75
C LEU C 84 -11.83 3.99 15.84
N THR C 85 -12.28 3.16 14.90
CA THR C 85 -11.37 2.48 13.98
C THR C 85 -11.35 3.13 12.59
N ASP C 86 -10.24 3.76 12.24
CA ASP C 86 -10.10 4.37 10.91
C ASP C 86 -10.03 3.27 9.85
N CYS C 87 -11.01 3.25 8.96
CA CYS C 87 -11.07 2.23 7.91
C CYS C 87 -10.53 2.74 6.58
N GLY C 88 -9.79 3.85 6.62
CA GLY C 88 -9.21 4.42 5.42
C GLY C 88 -10.19 5.14 4.50
N ASP C 89 -9.78 5.30 3.24
CA ASP C 89 -10.61 5.98 2.23
C ASP C 89 -11.00 5.05 1.10
N ILE C 90 -12.15 5.32 0.50
CA ILE C 90 -12.52 4.68 -0.76
C ILE C 90 -11.91 5.49 -1.91
N ILE C 91 -11.40 4.79 -2.92
CA ILE C 91 -10.82 5.47 -4.08
C ILE C 91 -11.86 5.61 -5.15
N PRO C 92 -12.31 6.85 -5.39
CA PRO C 92 -13.34 7.12 -6.40
C PRO C 92 -12.81 6.86 -7.81
N VAL C 93 -13.68 6.37 -8.69
CA VAL C 93 -13.32 6.22 -10.08
C VAL C 93 -13.47 7.57 -10.80
N GLU C 94 -12.36 8.13 -11.26
CA GLU C 94 -12.41 9.39 -11.99
C GLU C 94 -11.87 9.24 -13.42
N LEU C 95 -12.78 9.14 -14.38
CA LEU C 95 -12.44 8.97 -15.79
C LEU C 95 -12.10 10.32 -16.44
N ASN C 96 -11.59 10.31 -17.66
CA ASN C 96 -11.33 11.55 -18.39
C ASN C 96 -12.51 11.91 -19.27
N GLU C 97 -12.50 13.11 -19.85
CA GLU C 97 -13.63 13.59 -20.66
C GLU C 97 -14.04 12.68 -21.81
N ALA C 98 -13.05 12.03 -22.43
CA ALA C 98 -13.30 11.15 -23.57
C ALA C 98 -13.99 9.85 -23.15
N GLU C 99 -13.63 9.35 -21.97
CA GLU C 99 -14.20 8.12 -21.44
C GLU C 99 -15.57 8.37 -20.83
N ASP C 100 -15.79 9.61 -20.38
CA ASP C 100 -16.96 9.98 -19.59
C ASP C 100 -17.62 11.27 -20.10
N PRO C 101 -18.18 11.21 -21.33
CA PRO C 101 -18.84 12.40 -21.90
C PRO C 101 -20.20 12.63 -21.25
N GLN C 102 -20.79 13.81 -21.43
CA GLN C 102 -22.17 14.06 -21.02
C GLN C 102 -23.14 13.01 -21.57
N ARG C 103 -24.00 12.48 -20.71
CA ARG C 103 -25.09 11.61 -21.13
C ARG C 103 -26.39 12.05 -20.46
N PHE C 104 -27.45 12.25 -21.24
CA PHE C 104 -28.73 12.77 -20.74
C PHE C 104 -28.54 13.97 -19.82
N GLY C 105 -27.65 14.87 -20.20
CA GLY C 105 -27.39 16.06 -19.42
C GLY C 105 -26.46 15.90 -18.23
N MET C 106 -26.29 14.66 -17.75
CA MET C 106 -25.45 14.38 -16.59
C MET C 106 -23.97 14.58 -16.88
N LYS C 107 -23.26 15.19 -15.94
CA LYS C 107 -21.81 15.32 -16.02
C LYS C 107 -21.13 14.23 -15.20
N TRP C 108 -20.15 13.56 -15.81
CA TRP C 108 -19.36 12.51 -15.14
C TRP C 108 -20.21 11.34 -14.62
N SER C 109 -21.20 10.93 -15.40
CA SER C 109 -22.11 9.86 -14.98
C SER C 109 -21.49 8.46 -14.93
N ARG C 110 -20.45 8.19 -15.70
CA ARG C 110 -19.85 6.86 -15.66
C ARG C 110 -18.88 6.78 -14.49
N SER C 111 -18.21 7.90 -14.20
CA SER C 111 -17.41 7.99 -12.98
C SER C 111 -18.31 7.74 -11.77
N PHE C 112 -19.48 8.40 -11.76
CA PHE C 112 -20.52 8.18 -10.77
C PHE C 112 -20.91 6.70 -10.62
N SER C 113 -21.40 6.08 -11.69
CA SER C 113 -21.93 4.72 -11.58
C SER C 113 -20.87 3.73 -11.11
N LEU C 114 -19.63 3.92 -11.54
CA LEU C 114 -18.54 3.05 -11.11
C LEU C 114 -18.20 3.34 -9.64
N THR C 115 -18.12 4.61 -9.29
CA THR C 115 -17.81 5.01 -7.93
C THR C 115 -18.93 4.57 -6.97
N THR C 116 -20.17 4.68 -7.41
CA THR C 116 -21.30 4.23 -6.61
C THR C 116 -21.13 2.77 -6.21
N LEU C 117 -20.90 1.88 -7.19
CA LEU C 117 -20.82 0.44 -6.91
C LEU C 117 -19.64 0.13 -6.00
N ARG C 118 -18.53 0.82 -6.20
CA ARG C 118 -17.34 0.64 -5.37
C ARG C 118 -17.60 1.04 -3.92
N ILE C 119 -18.26 2.19 -3.73
CA ILE C 119 -18.65 2.63 -2.40
C ILE C 119 -19.57 1.61 -1.75
N ALA C 120 -20.57 1.17 -2.50
CA ALA C 120 -21.58 0.26 -1.96
C ALA C 120 -20.93 -1.05 -1.48
N GLU C 121 -20.02 -1.58 -2.28
CA GLU C 121 -19.30 -2.80 -1.93
C GLU C 121 -18.58 -2.69 -0.57
N ARG C 122 -17.83 -1.60 -0.40
CA ARG C 122 -17.08 -1.38 0.84
C ARG C 122 -17.98 -1.12 2.03
N VAL C 123 -19.06 -0.36 1.81
CA VAL C 123 -19.99 -0.03 2.90
C VAL C 123 -20.71 -1.29 3.34
N GLU C 124 -21.13 -2.11 2.39
CA GLU C 124 -21.77 -3.39 2.71
C GLU C 124 -20.89 -4.27 3.59
N GLU C 125 -19.62 -4.35 3.22
CA GLU C 125 -18.64 -5.16 3.94
C GLU C 125 -18.49 -4.73 5.41
N LEU C 126 -18.36 -3.42 5.63
CA LEU C 126 -18.15 -2.87 6.96
C LEU C 126 -19.35 -3.06 7.88
N MET C 127 -20.55 -2.96 7.33
CA MET C 127 -21.77 -3.07 8.13
C MET C 127 -22.00 -4.52 8.58
N LYS C 128 -21.65 -5.48 7.72
CA LYS C 128 -21.89 -6.88 8.02
C LYS C 128 -20.84 -7.52 8.94
N GLN C 129 -19.76 -6.80 9.23
CA GLN C 129 -18.72 -7.30 10.12
C GLN C 129 -18.89 -6.76 11.54
N SER C 142 -24.45 -2.28 18.64
CA SER C 142 -24.20 -1.96 17.24
C SER C 142 -23.08 -0.94 17.06
N THR C 143 -22.29 -1.11 16.00
CA THR C 143 -21.18 -0.23 15.64
C THR C 143 -21.54 0.74 14.50
N PRO C 144 -21.76 2.02 14.82
CA PRO C 144 -22.13 3.00 13.80
C PRO C 144 -20.99 3.26 12.82
N LEU C 145 -21.34 3.47 11.55
CA LEU C 145 -20.35 3.89 10.56
C LEU C 145 -20.40 5.41 10.36
N VAL C 146 -19.26 6.06 10.59
CA VAL C 146 -19.11 7.49 10.36
C VAL C 146 -18.39 7.75 9.04
N ILE C 147 -19.09 8.33 8.06
CA ILE C 147 -18.52 8.60 6.74
C ILE C 147 -18.37 10.09 6.48
N VAL C 148 -17.15 10.51 6.11
CA VAL C 148 -16.90 11.91 5.75
C VAL C 148 -16.60 12.04 4.25
N GLY C 149 -17.39 12.86 3.55
CA GLY C 149 -17.13 13.15 2.14
C GLY C 149 -16.21 14.35 1.94
N GLY C 150 -16.03 14.78 0.69
CA GLY C 150 -16.72 14.22 -0.46
C GLY C 150 -18.03 14.94 -0.74
N ASP C 151 -18.35 15.15 -2.00
CA ASP C 151 -19.63 15.78 -2.32
C ASP C 151 -20.74 14.74 -2.14
N HIS C 152 -21.98 15.21 -2.07
CA HIS C 152 -23.11 14.37 -1.69
C HIS C 152 -23.45 13.26 -2.68
N SER C 153 -22.86 13.30 -3.88
CA SER C 153 -23.12 12.25 -4.86
C SER C 153 -22.79 10.84 -4.32
N MET C 154 -21.86 10.77 -3.37
CA MET C 154 -21.51 9.51 -2.69
C MET C 154 -22.68 8.79 -2.01
N ALA C 155 -23.71 9.54 -1.64
CA ALA C 155 -24.84 8.95 -0.89
C ALA C 155 -25.55 7.82 -1.63
N THR C 156 -25.58 7.87 -2.97
CA THR C 156 -26.19 6.77 -3.75
C THR C 156 -25.45 5.48 -3.38
N GLY C 157 -24.13 5.55 -3.34
CA GLY C 157 -23.30 4.41 -2.99
C GLY C 157 -23.39 3.97 -1.54
N THR C 158 -23.36 4.93 -0.61
CA THR C 158 -23.36 4.58 0.81
C THR C 158 -24.70 4.00 1.21
N ILE C 159 -25.78 4.59 0.71
CA ILE C 159 -27.12 4.12 1.07
C ILE C 159 -27.41 2.76 0.45
N LEU C 160 -27.01 2.56 -0.81
CA LEU C 160 -27.19 1.28 -1.50
C LEU C 160 -26.46 0.17 -0.73
N GLY C 161 -25.18 0.42 -0.41
CA GLY C 161 -24.40 -0.52 0.35
C GLY C 161 -24.99 -0.76 1.73
N HIS C 162 -25.45 0.31 2.37
CA HIS C 162 -26.06 0.23 3.69
C HIS C 162 -27.32 -0.63 3.63
N ALA C 163 -28.18 -0.37 2.65
CA ALA C 163 -29.43 -1.11 2.53
C ALA C 163 -29.20 -2.60 2.23
N GLU C 164 -28.02 -2.95 1.75
CA GLU C 164 -27.74 -4.37 1.53
C GLU C 164 -27.59 -5.10 2.87
N ALA C 165 -27.00 -4.43 3.85
CA ALA C 165 -26.82 -5.01 5.17
C ALA C 165 -28.09 -4.88 6.01
N LYS C 166 -28.86 -3.83 5.78
CA LYS C 166 -30.09 -3.58 6.56
C LYS C 166 -31.20 -3.01 5.67
N PRO C 167 -31.96 -3.91 5.00
CA PRO C 167 -32.90 -3.48 3.95
C PRO C 167 -34.03 -2.60 4.49
N ASP C 168 -34.37 -2.76 5.76
CA ASP C 168 -35.51 -2.04 6.35
C ASP C 168 -35.13 -0.66 6.91
N LEU C 169 -33.96 -0.14 6.52
CA LEU C 169 -33.48 1.12 7.09
C LEU C 169 -34.33 2.33 6.72
N CYS C 170 -34.17 3.41 7.48
CA CYS C 170 -34.76 4.69 7.09
C CYS C 170 -33.66 5.73 6.91
N VAL C 171 -34.01 6.80 6.21
CA VAL C 171 -33.07 7.85 5.87
C VAL C 171 -33.52 9.21 6.42
N LEU C 172 -32.61 9.88 7.13
CA LEU C 172 -32.81 11.26 7.53
C LEU C 172 -31.83 12.13 6.74
N TRP C 173 -32.39 12.89 5.82
CA TRP C 173 -31.64 13.72 4.90
C TRP C 173 -31.65 15.17 5.41
N ILE C 174 -30.51 15.63 5.94
CA ILE C 174 -30.39 16.99 6.48
C ILE C 174 -29.68 17.89 5.48
N ASP C 175 -30.42 18.79 4.85
CA ASP C 175 -29.92 19.47 3.65
C ASP C 175 -30.68 20.77 3.35
N ALA C 176 -29.97 21.77 2.84
CA ALA C 176 -30.61 22.93 2.24
C ALA C 176 -31.37 22.53 0.96
N HIS C 177 -30.98 21.39 0.38
CA HIS C 177 -31.45 20.95 -0.94
C HIS C 177 -32.10 19.57 -0.94
N GLY C 178 -32.99 19.34 -1.91
CA GLY C 178 -33.66 18.05 -2.05
C GLY C 178 -32.74 16.93 -2.52
N ASP C 179 -31.75 17.27 -3.36
CA ASP C 179 -30.82 16.29 -3.92
C ASP C 179 -31.53 15.13 -4.60
N ILE C 180 -32.69 15.40 -5.18
CA ILE C 180 -33.53 14.36 -5.74
C ILE C 180 -33.96 14.69 -7.19
N ASN C 181 -33.24 15.61 -7.84
CA ASN C 181 -33.45 15.86 -9.27
C ASN C 181 -33.31 14.56 -10.03
N THR C 182 -34.25 14.29 -10.92
CA THR C 182 -34.09 13.22 -11.90
C THR C 182 -33.25 13.79 -13.06
N PRO C 183 -32.38 12.97 -13.65
CA PRO C 183 -31.37 13.40 -14.63
C PRO C 183 -31.85 14.44 -15.64
N LEU C 184 -33.01 14.25 -16.25
CA LEU C 184 -33.43 15.15 -17.32
C LEU C 184 -34.14 16.41 -16.81
N ASN C 185 -34.32 16.53 -15.50
CA ASN C 185 -34.83 17.78 -14.93
C ASN C 185 -33.71 18.63 -14.32
N SER C 186 -32.53 18.04 -14.19
CA SER C 186 -31.38 18.74 -13.62
C SER C 186 -30.90 19.90 -14.49
N ALA C 187 -31.00 21.13 -13.98
CA ALA C 187 -30.54 22.29 -14.74
C ALA C 187 -29.02 22.33 -14.82
N SER C 188 -28.35 21.69 -13.87
CA SER C 188 -26.88 21.75 -13.78
C SER C 188 -26.18 20.53 -14.37
N GLY C 189 -26.79 19.36 -14.23
CA GLY C 189 -26.14 18.11 -14.60
C GLY C 189 -25.14 17.63 -13.55
N ASN C 190 -25.08 18.33 -12.41
CA ASN C 190 -24.21 17.93 -11.31
C ASN C 190 -24.80 16.74 -10.55
N MET C 191 -24.00 15.68 -10.41
CA MET C 191 -24.50 14.44 -9.83
C MET C 191 -24.86 14.57 -8.34
N HIS C 192 -24.21 15.49 -7.62
CA HIS C 192 -24.49 15.65 -6.18
C HIS C 192 -25.89 16.20 -5.93
N GLY C 193 -26.57 16.61 -7.00
CA GLY C 193 -27.94 17.10 -6.91
C GLY C 193 -28.97 16.03 -7.26
N MET C 194 -28.48 14.83 -7.59
CA MET C 194 -29.37 13.72 -7.95
C MET C 194 -29.28 12.40 -7.14
N PRO C 195 -28.48 12.34 -6.04
CA PRO C 195 -28.21 10.99 -5.52
C PRO C 195 -29.44 10.20 -5.04
N LEU C 196 -30.46 10.88 -4.55
CA LEU C 196 -31.67 10.18 -4.10
C LEU C 196 -32.54 9.65 -5.24
N SER C 197 -32.50 10.29 -6.40
CA SER C 197 -33.42 9.92 -7.47
C SER C 197 -33.20 8.48 -7.96
N PHE C 198 -31.96 7.99 -7.86
CA PHE C 198 -31.64 6.64 -8.31
C PHE C 198 -32.03 5.59 -7.28
N LEU C 199 -32.31 6.03 -6.05
CA LEU C 199 -32.56 5.12 -4.94
C LEU C 199 -34.04 4.89 -4.69
N VAL C 200 -34.86 5.89 -5.04
CA VAL C 200 -36.29 5.89 -4.69
C VAL C 200 -37.10 5.11 -5.72
N LYS C 201 -37.70 4.02 -5.26
CA LYS C 201 -38.40 3.09 -6.12
C LYS C 201 -39.49 3.77 -6.94
N GLU C 202 -40.19 4.71 -6.33
CA GLU C 202 -41.33 5.37 -6.99
C GLU C 202 -40.90 6.35 -8.11
N LEU C 203 -39.61 6.58 -8.25
CA LEU C 203 -39.11 7.52 -9.25
C LEU C 203 -38.44 6.85 -10.47
N GLN C 204 -38.49 5.53 -10.54
CA GLN C 204 -37.70 4.81 -11.54
C GLN C 204 -38.21 4.91 -12.98
N ASP C 205 -39.46 5.31 -13.18
CA ASP C 205 -39.91 5.63 -14.53
C ASP C 205 -39.35 6.98 -15.00
N GLN C 206 -38.67 7.69 -14.10
CA GLN C 206 -38.08 8.98 -14.45
C GLN C 206 -36.57 8.89 -14.61
N ILE C 207 -36.03 7.68 -14.46
CA ILE C 207 -34.61 7.46 -14.64
C ILE C 207 -34.31 6.84 -16.01
N PRO C 208 -33.52 7.53 -16.84
CA PRO C 208 -33.21 6.99 -18.17
C PRO C 208 -32.32 5.75 -18.06
N TRP C 209 -32.66 4.70 -18.80
CA TRP C 209 -31.84 3.49 -18.77
C TRP C 209 -30.44 3.74 -19.33
N LEU C 210 -29.44 3.34 -18.56
CA LEU C 210 -28.07 3.31 -19.04
C LEU C 210 -27.47 2.00 -18.55
N ASP C 211 -26.73 1.33 -19.45
CA ASP C 211 -26.12 0.03 -19.19
C ASP C 211 -25.38 -0.04 -17.86
N ASP C 212 -24.55 0.96 -17.58
CA ASP C 212 -23.69 0.92 -16.39
C ASP C 212 -24.46 1.26 -15.11
N PHE C 213 -25.76 1.55 -15.25
CA PHE C 213 -26.62 1.85 -14.12
C PHE C 213 -27.49 0.64 -13.76
N GLU C 214 -27.16 -0.50 -14.37
CA GLU C 214 -27.85 -1.76 -14.10
C GLU C 214 -27.78 -2.14 -12.61
N GLY C 215 -26.55 -2.15 -12.06
CA GLY C 215 -26.33 -2.58 -10.69
C GLY C 215 -26.79 -1.61 -9.61
N ILE C 216 -27.12 -0.39 -9.99
CA ILE C 216 -27.66 0.57 -9.03
C ILE C 216 -29.15 0.33 -8.88
N LYS C 217 -29.51 -0.61 -8.01
CA LYS C 217 -30.92 -0.93 -7.86
C LYS C 217 -31.55 -0.08 -6.75
N PRO C 218 -32.75 0.44 -7.03
CA PRO C 218 -33.56 1.27 -6.12
C PRO C 218 -33.90 0.48 -4.87
N CYS C 219 -33.51 0.98 -3.71
CA CYS C 219 -33.71 0.24 -2.47
C CYS C 219 -34.54 1.00 -1.44
N LEU C 220 -35.07 2.15 -1.83
CA LEU C 220 -35.83 3.00 -0.90
C LEU C 220 -37.26 3.25 -1.35
N ASN C 221 -38.21 3.06 -0.44
CA ASN C 221 -39.56 3.55 -0.64
C ASN C 221 -39.60 5.01 -0.21
N ALA C 222 -40.44 5.81 -0.87
CA ALA C 222 -40.62 7.22 -0.50
C ALA C 222 -40.94 7.37 0.99
N SER C 223 -41.67 6.41 1.55
CA SER C 223 -42.14 6.50 2.93
C SER C 223 -41.02 6.31 3.97
N ASN C 224 -39.83 5.92 3.50
CA ASN C 224 -38.68 5.70 4.38
C ASN C 224 -37.68 6.87 4.43
N ILE C 225 -38.02 7.99 3.78
CA ILE C 225 -37.14 9.18 3.78
C ILE C 225 -37.80 10.35 4.49
N ALA C 226 -37.06 11.03 5.36
CA ALA C 226 -37.51 12.33 5.83
C ALA C 226 -36.43 13.40 5.68
N TYR C 227 -36.85 14.57 5.21
CA TYR C 227 -35.97 15.71 5.04
C TYR C 227 -36.10 16.68 6.20
N ILE C 228 -34.98 17.27 6.62
CA ILE C 228 -35.00 18.44 7.49
C ILE C 228 -34.05 19.52 7.00
N GLY C 229 -34.56 20.72 6.77
CA GLY C 229 -33.71 21.89 6.57
C GLY C 229 -33.81 22.51 5.20
N LEU C 230 -34.68 21.96 4.36
CA LEU C 230 -34.84 22.38 2.98
C LEU C 230 -35.12 23.88 2.86
N ARG C 231 -34.46 24.54 1.91
CA ARG C 231 -34.79 25.94 1.65
C ARG C 231 -34.44 26.36 0.23
N ASP C 232 -34.05 25.39 -0.61
CA ASP C 232 -33.70 25.70 -1.99
C ASP C 232 -34.08 24.55 -2.93
N LEU C 233 -35.35 24.20 -2.93
CA LEU C 233 -35.88 23.13 -3.78
C LEU C 233 -36.09 23.57 -5.22
N ASP C 234 -35.69 22.73 -6.18
CA ASP C 234 -36.13 22.89 -7.57
C ASP C 234 -37.63 22.59 -7.62
N ALA C 235 -38.34 23.24 -8.54
CA ALA C 235 -39.78 23.02 -8.70
C ALA C 235 -40.11 21.56 -8.94
N HIS C 236 -39.30 20.86 -9.72
CA HIS C 236 -39.64 19.48 -10.02
C HIS C 236 -39.35 18.57 -8.84
N GLU C 237 -38.44 18.98 -7.97
CA GLU C 237 -38.22 18.24 -6.73
C GLU C 237 -39.44 18.39 -5.84
N THR C 238 -39.93 19.62 -5.71
CA THR C 238 -41.12 19.89 -4.92
C THR C 238 -42.29 19.02 -5.40
N HIS C 239 -42.48 18.96 -6.71
CA HIS C 239 -43.52 18.12 -7.29
C HIS C 239 -43.39 16.64 -6.88
N ASP C 240 -42.18 16.10 -7.00
CA ASP C 240 -41.98 14.67 -6.75
C ASP C 240 -42.11 14.32 -5.28
N ILE C 241 -41.63 15.21 -4.42
CA ILE C 241 -41.69 15.01 -2.98
C ILE C 241 -43.14 14.97 -2.51
N ARG C 242 -43.94 15.92 -2.99
CA ARG C 242 -45.33 16.00 -2.59
C ARG C 242 -46.15 14.88 -3.22
N LYS C 243 -45.83 14.52 -4.45
CA LYS C 243 -46.63 13.53 -5.18
C LYS C 243 -46.47 12.15 -4.56
N HIS C 244 -45.24 11.81 -4.19
CA HIS C 244 -45.00 10.49 -3.64
C HIS C 244 -44.98 10.49 -2.12
N GLY C 245 -45.38 11.61 -1.52
CA GLY C 245 -45.55 11.69 -0.07
C GLY C 245 -44.29 11.52 0.76
N ILE C 246 -43.18 12.07 0.29
CA ILE C 246 -41.96 12.03 1.10
C ILE C 246 -42.10 13.05 2.23
N ALA C 247 -41.83 12.61 3.45
CA ALA C 247 -41.91 13.51 4.60
C ALA C 247 -40.79 14.54 4.47
N TYR C 248 -41.14 15.81 4.59
CA TYR C 248 -40.12 16.86 4.53
C TYR C 248 -40.46 18.00 5.47
N PHE C 249 -39.41 18.61 6.03
CA PHE C 249 -39.57 19.75 6.93
C PHE C 249 -38.57 20.84 6.52
N THR C 250 -39.11 21.87 5.88
CA THR C 250 -38.32 22.97 5.34
C THR C 250 -37.99 23.96 6.46
N MET C 251 -37.15 24.95 6.17
CA MET C 251 -36.80 25.93 7.18
C MET C 251 -38.01 26.76 7.61
N LEU C 252 -39.00 26.86 6.73
CA LEU C 252 -40.30 27.43 7.10
C LEU C 252 -40.92 26.61 8.23
N ASP C 253 -40.90 25.28 8.08
CA ASP C 253 -41.43 24.38 9.10
C ASP C 253 -40.65 24.53 10.41
N VAL C 254 -39.31 24.60 10.31
CA VAL C 254 -38.49 24.81 11.50
C VAL C 254 -38.87 26.13 12.19
N ASP C 255 -39.06 27.19 11.43
CA ASP C 255 -39.46 28.47 12.02
C ASP C 255 -40.80 28.40 12.76
N ARG C 256 -41.79 27.74 12.16
CA ARG C 256 -43.13 27.69 12.73
C ARG C 256 -43.30 26.61 13.81
N MET C 257 -42.66 25.45 13.64
CA MET C 257 -42.85 24.35 14.59
C MET C 257 -41.78 24.33 15.67
N GLY C 258 -40.61 24.85 15.35
CA GLY C 258 -39.44 24.75 16.23
C GLY C 258 -38.73 23.44 15.93
N ILE C 259 -37.42 23.37 16.14
CA ILE C 259 -36.65 22.18 15.74
C ILE C 259 -37.08 20.93 16.55
N GLU C 260 -37.42 21.09 17.83
CA GLU C 260 -37.81 19.97 18.67
C GLU C 260 -38.98 19.20 18.06
N ALA C 261 -40.05 19.91 17.72
CA ALA C 261 -41.21 19.27 17.11
C ALA C 261 -40.90 18.70 15.71
N VAL C 262 -40.08 19.39 14.93
CA VAL C 262 -39.66 18.87 13.62
C VAL C 262 -38.93 17.52 13.74
N ILE C 263 -37.98 17.43 14.66
CA ILE C 263 -37.22 16.20 14.88
C ILE C 263 -38.16 15.07 15.25
N LYS C 264 -39.06 15.36 16.18
CA LYS C 264 -40.01 14.37 16.63
C LYS C 264 -40.93 13.90 15.49
N GLU C 265 -41.44 14.84 14.69
CA GLU C 265 -42.31 14.47 13.56
C GLU C 265 -41.56 13.68 12.48
N ALA C 266 -40.30 14.03 12.25
CA ALA C 266 -39.46 13.28 11.31
C ALA C 266 -39.33 11.82 11.74
N LEU C 267 -39.00 11.61 13.01
CA LEU C 267 -38.79 10.25 13.52
C LEU C 267 -40.09 9.45 13.51
N LEU C 268 -41.20 10.13 13.77
CA LEU C 268 -42.52 9.51 13.74
C LEU C 268 -42.89 9.06 12.34
N ALA C 269 -42.50 9.86 11.35
CA ALA C 269 -42.87 9.60 9.97
C ALA C 269 -42.15 8.37 9.40
N VAL C 270 -40.85 8.24 9.67
CA VAL C 270 -40.09 7.13 9.05
C VAL C 270 -39.56 6.06 10.02
N ASN C 271 -39.70 6.28 11.34
CA ASN C 271 -39.23 5.29 12.31
C ASN C 271 -40.04 5.33 13.62
N PRO C 272 -41.38 5.12 13.53
CA PRO C 272 -42.35 5.39 14.62
C PRO C 272 -42.02 4.71 15.95
N ARG C 273 -41.48 3.49 15.88
CA ARG C 273 -41.23 2.72 17.09
C ARG C 273 -39.75 2.39 17.28
N LEU C 274 -38.90 3.16 16.60
CA LEU C 274 -37.45 3.00 16.70
C LEU C 274 -37.00 1.56 16.33
N GLU C 275 -37.74 0.95 15.41
CA GLU C 275 -37.45 -0.41 14.95
C GLU C 275 -36.41 -0.46 13.82
N LYS C 276 -36.34 0.60 13.01
CA LYS C 276 -35.45 0.58 11.84
C LYS C 276 -34.08 1.18 12.14
N ALA C 277 -33.05 0.64 11.49
CA ALA C 277 -31.75 1.29 11.50
C ALA C 277 -31.83 2.66 10.81
N ILE C 278 -31.02 3.61 11.26
CA ILE C 278 -31.08 4.96 10.71
C ILE C 278 -29.83 5.31 9.88
N HIS C 279 -30.07 5.74 8.64
CA HIS C 279 -29.02 6.35 7.83
C HIS C 279 -29.23 7.87 7.84
N LEU C 280 -28.31 8.56 8.50
CA LEU C 280 -28.35 10.02 8.59
C LEU C 280 -27.40 10.63 7.57
N SER C 281 -27.96 11.28 6.57
CA SER C 281 -27.15 11.92 5.51
C SER C 281 -27.14 13.44 5.76
N PHE C 282 -26.01 13.94 6.23
CA PHE C 282 -25.90 15.33 6.66
C PHE C 282 -25.04 16.14 5.68
N ASP C 283 -25.70 16.95 4.86
CA ASP C 283 -25.04 17.97 4.04
C ASP C 283 -24.68 19.13 4.98
N ILE C 284 -23.39 19.47 5.07
CA ILE C 284 -22.95 20.57 5.91
C ILE C 284 -23.62 21.90 5.53
N ASP C 285 -24.12 22.00 4.30
CA ASP C 285 -24.77 23.25 3.90
C ASP C 285 -26.20 23.35 4.43
N ALA C 286 -26.68 22.31 5.12
CA ALA C 286 -27.94 22.47 5.86
C ALA C 286 -27.74 23.56 6.92
N LEU C 287 -26.52 23.66 7.45
CA LEU C 287 -26.19 24.70 8.43
C LEU C 287 -26.06 26.04 7.76
N ASP C 288 -26.38 27.09 8.51
CA ASP C 288 -26.21 28.45 8.03
C ASP C 288 -24.77 28.76 7.59
N PRO C 289 -24.62 29.46 6.46
CA PRO C 289 -23.30 29.92 5.97
C PRO C 289 -22.45 30.62 7.04
N LEU C 290 -23.08 31.30 8.01
CA LEU C 290 -22.33 31.89 9.13
C LEU C 290 -21.53 30.92 9.99
N VAL C 291 -21.89 29.64 10.02
CA VAL C 291 -21.09 28.70 10.81
C VAL C 291 -20.47 27.58 9.94
N ALA C 292 -20.92 27.52 8.69
CA ALA C 292 -20.31 26.61 7.74
C ALA C 292 -20.16 27.26 6.36
N PRO C 293 -19.29 28.28 6.26
CA PRO C 293 -19.03 28.97 4.98
C PRO C 293 -18.42 28.07 3.92
N SER C 294 -17.54 27.16 4.31
CA SER C 294 -16.68 26.47 3.33
C SER C 294 -17.35 25.29 2.65
N THR C 295 -18.31 25.60 1.79
CA THR C 295 -19.09 24.60 1.09
C THR C 295 -19.58 25.19 -0.26
N GLY C 296 -19.77 24.33 -1.25
CA GLY C 296 -20.02 24.80 -2.61
C GLY C 296 -21.31 25.53 -2.92
N THR C 297 -22.40 25.18 -2.24
CA THR C 297 -23.71 25.76 -2.52
C THR C 297 -24.38 26.24 -1.22
N ALA C 298 -23.79 27.29 -0.64
CA ALA C 298 -24.30 27.90 0.57
C ALA C 298 -25.61 28.65 0.30
N VAL C 299 -26.60 28.43 1.18
CA VAL C 299 -27.87 29.14 1.13
C VAL C 299 -28.10 29.83 2.47
N PRO C 300 -28.36 31.14 2.43
CA PRO C 300 -28.58 31.87 3.69
C PRO C 300 -29.85 31.39 4.42
N GLY C 301 -29.94 31.67 5.72
CA GLY C 301 -31.10 31.29 6.50
C GLY C 301 -31.16 29.81 6.90
N GLY C 302 -30.00 29.21 7.19
CA GLY C 302 -29.97 27.80 7.55
C GLY C 302 -30.19 27.45 9.01
N LEU C 303 -30.04 26.17 9.32
CA LEU C 303 -30.00 25.68 10.69
C LEU C 303 -28.88 26.34 11.47
N THR C 304 -29.16 26.79 12.70
CA THR C 304 -28.08 27.19 13.60
C THR C 304 -27.30 25.93 13.96
N LEU C 305 -26.13 26.13 14.56
CA LEU C 305 -25.35 24.99 15.04
C LEU C 305 -26.15 24.25 16.10
N ARG C 306 -26.81 25.00 16.98
CA ARG C 306 -27.60 24.40 18.05
C ARG C 306 -28.70 23.51 17.47
N GLU C 307 -29.43 24.01 16.47
CA GLU C 307 -30.49 23.18 15.85
C GLU C 307 -29.91 21.90 15.21
N GLY C 308 -28.81 22.05 14.48
CA GLY C 308 -28.13 20.92 13.90
C GLY C 308 -27.67 19.94 14.98
N LEU C 309 -27.18 20.47 16.09
CA LEU C 309 -26.79 19.62 17.21
C LEU C 309 -28.00 18.88 17.83
N ARG C 310 -29.15 19.55 17.92
CA ARG C 310 -30.34 18.91 18.46
C ARG C 310 -30.79 17.71 17.60
N ILE C 311 -30.68 17.85 16.28
CA ILE C 311 -31.00 16.76 15.36
C ILE C 311 -30.12 15.53 15.64
N CYS C 312 -28.82 15.78 15.77
CA CYS C 312 -27.85 14.72 15.92
C CYS C 312 -27.91 14.09 17.31
N GLU C 313 -28.15 14.93 18.31
CA GLU C 313 -28.33 14.44 19.68
C GLU C 313 -29.50 13.47 19.75
N GLU C 314 -30.67 13.91 19.27
CA GLU C 314 -31.88 13.05 19.28
C GLU C 314 -31.73 11.78 18.44
N VAL C 315 -31.08 11.89 17.27
CA VAL C 315 -30.91 10.72 16.41
C VAL C 315 -30.02 9.70 17.10
N SER C 316 -28.93 10.20 17.68
CA SER C 316 -27.98 9.35 18.40
C SER C 316 -28.66 8.61 19.56
N ALA C 317 -29.54 9.31 20.28
CA ALA C 317 -30.12 8.74 21.50
C ALA C 317 -31.22 7.72 21.22
N THR C 318 -31.58 7.52 19.95
CA THR C 318 -32.53 6.46 19.64
C THR C 318 -31.86 5.09 19.78
N GLY C 319 -30.53 5.09 19.79
CA GLY C 319 -29.77 3.86 19.78
C GLY C 319 -29.77 3.18 18.42
N LYS C 320 -30.39 3.81 17.42
CA LYS C 320 -30.56 3.20 16.11
C LYS C 320 -29.69 3.81 14.99
N LEU C 321 -28.83 4.76 15.35
CA LEU C 321 -27.90 5.32 14.37
C LEU C 321 -27.00 4.22 13.82
N SER C 322 -27.11 3.98 12.51
CA SER C 322 -26.36 2.91 11.86
C SER C 322 -25.24 3.46 10.98
N VAL C 323 -25.59 4.44 10.14
CA VAL C 323 -24.61 5.19 9.36
C VAL C 323 -24.86 6.69 9.52
N VAL C 324 -23.80 7.46 9.76
CA VAL C 324 -23.88 8.91 9.54
C VAL C 324 -22.85 9.35 8.51
N GLU C 325 -23.31 10.11 7.52
CA GLU C 325 -22.38 10.68 6.57
C GLU C 325 -22.46 12.20 6.57
N LEU C 326 -21.30 12.82 6.42
CA LEU C 326 -21.21 14.26 6.39
C LEU C 326 -20.61 14.71 5.06
N ALA C 327 -21.41 15.41 4.27
CA ALA C 327 -21.05 15.77 2.90
C ALA C 327 -20.74 17.26 2.72
N GLU C 328 -20.03 17.55 1.62
CA GLU C 328 -19.87 18.89 1.03
C GLU C 328 -18.96 19.86 1.79
N LEU C 329 -18.14 19.33 2.69
CA LEU C 329 -17.00 20.11 3.19
C LEU C 329 -16.06 20.43 2.03
N ASN C 330 -15.63 21.69 1.92
CA ASN C 330 -14.62 22.03 0.92
C ASN C 330 -13.64 23.08 1.47
N PRO C 331 -12.50 22.60 1.99
CA PRO C 331 -11.44 23.43 2.59
C PRO C 331 -10.77 24.41 1.61
N LEU C 332 -11.11 24.36 0.32
CA LEU C 332 -10.47 25.24 -0.65
C LEU C 332 -11.34 26.46 -0.95
N LEU C 333 -12.49 26.55 -0.29
CA LEU C 333 -13.36 27.72 -0.40
C LEU C 333 -13.30 28.56 0.86
N GLY C 334 -13.39 29.88 0.70
CA GLY C 334 -13.45 30.81 1.81
C GLY C 334 -12.08 31.10 2.39
N SER C 335 -12.05 31.97 3.41
CA SER C 335 -10.81 32.31 4.09
C SER C 335 -10.36 31.17 5.00
N GLN C 336 -9.15 31.30 5.55
CA GLN C 336 -8.65 30.29 6.46
C GLN C 336 -9.53 30.20 7.71
N GLU C 337 -10.06 31.35 8.13
CA GLU C 337 -10.98 31.37 9.26
C GLU C 337 -12.30 30.68 8.88
N ASP C 338 -12.78 30.89 7.66
CA ASP C 338 -13.95 30.19 7.14
C ASP C 338 -13.77 28.68 7.23
N VAL C 339 -12.57 28.22 6.90
CA VAL C 339 -12.28 26.79 6.92
C VAL C 339 -12.28 26.25 8.36
N LEU C 340 -11.65 27.00 9.27
CA LEU C 340 -11.70 26.63 10.69
C LEU C 340 -13.13 26.53 11.22
N LYS C 341 -13.95 27.56 10.94
CA LYS C 341 -15.36 27.58 11.37
C LYS C 341 -16.11 26.35 10.87
N THR C 342 -15.87 26.01 9.62
CA THR C 342 -16.56 24.90 8.98
C THR C 342 -16.09 23.58 9.58
N GLN C 343 -14.78 23.47 9.76
CA GLN C 343 -14.18 22.30 10.42
C GLN C 343 -14.76 22.14 11.84
N SER C 344 -14.82 23.23 12.58
CA SER C 344 -15.34 23.19 13.95
C SER C 344 -16.79 22.74 13.98
N SER C 345 -17.63 23.31 13.12
CA SER C 345 -19.04 22.92 13.08
C SER C 345 -19.18 21.44 12.77
N ALA C 346 -18.39 20.96 11.81
CA ALA C 346 -18.42 19.56 11.42
C ALA C 346 -18.02 18.61 12.56
N VAL C 347 -16.99 18.98 13.32
CA VAL C 347 -16.53 18.15 14.44
C VAL C 347 -17.59 18.03 15.55
N HIS C 348 -18.15 19.17 15.96
CA HIS C 348 -19.26 19.19 16.94
C HIS C 348 -20.45 18.35 16.48
N ILE C 349 -20.82 18.47 15.21
CA ILE C 349 -21.90 17.67 14.63
C ILE C 349 -21.64 16.16 14.70
N LEU C 350 -20.45 15.72 14.28
CA LEU C 350 -20.15 14.30 14.26
C LEU C 350 -19.98 13.76 15.69
N ARG C 351 -19.41 14.59 16.55
CA ARG C 351 -19.22 14.23 17.96
C ARG C 351 -20.56 13.95 18.64
N ALA C 352 -21.56 14.80 18.38
CA ALA C 352 -22.90 14.59 18.91
C ALA C 352 -23.56 13.32 18.33
N CYS C 353 -23.25 13.01 17.07
CA CYS C 353 -23.80 11.81 16.44
C CYS C 353 -23.40 10.57 17.20
N LEU C 354 -22.15 10.54 17.67
CA LEU C 354 -21.61 9.39 18.38
C LEU C 354 -22.03 9.39 19.86
N GLY C 355 -22.71 10.46 20.28
CA GLY C 355 -23.31 10.50 21.61
C GLY C 355 -22.78 11.51 22.61
N HIS C 356 -21.92 12.42 22.16
CA HIS C 356 -21.46 13.48 23.05
C HIS C 356 -22.61 14.38 23.48
N CYS C 357 -22.75 14.62 24.78
CA CYS C 357 -23.87 15.41 25.31
CA CYS C 357 -23.86 15.42 25.27
C CYS C 357 -23.40 16.76 25.85
N ARG C 358 -24.11 17.81 25.47
CA ARG C 358 -23.80 19.16 25.92
C ARG C 358 -24.10 19.35 27.40
N SER C 359 -25.01 18.54 27.92
CA SER C 359 -25.42 18.66 29.32
C SER C 359 -24.47 17.92 30.26
N GLY C 360 -23.35 17.46 29.72
CA GLY C 360 -22.29 16.88 30.54
C GLY C 360 -22.28 15.37 30.61
N HIS C 361 -21.09 14.83 30.88
CA HIS C 361 -20.87 13.40 31.08
C HIS C 361 -20.26 13.10 32.45
N LEU C 362 -20.69 12.02 33.08
CA LEU C 362 -20.06 11.55 34.31
C LEU C 362 -18.70 10.92 34.00
N PRO C 363 -17.78 10.93 34.98
CA PRO C 363 -16.46 10.30 34.78
C PRO C 363 -16.56 8.78 34.67
N PHE C 364 -15.66 8.17 33.91
CA PHE C 364 -15.58 6.70 33.85
C PHE C 364 -15.08 6.17 35.19
N LYS C 365 -14.14 6.90 35.78
CA LYS C 365 -13.68 6.60 37.14
C LYS C 365 -13.69 7.87 37.95
N VAL C 366 -14.51 7.90 39.01
CA VAL C 366 -14.58 9.08 39.85
C VAL C 366 -13.27 9.27 40.62
N ARG C 367 -12.71 10.48 40.50
CA ARG C 367 -11.51 10.81 41.26
C ARG C 367 -11.90 11.42 42.60
N ASN C 368 -11.09 11.13 43.61
CA ASN C 368 -11.25 11.73 44.92
C ASN C 368 -9.90 12.16 45.47
N LEU C 369 -9.87 13.31 46.17
CA LEU C 369 -8.65 13.78 46.82
C LEU C 369 -8.01 12.70 47.72
N THR C 370 -8.83 11.95 48.44
CA THR C 370 -8.32 10.92 49.34
C THR C 370 -7.62 9.75 48.60
N ASP C 371 -7.86 9.60 47.30
CA ASP C 371 -7.16 8.57 46.51
C ASP C 371 -5.66 8.83 46.44
N GLN C 372 -5.28 10.09 46.62
CA GLN C 372 -3.89 10.49 46.54
C GLN C 372 -3.30 10.73 47.94
N GLY C 373 -4.11 10.59 48.99
CA GLY C 373 -3.62 10.69 50.35
C GLY C 373 -3.24 12.10 50.77
N ILE C 374 -3.70 13.06 49.99
CA ILE C 374 -3.40 14.47 50.19
C ILE C 374 -4.29 15.09 51.28
N MET C 375 -3.72 16.00 52.06
CA MET C 375 -4.46 16.67 53.12
C MET C 375 -5.40 17.76 52.57
N SER C 376 -6.70 17.60 52.79
CA SER C 376 -7.67 18.60 52.33
C SER C 376 -7.76 19.79 53.28
N ARG C 377 -8.41 20.87 52.82
CA ARG C 377 -8.63 22.04 53.66
C ARG C 377 -9.53 21.69 54.83
N ALA C 378 -10.57 20.91 54.54
CA ALA C 378 -11.51 20.42 55.55
C ALA C 378 -10.80 19.59 56.63
N ALA C 379 -9.89 18.72 56.19
CA ALA C 379 -9.21 17.81 57.10
C ALA C 379 -8.24 18.56 57.99
N HIS C 380 -7.68 19.65 57.48
CA HIS C 380 -6.78 20.48 58.26
C HIS C 380 -7.54 21.31 59.28
N MET C 381 -8.76 21.74 58.94
CA MET C 381 -9.55 22.60 59.85
C MET C 381 -10.00 21.84 61.09
N GLN C 382 -10.34 20.57 60.92
CA GLN C 382 -10.60 19.69 62.06
C GLN C 382 -9.27 19.40 62.78
N THR C 383 -8.60 18.32 62.36
CA THR C 383 -7.33 17.93 62.95
C THR C 383 -6.22 18.93 62.60
N LEU D 40 -34.11 -29.22 -32.88
CA LEU D 40 -32.87 -28.51 -33.24
C LEU D 40 -31.67 -29.14 -32.57
N LEU D 41 -30.53 -29.10 -33.27
CA LEU D 41 -29.28 -29.64 -32.76
C LEU D 41 -28.69 -28.72 -31.67
N TYR D 42 -28.77 -27.42 -31.91
CA TYR D 42 -28.32 -26.42 -30.95
C TYR D 42 -29.44 -25.42 -30.67
N THR D 43 -29.86 -25.35 -29.42
CA THR D 43 -31.00 -24.51 -29.04
C THR D 43 -30.55 -23.10 -28.62
N SER D 44 -29.38 -23.02 -27.99
CA SER D 44 -28.83 -21.73 -27.60
C SER D 44 -27.38 -21.59 -28.08
N ALA D 45 -26.89 -20.35 -28.15
CA ALA D 45 -25.52 -20.11 -28.61
C ALA D 45 -24.96 -18.81 -28.03
N ASN D 46 -23.63 -18.70 -28.04
CA ASN D 46 -22.97 -17.48 -27.58
C ASN D 46 -22.26 -16.74 -28.72
N PHE D 47 -22.23 -15.41 -28.62
CA PHE D 47 -21.60 -14.58 -29.63
C PHE D 47 -20.51 -13.70 -29.00
N LEU D 48 -19.30 -13.74 -29.56
CA LEU D 48 -18.18 -12.98 -29.02
C LEU D 48 -17.40 -12.28 -30.14
N GLY D 49 -16.99 -11.04 -29.90
CA GLY D 49 -16.20 -10.30 -30.87
C GLY D 49 -14.76 -10.15 -30.43
N ILE D 50 -13.83 -10.39 -31.36
CA ILE D 50 -12.41 -10.19 -31.10
C ILE D 50 -11.80 -9.30 -32.18
N PRO D 51 -11.82 -7.98 -31.95
CA PRO D 51 -11.39 -6.97 -32.95
C PRO D 51 -9.87 -6.86 -33.11
N THR D 52 -9.15 -7.98 -33.16
CA THR D 52 -7.71 -7.96 -33.35
C THR D 52 -7.33 -7.30 -34.67
N ASN D 53 -6.34 -6.42 -34.64
CA ASN D 53 -5.87 -5.77 -35.87
C ASN D 53 -4.35 -5.71 -35.92
N ARG D 54 -3.69 -6.13 -34.84
CA ARG D 54 -2.23 -6.12 -34.76
C ARG D 54 -1.58 -7.40 -35.29
N GLY D 55 -2.27 -8.12 -36.16
CA GLY D 55 -1.74 -9.34 -36.75
C GLY D 55 -1.37 -9.16 -38.20
N GLN D 56 -1.81 -8.05 -38.78
CA GLN D 56 -1.55 -7.74 -40.18
C GLN D 56 -1.59 -6.21 -40.42
N PRO D 57 -0.82 -5.73 -41.42
CA PRO D 57 -0.67 -4.31 -41.76
C PRO D 57 -1.96 -3.53 -42.04
N LYS D 58 -2.89 -4.12 -42.78
CA LYS D 58 -4.12 -3.43 -43.15
C LYS D 58 -4.96 -3.09 -41.91
N ILE D 59 -5.59 -1.91 -41.94
CA ILE D 59 -6.44 -1.46 -40.86
C ILE D 59 -7.91 -1.68 -41.22
N GLY D 60 -8.68 -2.23 -40.29
CA GLY D 60 -10.09 -2.43 -40.54
C GLY D 60 -10.68 -3.71 -39.96
N THR D 61 -9.84 -4.72 -39.73
CA THR D 61 -10.34 -5.99 -39.22
C THR D 61 -10.91 -5.83 -37.80
N TYR D 62 -10.58 -4.73 -37.13
CA TYR D 62 -11.18 -4.43 -35.82
C TYR D 62 -12.68 -4.12 -35.98
N GLN D 63 -13.10 -3.75 -37.19
CA GLN D 63 -14.49 -3.46 -37.48
C GLN D 63 -15.24 -4.72 -37.91
N GLY D 64 -14.54 -5.86 -37.88
CA GLY D 64 -15.15 -7.15 -38.15
C GLY D 64 -16.41 -7.46 -37.36
N PRO D 65 -16.30 -7.52 -36.02
CA PRO D 65 -17.47 -7.81 -35.17
C PRO D 65 -18.65 -6.87 -35.41
N GLU D 66 -18.34 -5.61 -35.72
CA GLU D 66 -19.36 -4.61 -35.97
C GLU D 66 -20.14 -4.91 -37.25
N LEU D 67 -19.42 -5.31 -38.29
CA LEU D 67 -20.03 -5.64 -39.57
C LEU D 67 -21.13 -6.70 -39.42
N ILE D 68 -20.93 -7.64 -38.50
CA ILE D 68 -21.89 -8.74 -38.27
C ILE D 68 -23.05 -8.31 -37.38
N ARG D 69 -22.75 -7.53 -36.35
CA ARG D 69 -23.80 -6.99 -35.49
C ARG D 69 -24.69 -6.00 -36.25
N LYS D 70 -24.12 -5.30 -37.23
CA LYS D 70 -24.86 -4.38 -38.09
C LYS D 70 -25.88 -5.12 -38.95
N SER D 71 -25.49 -6.31 -39.41
CA SER D 71 -26.35 -7.13 -40.26
C SER D 71 -27.55 -7.66 -39.49
N ASN D 72 -28.38 -8.45 -40.17
CA ASN D 72 -29.52 -9.08 -39.51
C ASN D 72 -29.19 -10.50 -39.07
N PHE D 73 -27.92 -10.74 -38.75
CA PHE D 73 -27.48 -12.06 -38.27
C PHE D 73 -28.23 -12.51 -37.03
N PHE D 74 -28.23 -11.67 -35.99
CA PHE D 74 -28.93 -11.97 -34.74
C PHE D 74 -30.44 -12.19 -34.93
N GLN D 75 -31.04 -11.45 -35.86
CA GLN D 75 -32.47 -11.57 -36.17
C GLN D 75 -32.81 -12.91 -36.81
N LEU D 76 -31.96 -13.36 -37.74
CA LEU D 76 -32.18 -14.61 -38.45
C LEU D 76 -31.97 -15.83 -37.55
N VAL D 77 -30.96 -15.77 -36.67
CA VAL D 77 -30.67 -16.88 -35.76
C VAL D 77 -31.84 -17.11 -34.80
N ALA D 78 -32.44 -16.02 -34.31
CA ALA D 78 -33.58 -16.10 -33.41
C ALA D 78 -34.83 -16.65 -34.11
N GLU D 79 -35.01 -16.24 -35.38
CA GLU D 79 -36.15 -16.68 -36.18
C GLU D 79 -36.05 -18.15 -36.59
N ASP D 80 -34.92 -18.78 -36.26
CA ASP D 80 -34.77 -20.22 -36.45
C ASP D 80 -34.95 -20.93 -35.11
N GLY D 81 -35.31 -20.17 -34.09
CA GLY D 81 -35.60 -20.73 -32.78
C GLY D 81 -34.37 -20.99 -31.94
N ILE D 82 -33.30 -20.23 -32.22
CA ILE D 82 -32.06 -20.38 -31.49
C ILE D 82 -31.81 -19.17 -30.60
N GLN D 83 -31.54 -19.43 -29.32
CA GLN D 83 -31.29 -18.36 -28.35
C GLN D 83 -29.84 -17.89 -28.38
N LEU D 84 -29.60 -16.75 -29.03
CA LEU D 84 -28.25 -16.21 -29.18
C LEU D 84 -27.97 -15.10 -28.15
N THR D 85 -26.97 -15.35 -27.30
CA THR D 85 -26.58 -14.41 -26.25
C THR D 85 -25.27 -13.68 -26.58
N ASP D 86 -25.33 -12.35 -26.65
CA ASP D 86 -24.13 -11.55 -26.93
C ASP D 86 -23.25 -11.46 -25.68
N CYS D 87 -22.02 -11.94 -25.80
CA CYS D 87 -21.05 -11.94 -24.71
C CYS D 87 -20.07 -10.77 -24.82
N GLY D 88 -20.37 -9.83 -25.72
CA GLY D 88 -19.57 -8.64 -25.90
C GLY D 88 -18.35 -8.79 -26.79
N ASP D 89 -17.34 -7.98 -26.52
CA ASP D 89 -16.08 -8.01 -27.26
C ASP D 89 -14.88 -8.18 -26.34
N ILE D 90 -13.83 -8.80 -26.85
CA ILE D 90 -12.55 -8.81 -26.17
C ILE D 90 -11.82 -7.51 -26.53
N ILE D 91 -11.11 -6.94 -25.57
CA ILE D 91 -10.28 -5.77 -25.83
C ILE D 91 -8.85 -6.20 -26.09
N PRO D 92 -8.40 -6.10 -27.36
CA PRO D 92 -7.03 -6.48 -27.72
C PRO D 92 -5.99 -5.60 -27.04
N VAL D 93 -4.84 -6.17 -26.67
CA VAL D 93 -3.74 -5.37 -26.11
C VAL D 93 -2.93 -4.77 -27.26
N GLU D 94 -3.01 -3.45 -27.41
CA GLU D 94 -2.33 -2.76 -28.51
C GLU D 94 -1.29 -1.76 -28.00
N LEU D 95 -0.08 -2.25 -27.74
CA LEU D 95 1.01 -1.40 -27.23
C LEU D 95 1.52 -0.48 -28.34
N ASN D 96 2.40 0.45 -27.99
CA ASN D 96 3.00 1.33 -28.99
C ASN D 96 4.33 0.77 -29.51
N GLU D 97 4.86 1.37 -30.57
CA GLU D 97 6.06 0.85 -31.23
C GLU D 97 7.29 0.80 -30.32
N ALA D 98 7.34 1.70 -29.34
CA ALA D 98 8.46 1.75 -28.40
C ALA D 98 8.36 0.62 -27.37
N GLU D 99 7.13 0.34 -26.92
CA GLU D 99 6.86 -0.74 -25.98
C GLU D 99 7.02 -2.13 -26.61
N ASP D 100 6.87 -2.22 -27.92
CA ASP D 100 6.89 -3.52 -28.61
C ASP D 100 7.64 -3.50 -29.95
N PRO D 101 8.98 -3.59 -29.89
CA PRO D 101 9.81 -3.69 -31.10
C PRO D 101 9.76 -5.11 -31.69
N GLN D 102 10.37 -5.28 -32.85
CA GLN D 102 10.44 -6.58 -33.52
C GLN D 102 11.41 -7.53 -32.84
N ARG D 103 10.91 -8.70 -32.43
CA ARG D 103 11.78 -9.79 -31.98
C ARG D 103 11.73 -10.93 -33.00
N PHE D 104 12.89 -11.33 -33.50
CA PHE D 104 13.01 -12.40 -34.49
C PHE D 104 12.18 -12.13 -35.75
N GLY D 105 11.99 -10.86 -36.08
CA GLY D 105 11.25 -10.47 -37.27
C GLY D 105 9.75 -10.31 -37.04
N MET D 106 9.26 -10.80 -35.91
CA MET D 106 7.85 -10.73 -35.59
C MET D 106 7.38 -9.32 -35.25
N LYS D 107 6.35 -8.85 -35.95
CA LYS D 107 5.77 -7.53 -35.69
C LYS D 107 4.63 -7.62 -34.68
N TRP D 108 4.65 -6.72 -33.70
CA TRP D 108 3.66 -6.69 -32.62
C TRP D 108 3.59 -7.99 -31.83
N SER D 109 4.74 -8.61 -31.59
CA SER D 109 4.80 -9.90 -30.91
C SER D 109 4.39 -9.84 -29.43
N ARG D 110 4.80 -8.81 -28.70
CA ARG D 110 4.40 -8.68 -27.29
C ARG D 110 2.92 -8.33 -27.20
N SER D 111 2.41 -7.55 -28.16
CA SER D 111 0.98 -7.28 -28.25
C SER D 111 0.23 -8.58 -28.55
N PHE D 112 0.89 -9.48 -29.27
CA PHE D 112 0.31 -10.77 -29.61
C PHE D 112 0.16 -11.68 -28.38
N SER D 113 1.26 -11.86 -27.64
CA SER D 113 1.28 -12.78 -26.51
C SER D 113 0.37 -12.32 -25.36
N LEU D 114 0.21 -11.00 -25.20
CA LEU D 114 -0.66 -10.49 -24.16
C LEU D 114 -2.12 -10.63 -24.58
N THR D 115 -2.40 -10.39 -25.86
CA THR D 115 -3.75 -10.54 -26.38
C THR D 115 -4.18 -12.01 -26.39
N THR D 116 -3.24 -12.89 -26.74
CA THR D 116 -3.50 -14.33 -26.80
C THR D 116 -3.99 -14.91 -25.47
N LEU D 117 -3.34 -14.49 -24.38
CA LEU D 117 -3.69 -14.98 -23.05
C LEU D 117 -5.02 -14.39 -22.56
N ARG D 118 -5.29 -13.15 -22.94
CA ARG D 118 -6.55 -12.50 -22.60
C ARG D 118 -7.71 -13.15 -23.35
N ILE D 119 -7.49 -13.50 -24.61
CA ILE D 119 -8.50 -14.17 -25.41
C ILE D 119 -8.78 -15.56 -24.84
N ALA D 120 -7.72 -16.29 -24.54
CA ALA D 120 -7.82 -17.66 -24.03
C ALA D 120 -8.58 -17.75 -22.71
N GLU D 121 -8.29 -16.79 -21.82
CA GLU D 121 -8.91 -16.77 -20.51
C GLU D 121 -10.41 -16.54 -20.61
N ARG D 122 -10.82 -15.68 -21.54
CA ARG D 122 -12.23 -15.37 -21.76
C ARG D 122 -12.96 -16.55 -22.43
N VAL D 123 -12.28 -17.23 -23.35
CA VAL D 123 -12.87 -18.37 -24.04
C VAL D 123 -13.04 -19.57 -23.09
N GLU D 124 -11.99 -19.89 -22.33
CA GLU D 124 -12.03 -20.95 -21.33
C GLU D 124 -13.24 -20.84 -20.38
N GLU D 125 -13.53 -19.61 -19.96
CA GLU D 125 -14.66 -19.33 -19.08
C GLU D 125 -16.00 -19.60 -19.75
N LEU D 126 -16.15 -19.11 -20.97
CA LEU D 126 -17.39 -19.27 -21.72
C LEU D 126 -17.68 -20.74 -22.04
N MET D 127 -16.61 -21.52 -22.23
CA MET D 127 -16.74 -22.93 -22.59
C MET D 127 -17.00 -23.83 -21.38
N LYS D 128 -16.47 -23.44 -20.23
CA LYS D 128 -16.64 -24.22 -19.00
C LYS D 128 -18.00 -23.98 -18.35
N GLN D 129 -18.71 -22.94 -18.78
CA GLN D 129 -20.01 -22.61 -18.19
C GLN D 129 -21.12 -23.47 -18.79
N SER D 142 -25.26 -29.22 -26.23
CA SER D 142 -24.15 -28.29 -25.99
C SER D 142 -24.44 -26.90 -26.56
N THR D 143 -23.74 -25.90 -26.02
CA THR D 143 -23.89 -24.52 -26.46
C THR D 143 -22.64 -24.06 -27.22
N PRO D 144 -22.76 -23.85 -28.54
CA PRO D 144 -21.62 -23.44 -29.38
C PRO D 144 -21.26 -21.97 -29.21
N LEU D 145 -19.97 -21.66 -29.34
CA LEU D 145 -19.50 -20.28 -29.24
C LEU D 145 -19.14 -19.73 -30.62
N VAL D 146 -19.86 -18.67 -31.04
CA VAL D 146 -19.57 -18.02 -32.31
C VAL D 146 -18.68 -16.79 -32.11
N ILE D 147 -17.49 -16.85 -32.69
CA ILE D 147 -16.52 -15.76 -32.58
C ILE D 147 -16.33 -15.07 -33.93
N VAL D 148 -16.30 -13.73 -33.91
CA VAL D 148 -16.05 -12.93 -35.12
C VAL D 148 -14.82 -12.05 -34.92
N GLY D 149 -13.81 -12.22 -35.77
CA GLY D 149 -12.64 -11.37 -35.74
C GLY D 149 -12.87 -10.12 -36.58
N GLY D 150 -11.82 -9.31 -36.78
CA GLY D 150 -10.50 -9.58 -36.25
C GLY D 150 -9.70 -10.43 -37.22
N ASP D 151 -8.40 -10.17 -37.31
CA ASP D 151 -7.56 -11.00 -38.16
C ASP D 151 -7.28 -12.36 -37.51
N HIS D 152 -6.68 -13.27 -38.26
CA HIS D 152 -6.59 -14.68 -37.84
C HIS D 152 -5.63 -14.94 -36.68
N SER D 153 -4.81 -13.96 -36.30
CA SER D 153 -3.85 -14.14 -35.20
C SER D 153 -4.56 -14.40 -33.86
N MET D 154 -5.86 -14.12 -33.80
CA MET D 154 -6.68 -14.42 -32.62
C MET D 154 -6.77 -15.93 -32.35
N ALA D 155 -6.51 -16.74 -33.37
CA ALA D 155 -6.74 -18.18 -33.29
C ALA D 155 -5.84 -18.88 -32.28
N THR D 156 -4.66 -18.32 -32.02
CA THR D 156 -3.76 -18.89 -31.02
C THR D 156 -4.44 -18.85 -29.66
N GLY D 157 -5.15 -17.75 -29.40
CA GLY D 157 -5.84 -17.57 -28.13
C GLY D 157 -7.11 -18.39 -28.02
N THR D 158 -7.94 -18.37 -29.06
CA THR D 158 -9.21 -19.08 -29.04
C THR D 158 -9.03 -20.60 -28.91
N ILE D 159 -8.09 -21.17 -29.67
CA ILE D 159 -7.84 -22.60 -29.62
C ILE D 159 -7.26 -23.01 -28.26
N LEU D 160 -6.30 -22.23 -27.76
CA LEU D 160 -5.70 -22.50 -26.46
C LEU D 160 -6.75 -22.42 -25.34
N GLY D 161 -7.60 -21.41 -25.41
CA GLY D 161 -8.68 -21.25 -24.44
C GLY D 161 -9.72 -22.36 -24.54
N HIS D 162 -10.02 -22.76 -25.77
CA HIS D 162 -10.97 -23.85 -26.02
C HIS D 162 -10.41 -25.19 -25.52
N ALA D 163 -9.09 -25.37 -25.68
CA ALA D 163 -8.42 -26.61 -25.27
C ALA D 163 -8.44 -26.80 -23.75
N GLU D 164 -8.50 -25.71 -22.99
CA GLU D 164 -8.51 -25.82 -21.54
C GLU D 164 -9.82 -26.45 -21.06
N ALA D 165 -10.91 -26.12 -21.74
CA ALA D 165 -12.21 -26.70 -21.40
C ALA D 165 -12.38 -28.09 -22.03
N LYS D 166 -11.85 -28.24 -23.25
CA LYS D 166 -11.95 -29.48 -24.01
C LYS D 166 -10.62 -29.87 -24.66
N PRO D 167 -9.73 -30.55 -23.90
CA PRO D 167 -8.39 -30.93 -24.37
C PRO D 167 -8.41 -31.87 -25.58
N ASP D 168 -9.44 -32.70 -25.69
CA ASP D 168 -9.57 -33.63 -26.80
C ASP D 168 -10.41 -33.02 -27.92
N LEU D 169 -9.90 -31.97 -28.55
CA LEU D 169 -10.63 -31.32 -29.64
C LEU D 169 -9.87 -31.44 -30.96
N CYS D 170 -10.61 -31.37 -32.05
CA CYS D 170 -10.01 -31.32 -33.38
C CYS D 170 -10.19 -29.91 -33.97
N VAL D 171 -9.29 -29.55 -34.89
CA VAL D 171 -9.41 -28.28 -35.59
C VAL D 171 -9.60 -28.51 -37.08
N LEU D 172 -10.66 -27.93 -37.61
CA LEU D 172 -10.87 -27.79 -39.04
C LEU D 172 -10.53 -26.36 -39.46
N TRP D 173 -9.42 -26.20 -40.15
CA TRP D 173 -8.91 -24.91 -40.57
C TRP D 173 -9.30 -24.62 -42.03
N ILE D 174 -10.34 -23.82 -42.21
CA ILE D 174 -10.81 -23.47 -43.55
C ILE D 174 -10.12 -22.18 -43.98
N ASP D 175 -9.32 -22.25 -45.04
CA ASP D 175 -8.43 -21.14 -45.33
C ASP D 175 -7.75 -21.29 -46.68
N ALA D 176 -7.40 -20.16 -47.29
CA ALA D 176 -6.56 -20.18 -48.47
C ALA D 176 -5.08 -20.37 -48.09
N HIS D 177 -4.76 -20.10 -46.82
CA HIS D 177 -3.37 -20.09 -46.35
C HIS D 177 -3.14 -21.08 -45.20
N GLY D 178 -1.88 -21.44 -44.98
CA GLY D 178 -1.55 -22.38 -43.94
C GLY D 178 -1.64 -21.77 -42.55
N ASP D 179 -1.28 -20.49 -42.46
CA ASP D 179 -1.25 -19.76 -41.20
C ASP D 179 -0.37 -20.50 -40.17
N ILE D 180 0.69 -21.14 -40.66
CA ILE D 180 1.51 -22.00 -39.80
C ILE D 180 3.00 -21.75 -40.02
N ASN D 181 3.32 -20.56 -40.50
CA ASN D 181 4.71 -20.14 -40.64
C ASN D 181 5.40 -20.07 -39.29
N THR D 182 6.63 -20.60 -39.21
CA THR D 182 7.44 -20.47 -38.00
C THR D 182 8.18 -19.13 -38.05
N PRO D 183 8.22 -18.42 -36.90
CA PRO D 183 8.66 -17.02 -36.77
C PRO D 183 9.89 -16.62 -37.60
N LEU D 184 10.91 -17.47 -37.69
CA LEU D 184 12.11 -17.13 -38.46
C LEU D 184 11.95 -17.45 -39.94
N ASN D 185 10.93 -18.23 -40.29
CA ASN D 185 10.61 -18.54 -41.69
C ASN D 185 9.61 -17.55 -42.27
N SER D 186 8.99 -16.76 -41.40
CA SER D 186 8.00 -15.78 -41.83
C SER D 186 8.64 -14.64 -42.62
N ALA D 187 8.27 -14.49 -43.88
CA ALA D 187 8.83 -13.43 -44.71
C ALA D 187 8.18 -12.09 -44.43
N SER D 188 7.00 -12.10 -43.81
CA SER D 188 6.27 -10.88 -43.56
C SER D 188 6.38 -10.42 -42.11
N GLY D 189 6.55 -11.36 -41.19
CA GLY D 189 6.59 -11.04 -39.77
C GLY D 189 5.21 -10.77 -39.21
N ASN D 190 4.17 -10.94 -40.03
CA ASN D 190 2.79 -10.75 -39.58
C ASN D 190 2.29 -11.92 -38.74
N MET D 191 1.73 -11.60 -37.57
CA MET D 191 1.31 -12.64 -36.63
C MET D 191 0.11 -13.47 -37.13
N HIS D 192 -0.72 -12.90 -37.99
CA HIS D 192 -1.89 -13.61 -38.50
C HIS D 192 -1.50 -14.78 -39.42
N GLY D 193 -0.23 -14.80 -39.83
CA GLY D 193 0.30 -15.86 -40.66
C GLY D 193 1.00 -16.97 -39.87
N MET D 194 1.00 -16.86 -38.54
CA MET D 194 1.63 -17.90 -37.71
C MET D 194 0.80 -18.48 -36.54
N PRO D 195 -0.55 -18.31 -36.52
CA PRO D 195 -1.22 -18.65 -35.26
C PRO D 195 -1.11 -20.13 -34.84
N LEU D 196 -0.96 -21.04 -35.79
CA LEU D 196 -0.95 -22.46 -35.48
C LEU D 196 0.43 -22.99 -35.06
N SER D 197 1.50 -22.33 -35.51
CA SER D 197 2.86 -22.80 -35.21
C SER D 197 3.14 -22.80 -33.70
N PHE D 198 2.43 -21.95 -32.96
CA PHE D 198 2.60 -21.85 -31.52
C PHE D 198 1.75 -22.88 -30.79
N LEU D 199 0.80 -23.49 -31.50
CA LEU D 199 -0.13 -24.44 -30.89
C LEU D 199 0.27 -25.90 -31.15
N VAL D 200 0.96 -26.14 -32.26
CA VAL D 200 1.30 -27.50 -32.67
C VAL D 200 2.57 -28.01 -31.98
N LYS D 201 2.41 -29.03 -31.15
CA LYS D 201 3.49 -29.59 -30.33
C LYS D 201 4.70 -30.00 -31.17
N GLU D 202 4.44 -30.63 -32.31
CA GLU D 202 5.49 -31.14 -33.19
C GLU D 202 6.31 -30.03 -33.85
N LEU D 203 5.89 -28.79 -33.68
CA LEU D 203 6.51 -27.65 -34.33
C LEU D 203 7.29 -26.78 -33.35
N GLN D 204 7.51 -27.29 -32.15
CA GLN D 204 8.06 -26.50 -31.04
C GLN D 204 9.58 -26.44 -30.99
N ASP D 205 10.25 -27.17 -31.87
CA ASP D 205 11.70 -27.06 -32.00
C ASP D 205 12.04 -26.00 -33.03
N GLN D 206 11.01 -25.43 -33.64
CA GLN D 206 11.17 -24.38 -34.64
C GLN D 206 10.64 -23.05 -34.10
N ILE D 207 10.10 -23.08 -32.89
CA ILE D 207 9.60 -21.86 -32.25
C ILE D 207 10.64 -21.27 -31.30
N PRO D 208 11.01 -20.00 -31.53
CA PRO D 208 11.99 -19.30 -30.68
C PRO D 208 11.45 -19.00 -29.28
N TRP D 209 12.25 -19.27 -28.26
CA TRP D 209 11.83 -18.99 -26.90
C TRP D 209 11.82 -17.50 -26.57
N LEU D 210 10.69 -17.03 -26.07
CA LEU D 210 10.56 -15.69 -25.51
C LEU D 210 9.86 -15.82 -24.17
N ASP D 211 10.30 -15.03 -23.19
CA ASP D 211 9.77 -15.13 -21.83
C ASP D 211 8.28 -14.83 -21.76
N ASP D 212 7.82 -13.91 -22.59
CA ASP D 212 6.41 -13.53 -22.62
C ASP D 212 5.55 -14.54 -23.41
N PHE D 213 6.22 -15.50 -24.05
CA PHE D 213 5.53 -16.54 -24.82
C PHE D 213 5.43 -17.86 -24.06
N GLU D 214 5.82 -17.85 -22.79
CA GLU D 214 5.79 -19.05 -21.97
C GLU D 214 4.34 -19.47 -21.66
N GLY D 215 3.46 -18.49 -21.48
CA GLY D 215 2.07 -18.76 -21.17
C GLY D 215 1.27 -19.44 -22.28
N ILE D 216 1.81 -19.41 -23.50
CA ILE D 216 1.17 -20.07 -24.64
C ILE D 216 1.72 -21.48 -24.78
N LYS D 217 1.01 -22.44 -24.18
CA LYS D 217 1.44 -23.85 -24.23
C LYS D 217 0.71 -24.59 -25.35
N PRO D 218 1.48 -25.34 -26.16
CA PRO D 218 0.92 -26.12 -27.27
C PRO D 218 -0.09 -27.15 -26.79
N CYS D 219 -1.22 -27.23 -27.47
CA CYS D 219 -2.31 -28.11 -27.06
C CYS D 219 -2.76 -29.01 -28.19
N LEU D 220 -2.28 -28.73 -29.40
CA LEU D 220 -2.70 -29.46 -30.57
C LEU D 220 -1.62 -30.40 -31.08
N ASN D 221 -1.99 -31.65 -31.32
CA ASN D 221 -1.13 -32.56 -32.08
C ASN D 221 -1.37 -32.35 -33.58
N ALA D 222 -0.37 -32.68 -34.40
CA ALA D 222 -0.47 -32.53 -35.85
C ALA D 222 -1.66 -33.31 -36.42
N SER D 223 -2.02 -34.39 -35.73
CA SER D 223 -3.11 -35.28 -36.14
C SER D 223 -4.48 -34.75 -35.74
N ASN D 224 -4.53 -33.61 -35.05
CA ASN D 224 -5.81 -33.03 -34.66
C ASN D 224 -6.29 -31.93 -35.63
N ILE D 225 -5.47 -31.63 -36.63
CA ILE D 225 -5.76 -30.53 -37.56
C ILE D 225 -6.03 -31.00 -38.99
N ALA D 226 -7.08 -30.46 -39.61
CA ALA D 226 -7.30 -30.66 -41.05
C ALA D 226 -7.56 -29.33 -41.78
N TYR D 227 -6.84 -29.13 -42.87
CA TYR D 227 -7.03 -27.97 -43.75
C TYR D 227 -7.99 -28.24 -44.90
N ILE D 228 -8.85 -27.26 -45.20
CA ILE D 228 -9.62 -27.27 -46.45
C ILE D 228 -9.53 -25.93 -47.15
N GLY D 229 -9.16 -25.95 -48.44
CA GLY D 229 -9.21 -24.77 -49.29
C GLY D 229 -7.88 -24.10 -49.61
N LEU D 230 -6.78 -24.73 -49.20
CA LEU D 230 -5.44 -24.17 -49.42
C LEU D 230 -5.13 -23.93 -50.91
N ARG D 231 -4.48 -22.81 -51.20
CA ARG D 231 -4.07 -22.47 -52.57
C ARG D 231 -2.94 -21.42 -52.61
N ASP D 232 -2.39 -21.06 -51.45
CA ASP D 232 -1.30 -20.09 -51.35
C ASP D 232 -0.38 -20.44 -50.16
N LEU D 233 0.32 -21.57 -50.27
CA LEU D 233 1.22 -22.02 -49.19
C LEU D 233 2.66 -21.55 -49.40
N ASP D 234 3.29 -21.08 -48.33
CA ASP D 234 4.72 -20.83 -48.35
C ASP D 234 5.44 -22.19 -48.44
N ALA D 235 6.62 -22.20 -49.07
CA ALA D 235 7.36 -23.44 -49.25
C ALA D 235 7.66 -24.15 -47.93
N HIS D 236 7.92 -23.37 -46.87
CA HIS D 236 8.27 -23.96 -45.59
C HIS D 236 7.04 -24.47 -44.84
N GLU D 237 5.88 -23.90 -45.14
CA GLU D 237 4.64 -24.43 -44.59
C GLU D 237 4.35 -25.81 -45.18
N THR D 238 4.53 -25.93 -46.49
CA THR D 238 4.30 -27.19 -47.20
C THR D 238 5.20 -28.30 -46.65
N HIS D 239 6.46 -27.96 -46.38
CA HIS D 239 7.41 -28.89 -45.77
C HIS D 239 6.91 -29.43 -44.44
N ASP D 240 6.66 -28.51 -43.49
CA ASP D 240 6.20 -28.87 -42.14
C ASP D 240 4.90 -29.68 -42.14
N ILE D 241 3.94 -29.23 -42.94
CA ILE D 241 2.63 -29.88 -43.04
C ILE D 241 2.78 -31.32 -43.55
N ARG D 242 3.64 -31.53 -44.55
CA ARG D 242 3.89 -32.87 -45.06
C ARG D 242 4.73 -33.72 -44.09
N LYS D 243 5.75 -33.11 -43.49
CA LYS D 243 6.67 -33.81 -42.59
C LYS D 243 5.96 -34.39 -41.36
N HIS D 244 5.00 -33.63 -40.83
CA HIS D 244 4.34 -34.03 -39.60
C HIS D 244 2.99 -34.70 -39.84
N GLY D 245 2.61 -34.81 -41.11
CA GLY D 245 1.42 -35.56 -41.50
C GLY D 245 0.10 -34.89 -41.17
N ILE D 246 0.03 -33.58 -41.36
CA ILE D 246 -1.23 -32.86 -41.12
C ILE D 246 -2.15 -33.07 -42.32
N ALA D 247 -3.38 -33.48 -42.07
CA ALA D 247 -4.35 -33.71 -43.15
C ALA D 247 -4.69 -32.38 -43.84
N TYR D 248 -4.51 -32.32 -45.15
CA TYR D 248 -4.83 -31.08 -45.88
C TYR D 248 -5.45 -31.32 -47.24
N PHE D 249 -6.48 -30.54 -47.53
CA PHE D 249 -7.17 -30.63 -48.82
C PHE D 249 -7.15 -29.27 -49.50
N THR D 250 -6.37 -29.18 -50.57
CA THR D 250 -6.23 -27.95 -51.32
C THR D 250 -7.36 -27.79 -52.33
N MET D 251 -7.38 -26.65 -53.01
CA MET D 251 -8.35 -26.40 -54.06
C MET D 251 -8.14 -27.36 -55.23
N LEU D 252 -6.92 -27.85 -55.41
CA LEU D 252 -6.65 -28.94 -56.36
C LEU D 252 -7.48 -30.17 -55.95
N ASP D 253 -7.42 -30.49 -54.66
CA ASP D 253 -8.16 -31.62 -54.11
C ASP D 253 -9.67 -31.41 -54.21
N VAL D 254 -10.14 -30.20 -53.89
CA VAL D 254 -11.57 -29.88 -54.01
C VAL D 254 -12.04 -30.01 -55.47
N ASP D 255 -11.17 -29.60 -56.40
CA ASP D 255 -11.45 -29.77 -57.83
C ASP D 255 -11.51 -31.26 -58.22
N ARG D 256 -10.57 -32.07 -57.73
CA ARG D 256 -10.46 -33.45 -58.17
C ARG D 256 -11.45 -34.36 -57.44
N MET D 257 -11.58 -34.17 -56.14
CA MET D 257 -12.45 -35.01 -55.31
C MET D 257 -13.90 -34.53 -55.22
N GLY D 258 -14.12 -33.22 -55.36
CA GLY D 258 -15.42 -32.63 -55.06
C GLY D 258 -15.51 -32.30 -53.58
N ILE D 259 -16.32 -31.31 -53.20
CA ILE D 259 -16.30 -30.81 -51.83
C ILE D 259 -16.94 -31.82 -50.85
N GLU D 260 -17.97 -32.55 -51.31
CA GLU D 260 -18.56 -33.64 -50.51
C GLU D 260 -17.50 -34.65 -50.02
N ALA D 261 -16.70 -35.17 -50.94
CA ALA D 261 -15.67 -36.15 -50.57
C ALA D 261 -14.64 -35.50 -49.65
N VAL D 262 -14.22 -34.28 -49.98
CA VAL D 262 -13.27 -33.56 -49.14
C VAL D 262 -13.78 -33.37 -47.71
N ILE D 263 -15.03 -32.97 -47.54
CA ILE D 263 -15.56 -32.81 -46.17
C ILE D 263 -15.52 -34.14 -45.41
N LYS D 264 -15.99 -35.21 -46.06
CA LYS D 264 -15.98 -36.54 -45.45
C LYS D 264 -14.57 -36.99 -45.05
N GLU D 265 -13.59 -36.77 -45.92
CA GLU D 265 -12.21 -37.20 -45.67
C GLU D 265 -11.56 -36.40 -44.55
N ALA D 266 -11.93 -35.12 -44.47
CA ALA D 266 -11.36 -34.22 -43.47
C ALA D 266 -11.91 -34.59 -42.09
N LEU D 267 -13.20 -34.88 -42.03
CA LEU D 267 -13.85 -35.33 -40.80
C LEU D 267 -13.35 -36.72 -40.39
N LEU D 268 -13.05 -37.56 -41.38
CA LEU D 268 -12.47 -38.88 -41.13
C LEU D 268 -11.10 -38.78 -40.47
N ALA D 269 -10.23 -37.95 -41.06
CA ALA D 269 -8.85 -37.81 -40.60
C ALA D 269 -8.74 -37.34 -39.14
N VAL D 270 -9.59 -36.39 -38.72
CA VAL D 270 -9.43 -35.80 -37.38
C VAL D 270 -10.56 -36.11 -36.39
N ASN D 271 -11.67 -36.67 -36.87
CA ASN D 271 -12.81 -36.93 -35.98
C ASN D 271 -13.62 -38.15 -36.46
N PRO D 272 -12.97 -39.32 -36.55
CA PRO D 272 -13.46 -40.53 -37.26
C PRO D 272 -14.87 -40.99 -36.86
N ARG D 273 -15.17 -40.91 -35.55
CA ARG D 273 -16.44 -41.40 -35.03
C ARG D 273 -17.25 -40.30 -34.34
N LEU D 274 -17.04 -39.04 -34.75
CA LEU D 274 -17.72 -37.89 -34.14
C LEU D 274 -17.61 -37.88 -32.61
N GLU D 275 -16.44 -38.24 -32.09
CA GLU D 275 -16.22 -38.31 -30.64
C GLU D 275 -15.72 -36.99 -30.06
N LYS D 276 -14.97 -36.24 -30.87
CA LYS D 276 -14.28 -35.03 -30.39
C LYS D 276 -15.05 -33.75 -30.68
N ALA D 277 -14.91 -32.77 -29.78
CA ALA D 277 -15.41 -31.42 -30.01
C ALA D 277 -14.71 -30.82 -31.24
N ILE D 278 -15.42 -30.01 -32.00
CA ILE D 278 -14.83 -29.42 -33.20
C ILE D 278 -14.61 -27.92 -33.05
N HIS D 279 -13.37 -27.51 -33.28
CA HIS D 279 -13.04 -26.10 -33.45
C HIS D 279 -12.97 -25.76 -34.93
N LEU D 280 -13.98 -25.06 -35.43
CA LEU D 280 -14.03 -24.69 -36.85
C LEU D 280 -13.51 -23.27 -37.07
N SER D 281 -12.31 -23.16 -37.62
CA SER D 281 -11.66 -21.87 -37.81
C SER D 281 -11.74 -21.43 -39.26
N PHE D 282 -12.73 -20.59 -39.56
CA PHE D 282 -13.05 -20.16 -40.92
C PHE D 282 -12.43 -18.81 -41.27
N ASP D 283 -11.35 -18.81 -42.07
CA ASP D 283 -10.84 -17.58 -42.66
C ASP D 283 -11.70 -17.22 -43.87
N ILE D 284 -12.32 -16.04 -43.84
CA ILE D 284 -13.21 -15.60 -44.92
C ILE D 284 -12.52 -15.62 -46.30
N ASP D 285 -11.20 -15.48 -46.35
CA ASP D 285 -10.50 -15.47 -47.64
C ASP D 285 -10.35 -16.88 -48.25
N ALA D 286 -10.81 -17.90 -47.53
CA ALA D 286 -11.01 -19.22 -48.12
C ALA D 286 -12.04 -19.13 -49.25
N LEU D 287 -13.07 -18.31 -49.07
CA LEU D 287 -14.07 -18.09 -50.12
C LEU D 287 -13.44 -17.36 -51.31
N ASP D 288 -13.99 -17.56 -52.50
CA ASP D 288 -13.51 -16.84 -53.68
C ASP D 288 -13.72 -15.33 -53.55
N PRO D 289 -12.72 -14.54 -53.98
CA PRO D 289 -12.80 -13.07 -53.94
C PRO D 289 -14.08 -12.49 -54.57
N LEU D 290 -14.72 -13.23 -55.47
CA LEU D 290 -15.99 -12.79 -56.09
C LEU D 290 -17.17 -12.74 -55.11
N VAL D 291 -17.09 -13.51 -54.01
CA VAL D 291 -18.17 -13.50 -53.03
C VAL D 291 -17.74 -12.93 -51.67
N ALA D 292 -16.43 -12.87 -51.43
CA ALA D 292 -15.91 -12.21 -50.22
C ALA D 292 -14.71 -11.30 -50.53
N PRO D 293 -14.95 -10.20 -51.25
CA PRO D 293 -13.87 -9.29 -51.71
C PRO D 293 -13.14 -8.55 -50.58
N SER D 294 -13.83 -8.25 -49.48
CA SER D 294 -13.29 -7.37 -48.43
C SER D 294 -12.44 -8.10 -47.38
N THR D 295 -11.24 -8.48 -47.78
CA THR D 295 -10.34 -9.22 -46.90
C THR D 295 -8.89 -8.93 -47.29
N GLY D 296 -8.00 -8.98 -46.30
CA GLY D 296 -6.63 -8.53 -46.45
C GLY D 296 -5.78 -9.22 -47.51
N THR D 297 -5.89 -10.55 -47.57
CA THR D 297 -5.09 -11.34 -48.51
C THR D 297 -5.97 -12.24 -49.38
N ALA D 298 -6.64 -11.61 -50.35
CA ALA D 298 -7.53 -12.33 -51.27
C ALA D 298 -6.74 -13.09 -52.33
N VAL D 299 -7.11 -14.36 -52.51
CA VAL D 299 -6.48 -15.23 -53.52
C VAL D 299 -7.55 -15.79 -54.45
N PRO D 300 -7.37 -15.59 -55.76
CA PRO D 300 -8.36 -16.04 -56.74
C PRO D 300 -8.54 -17.58 -56.75
N GLY D 301 -9.65 -18.03 -57.35
CA GLY D 301 -9.91 -19.45 -57.51
C GLY D 301 -10.20 -20.19 -56.22
N GLY D 302 -11.03 -19.60 -55.37
CA GLY D 302 -11.38 -20.21 -54.10
C GLY D 302 -12.74 -20.89 -54.04
N LEU D 303 -13.12 -21.29 -52.84
CA LEU D 303 -14.42 -21.93 -52.59
C LEU D 303 -15.58 -21.06 -53.06
N THR D 304 -16.56 -21.66 -53.73
CA THR D 304 -17.81 -20.95 -53.96
C THR D 304 -18.52 -20.78 -52.63
N LEU D 305 -19.52 -19.90 -52.58
CA LEU D 305 -20.35 -19.78 -51.39
C LEU D 305 -21.00 -21.14 -51.05
N ARG D 306 -21.46 -21.83 -52.09
CA ARG D 306 -22.14 -23.10 -51.92
C ARG D 306 -21.19 -24.14 -51.28
N GLU D 307 -19.95 -24.18 -51.77
CA GLU D 307 -18.95 -25.08 -51.19
C GLU D 307 -18.68 -24.71 -49.73
N GLY D 308 -18.61 -23.41 -49.46
CA GLY D 308 -18.42 -22.93 -48.10
C GLY D 308 -19.55 -23.37 -47.19
N LEU D 309 -20.78 -23.28 -47.70
CA LEU D 309 -21.97 -23.66 -46.93
C LEU D 309 -22.01 -25.16 -46.62
N ARG D 310 -21.60 -25.98 -47.59
CA ARG D 310 -21.60 -27.43 -47.41
C ARG D 310 -20.70 -27.81 -46.23
N ILE D 311 -19.52 -27.22 -46.17
CA ILE D 311 -18.60 -27.42 -45.03
C ILE D 311 -19.28 -27.13 -43.70
N CYS D 312 -19.93 -25.98 -43.60
CA CYS D 312 -20.56 -25.57 -42.34
C CYS D 312 -21.80 -26.41 -42.03
N GLU D 313 -22.59 -26.75 -43.05
CA GLU D 313 -23.78 -27.59 -42.84
C GLU D 313 -23.37 -28.96 -42.28
N GLU D 314 -22.34 -29.56 -42.89
CA GLU D 314 -21.85 -30.87 -42.46
C GLU D 314 -21.25 -30.84 -41.05
N VAL D 315 -20.34 -29.90 -40.82
CA VAL D 315 -19.75 -29.73 -39.48
C VAL D 315 -20.84 -29.45 -38.42
N SER D 316 -21.83 -28.64 -38.76
CA SER D 316 -22.97 -28.41 -37.86
C SER D 316 -23.72 -29.71 -37.56
N ALA D 317 -24.07 -30.46 -38.60
CA ALA D 317 -24.91 -31.65 -38.48
C ALA D 317 -24.28 -32.79 -37.67
N THR D 318 -22.97 -32.74 -37.46
CA THR D 318 -22.30 -33.71 -36.59
C THR D 318 -22.75 -33.59 -35.13
N GLY D 319 -23.32 -32.45 -34.77
CA GLY D 319 -23.70 -32.18 -33.39
C GLY D 319 -22.53 -31.87 -32.46
N LYS D 320 -21.33 -31.76 -33.01
CA LYS D 320 -20.10 -31.58 -32.24
C LYS D 320 -19.42 -30.21 -32.42
N LEU D 321 -20.10 -29.27 -33.10
CA LEU D 321 -19.59 -27.90 -33.23
C LEU D 321 -19.53 -27.25 -31.86
N SER D 322 -18.31 -27.01 -31.38
CA SER D 322 -18.10 -26.43 -30.06
C SER D 322 -17.73 -24.94 -30.15
N VAL D 323 -16.82 -24.62 -31.08
CA VAL D 323 -16.45 -23.23 -31.35
C VAL D 323 -16.29 -23.00 -32.86
N VAL D 324 -16.97 -21.97 -33.38
CA VAL D 324 -16.72 -21.51 -34.75
C VAL D 324 -16.21 -20.06 -34.72
N GLU D 325 -15.08 -19.81 -35.38
CA GLU D 325 -14.57 -18.44 -35.49
C GLU D 325 -14.48 -18.03 -36.96
N LEU D 326 -14.89 -16.79 -37.25
CA LEU D 326 -14.78 -16.26 -38.61
C LEU D 326 -13.76 -15.13 -38.64
N ALA D 327 -12.66 -15.34 -39.35
CA ALA D 327 -11.55 -14.40 -39.33
C ALA D 327 -11.39 -13.58 -40.62
N GLU D 328 -10.71 -12.45 -40.48
CA GLU D 328 -10.21 -11.62 -41.58
C GLU D 328 -11.29 -10.86 -42.35
N LEU D 329 -12.38 -10.52 -41.68
CA LEU D 329 -13.30 -9.53 -42.21
C LEU D 329 -12.66 -8.14 -42.10
N ASN D 330 -12.55 -7.43 -43.23
CA ASN D 330 -12.06 -6.06 -43.22
C ASN D 330 -12.99 -5.16 -44.02
N PRO D 331 -13.92 -4.48 -43.33
CA PRO D 331 -14.93 -3.57 -43.92
C PRO D 331 -14.34 -2.30 -44.55
N LEU D 332 -13.08 -2.01 -44.27
CA LEU D 332 -12.41 -0.84 -44.84
C LEU D 332 -11.66 -1.19 -46.13
N LEU D 333 -12.03 -2.32 -46.73
CA LEU D 333 -11.44 -2.74 -48.01
C LEU D 333 -12.51 -2.89 -49.09
N GLY D 334 -12.16 -2.53 -50.32
CA GLY D 334 -13.09 -2.65 -51.44
C GLY D 334 -14.23 -1.65 -51.40
N SER D 335 -15.13 -1.75 -52.36
CA SER D 335 -16.24 -0.81 -52.51
C SER D 335 -17.39 -1.07 -51.54
N GLN D 336 -18.40 -0.22 -51.61
CA GLN D 336 -19.62 -0.37 -50.84
C GLN D 336 -20.29 -1.71 -51.13
N GLU D 337 -20.27 -2.12 -52.40
CA GLU D 337 -20.89 -3.38 -52.80
C GLU D 337 -20.06 -4.58 -52.35
N ASP D 338 -18.73 -4.43 -52.39
CA ASP D 338 -17.81 -5.48 -51.94
C ASP D 338 -18.02 -5.80 -50.46
N VAL D 339 -18.25 -4.78 -49.64
CA VAL D 339 -18.51 -4.96 -48.21
C VAL D 339 -19.84 -5.69 -47.98
N LEU D 340 -20.88 -5.28 -48.71
CA LEU D 340 -22.17 -5.95 -48.61
C LEU D 340 -22.08 -7.43 -48.99
N LYS D 341 -21.36 -7.72 -50.08
CA LYS D 341 -21.10 -9.09 -50.50
C LYS D 341 -20.39 -9.89 -49.42
N THR D 342 -19.27 -9.36 -48.92
CA THR D 342 -18.49 -10.00 -47.87
C THR D 342 -19.32 -10.21 -46.60
N GLN D 343 -20.16 -9.23 -46.28
CA GLN D 343 -21.05 -9.32 -45.13
C GLN D 343 -22.13 -10.38 -45.36
N SER D 344 -22.70 -10.38 -46.57
CA SER D 344 -23.70 -11.38 -46.95
C SER D 344 -23.12 -12.79 -46.80
N SER D 345 -21.95 -13.00 -47.39
CA SER D 345 -21.27 -14.30 -47.33
C SER D 345 -21.02 -14.75 -45.88
N ALA D 346 -20.58 -13.83 -45.04
CA ALA D 346 -20.31 -14.12 -43.64
C ALA D 346 -21.58 -14.53 -42.88
N VAL D 347 -22.68 -13.86 -43.17
CA VAL D 347 -23.92 -14.14 -42.46
C VAL D 347 -24.46 -15.52 -42.86
N HIS D 348 -24.46 -15.82 -44.15
CA HIS D 348 -24.93 -17.11 -44.64
C HIS D 348 -24.10 -18.27 -44.07
N ILE D 349 -22.78 -18.11 -44.13
CA ILE D 349 -21.84 -19.07 -43.52
C ILE D 349 -22.14 -19.31 -42.04
N LEU D 350 -22.27 -18.25 -41.24
CA LEU D 350 -22.45 -18.40 -39.80
C LEU D 350 -23.81 -19.00 -39.43
N ARG D 351 -24.86 -18.65 -40.18
CA ARG D 351 -26.18 -19.26 -40.00
C ARG D 351 -26.13 -20.78 -40.23
N ALA D 352 -25.44 -21.18 -41.30
CA ALA D 352 -25.28 -22.60 -41.61
C ALA D 352 -24.57 -23.33 -40.49
N CYS D 353 -23.59 -22.67 -39.87
CA CYS D 353 -22.87 -23.26 -38.75
C CYS D 353 -23.80 -23.58 -37.58
N LEU D 354 -24.80 -22.73 -37.34
CA LEU D 354 -25.66 -22.93 -36.17
C LEU D 354 -26.84 -23.85 -36.50
N GLY D 355 -26.97 -24.20 -37.78
CA GLY D 355 -27.91 -25.23 -38.19
C GLY D 355 -28.95 -24.81 -39.22
N HIS D 356 -28.74 -23.66 -39.85
CA HIS D 356 -29.69 -23.22 -40.85
C HIS D 356 -29.66 -24.17 -42.05
N CYS D 357 -30.85 -24.60 -42.46
CA CYS D 357 -31.02 -25.56 -43.55
C CYS D 357 -31.60 -24.88 -44.79
N ARG D 358 -30.88 -24.97 -45.91
CA ARG D 358 -31.34 -24.42 -47.17
C ARG D 358 -32.56 -25.17 -47.72
N SER D 359 -32.79 -26.39 -47.22
CA SER D 359 -33.93 -27.20 -47.62
C SER D 359 -35.18 -26.89 -46.79
N GLY D 360 -35.11 -25.81 -46.02
CA GLY D 360 -36.26 -25.31 -45.27
C GLY D 360 -36.40 -25.86 -43.86
N HIS D 361 -37.24 -25.18 -43.08
CA HIS D 361 -37.53 -25.58 -41.70
C HIS D 361 -39.02 -25.70 -41.51
N LEU D 362 -39.45 -26.45 -40.50
CA LEU D 362 -40.87 -26.60 -40.18
C LEU D 362 -41.33 -25.49 -39.22
N PRO D 363 -42.62 -25.11 -39.29
CA PRO D 363 -43.16 -24.12 -38.36
C PRO D 363 -43.23 -24.66 -36.93
N PHE D 364 -43.07 -23.78 -35.94
CA PHE D 364 -43.18 -24.19 -34.54
C PHE D 364 -44.62 -24.59 -34.24
N LYS D 365 -45.56 -23.74 -34.62
CA LYS D 365 -46.97 -24.08 -34.54
C LYS D 365 -47.64 -23.82 -35.89
N VAL D 366 -48.18 -24.87 -36.49
CA VAL D 366 -48.73 -24.79 -37.83
C VAL D 366 -50.02 -23.96 -37.85
N ARG D 367 -49.99 -22.85 -38.56
CA ARG D 367 -51.13 -21.95 -38.61
C ARG D 367 -52.21 -22.47 -39.55
N ASN D 368 -53.37 -22.79 -39.00
CA ASN D 368 -54.49 -23.27 -39.79
C ASN D 368 -55.39 -22.12 -40.22
N LEU D 369 -55.96 -22.24 -41.42
CA LEU D 369 -56.87 -21.23 -41.94
C LEU D 369 -58.13 -21.13 -41.08
N THR D 370 -58.60 -22.28 -40.59
CA THR D 370 -59.82 -22.33 -39.78
C THR D 370 -59.52 -22.17 -38.28
N ASP D 371 -58.24 -22.01 -37.93
CA ASP D 371 -57.85 -21.66 -36.56
C ASP D 371 -58.49 -20.32 -36.19
N GLN D 372 -58.49 -19.41 -37.15
CA GLN D 372 -59.14 -18.11 -37.00
C GLN D 372 -60.61 -18.20 -37.34
N GLY D 373 -61.03 -19.37 -37.82
CA GLY D 373 -62.42 -19.60 -38.20
C GLY D 373 -62.84 -18.75 -39.39
N ILE D 374 -62.01 -18.71 -40.42
CA ILE D 374 -62.32 -17.97 -41.63
C ILE D 374 -62.89 -18.89 -42.69
N MET D 375 -63.83 -18.39 -43.50
CA MET D 375 -64.40 -19.19 -44.57
C MET D 375 -63.41 -19.31 -45.73
N SER D 376 -63.08 -20.55 -46.09
CA SER D 376 -62.16 -20.81 -47.19
C SER D 376 -62.93 -21.05 -48.49
N ARG D 377 -62.19 -21.26 -49.58
CA ARG D 377 -62.78 -21.67 -50.84
C ARG D 377 -63.26 -23.12 -50.78
N ALA D 378 -62.55 -23.95 -50.00
CA ALA D 378 -62.92 -25.33 -49.79
C ALA D 378 -64.25 -25.44 -49.03
N ALA D 379 -64.61 -24.37 -48.34
CA ALA D 379 -65.89 -24.30 -47.66
C ALA D 379 -66.82 -23.32 -48.35
N HIS D 380 -67.09 -23.56 -49.63
CA HIS D 380 -67.94 -22.66 -50.42
C HIS D 380 -68.46 -23.35 -51.67
#